data_5GQ9
#
_entry.id   5GQ9
#
_cell.length_a   111.831
_cell.length_b   116.503
_cell.length_c   161.024
_cell.angle_alpha   90.00
_cell.angle_beta   90.00
_cell.angle_gamma   90.00
#
_symmetry.space_group_name_H-M   'P 21 21 21'
#
loop_
_entity.id
_entity.type
_entity.pdbx_description
1 polymer 'Thermus thermophilus Argonaute'
2 polymer "DNA (5'-D(P*CP*GP*AP*GP*GP*TP*AP*GP*TP*AP*GP*GP*TP*TP*GP*T)-3')"
3 polymer "DNA (5'-D(P*AP*CP*AP*AP*CP*CP*TP*AP*CP*TP*AP*CP*CP*TP*CP*G)-3')"
4 non-polymer 'MAGNESIUM ION'
#
loop_
_entity_poly.entity_id
_entity_poly.type
_entity_poly.pdbx_seq_one_letter_code
_entity_poly.pdbx_strand_id
1 'polypeptide(L)'
;MNHLGKTEVFLNRFALRPLNPEELRPWRLEVVLDPPPGREEVYPLLAQVARRAGGVTVRMGDGLASWSPPEVLVLEGTLA
RMGQTYAYRLYPKGRRPLDPKDPGERSVLSALARRLLQERLRRLEGVWVEGLAVYRREHARGPGWRVLGGAVLDLWVSDS
GAFLLEVDPAYRILCEMSLEAWLAQGHPLPKRVRNAYDRRTWELLRLGEEDPKELPLPGGLSLLDYHASKGRLQGREGGR
VAWVADPKDPRKPIPHLTGLLVPVLTLEDLHEEEGSLALSLPWEERRRRTREIASWIGRRLGLGTPEAVRAQAYRLSIPK
LMGRRAVSKPADALRVGFYRAQETALALLRLDGAQGWPEFLRRALLRAFGASGASLRLHTLHAHPSQGLAFREALRKAKE
EGVQAVLVLTPPMAWEDRNRLKALLLREGLPSQILNVPLREEERHRWENALLGLLAKAGLQVVALSGAYPAELAVGFDAG
GRESFRFGGAACAVGGDGGHLLWTLPEAQAGERIPQEVVWDLLEETLWAFRRKAGRLPSRVLLLRDGRVPQDEFALALEA
LAREGIAYDLVSVRKSGGGRVYPVQGRLADGLYVPLEDKTFLLLTVHRDFRGTPRPLKLVHEAGDTPLEALAHQIFHLTR
LYPASGFAFPRLPAPLHLADRLVKEVGRLGIRHLKEVDREKLFFV
;
A,B
2 'polydeoxyribonucleotide'
;(DC)(DG)(DA)(DG)(DG)(DT)(DA)(DG)(DT)(DA)(DG)(DG)(DT)(DT)(DG)(DT)(DA)(DT)(DA)(DG)
(DT)
;
C,E
3 'polydeoxyribonucleotide' (DA)(DC)(DA)(DA)(DC)(DC)(DT)(DA)(DC)(DT)(DA)(DC)(DC)(DT)(DC)(DG) D,F
#
loop_
_chem_comp.id
_chem_comp.type
_chem_comp.name
_chem_comp.formula
DA DNA linking 2'-DEOXYADENOSINE-5'-MONOPHOSPHATE 'C10 H14 N5 O6 P'
DC DNA linking 2'-DEOXYCYTIDINE-5'-MONOPHOSPHATE 'C9 H14 N3 O7 P'
DG DNA linking 2'-DEOXYGUANOSINE-5'-MONOPHOSPHATE 'C10 H14 N5 O7 P'
DT DNA linking THYMIDINE-5'-MONOPHOSPHATE 'C10 H15 N2 O8 P'
MG non-polymer 'MAGNESIUM ION' 'Mg 2'
#
# COMPACT_ATOMS: atom_id res chain seq x y z
N HIS A 3 7.62 26.58 -35.49
CA HIS A 3 8.69 27.56 -35.33
C HIS A 3 9.79 27.48 -36.41
N LEU A 4 10.33 26.28 -36.62
CA LEU A 4 11.44 26.04 -37.56
C LEU A 4 10.99 25.47 -38.91
N GLY A 5 9.69 25.53 -39.19
CA GLY A 5 9.16 24.90 -40.38
C GLY A 5 7.75 24.38 -40.19
N LYS A 6 6.81 24.97 -40.92
CA LYS A 6 5.45 24.48 -41.00
C LYS A 6 5.39 23.36 -42.04
N THR A 7 5.43 22.11 -41.59
CA THR A 7 5.32 20.98 -42.51
C THR A 7 3.96 20.27 -42.40
N GLU A 8 3.90 19.04 -42.92
CA GLU A 8 2.63 18.33 -43.07
C GLU A 8 2.83 16.82 -43.02
N VAL A 9 2.00 16.15 -42.22
CA VAL A 9 2.17 14.70 -41.98
C VAL A 9 0.89 13.88 -42.22
N PHE A 10 1.12 12.59 -42.46
CA PHE A 10 0.05 11.59 -42.43
C PHE A 10 -0.03 10.97 -41.04
N LEU A 11 -1.22 10.99 -40.44
CA LEU A 11 -1.52 10.11 -39.31
C LEU A 11 -1.72 8.67 -39.82
N ASN A 12 -1.74 7.69 -38.92
CA ASN A 12 -2.06 6.31 -39.28
C ASN A 12 -3.56 6.03 -39.15
N ARG A 13 -4.36 7.06 -39.45
CA ARG A 13 -5.80 6.96 -39.56
C ARG A 13 -6.15 7.09 -41.02
N PHE A 14 -7.37 6.72 -41.37
CA PHE A 14 -7.81 6.72 -42.76
C PHE A 14 -9.29 7.05 -42.80
N ALA A 15 -9.68 7.95 -43.69
CA ALA A 15 -11.09 8.23 -43.91
C ALA A 15 -11.73 7.11 -44.75
N LEU A 16 -12.86 6.59 -44.26
CA LEU A 16 -13.63 5.59 -44.98
C LEU A 16 -15.04 6.10 -45.20
N ARG A 17 -15.92 5.23 -45.69
CA ARG A 17 -17.24 5.64 -46.15
C ARG A 17 -18.03 6.43 -45.10
N PRO A 18 -18.93 7.32 -45.55
CA PRO A 18 -19.82 8.00 -44.61
C PRO A 18 -20.78 7.02 -44.00
N LEU A 19 -21.40 7.40 -42.89
CA LEU A 19 -22.41 6.56 -42.29
C LEU A 19 -23.66 6.62 -43.16
N ASN A 20 -24.25 5.46 -43.44
CA ASN A 20 -25.52 5.42 -44.17
C ASN A 20 -26.62 5.95 -43.24
N PRO A 21 -27.76 6.36 -43.81
CA PRO A 21 -28.73 7.07 -42.95
C PRO A 21 -29.36 6.17 -41.88
N GLU A 22 -29.28 4.85 -42.08
CA GLU A 22 -29.66 3.89 -41.05
C GLU A 22 -28.71 4.08 -39.86
N GLU A 23 -27.42 3.81 -40.08
CA GLU A 23 -26.37 3.94 -39.07
C GLU A 23 -26.42 5.22 -38.25
N LEU A 24 -26.96 6.27 -38.84
CA LEU A 24 -27.05 7.56 -38.16
C LEU A 24 -28.29 7.57 -37.28
N ARG A 25 -29.10 6.54 -37.41
CA ARG A 25 -30.32 6.39 -36.63
C ARG A 25 -30.40 5.05 -35.91
N PRO A 26 -29.53 4.82 -34.90
CA PRO A 26 -29.54 3.52 -34.19
C PRO A 26 -30.84 3.26 -33.41
N TRP A 27 -31.19 1.98 -33.30
CA TRP A 27 -32.31 1.54 -32.47
C TRP A 27 -31.93 1.71 -31.00
N ARG A 28 -32.95 1.93 -30.16
CA ARG A 28 -32.74 2.04 -28.73
C ARG A 28 -33.55 1.03 -27.95
N LEU A 29 -32.88 0.33 -27.04
CA LEU A 29 -33.57 -0.63 -26.23
C LEU A 29 -33.28 -0.27 -24.78
N GLU A 30 -34.29 -0.44 -23.94
CA GLU A 30 -34.14 -0.28 -22.50
C GLU A 30 -33.95 -1.64 -21.86
N VAL A 31 -33.12 -1.72 -20.83
CA VAL A 31 -32.71 -2.99 -20.25
C VAL A 31 -33.44 -3.30 -18.94
N VAL A 32 -34.13 -4.44 -18.88
CA VAL A 32 -34.80 -4.81 -17.63
C VAL A 32 -34.21 -6.07 -17.00
N LEU A 33 -33.76 -5.93 -15.76
CA LEU A 33 -33.02 -6.97 -15.06
C LEU A 33 -33.76 -7.53 -13.85
N ASP A 34 -33.65 -8.84 -13.66
CA ASP A 34 -34.20 -9.47 -12.48
C ASP A 34 -33.15 -10.42 -11.94
N PRO A 35 -32.65 -10.14 -10.72
CA PRO A 35 -33.01 -9.00 -9.89
C PRO A 35 -32.22 -7.77 -10.36
N PRO A 36 -32.66 -6.55 -10.00
CA PRO A 36 -31.91 -5.34 -10.40
C PRO A 36 -30.54 -5.36 -9.73
N PRO A 37 -29.52 -4.85 -10.43
CA PRO A 37 -28.15 -5.00 -9.92
C PRO A 37 -27.79 -3.91 -8.92
N GLY A 38 -26.85 -4.21 -8.03
CA GLY A 38 -26.34 -3.20 -7.12
C GLY A 38 -25.65 -2.09 -7.88
N ARG A 39 -25.60 -0.91 -7.29
CA ARG A 39 -25.03 0.27 -7.91
C ARG A 39 -23.57 0.09 -8.38
N GLU A 40 -22.90 -0.95 -7.88
CA GLU A 40 -21.52 -1.23 -8.33
C GLU A 40 -21.44 -2.28 -9.45
N GLU A 41 -22.55 -2.92 -9.78
CA GLU A 41 -22.53 -3.96 -10.80
C GLU A 41 -23.25 -3.53 -12.09
N VAL A 42 -23.78 -2.31 -12.10
CA VAL A 42 -24.47 -1.74 -13.25
C VAL A 42 -23.64 -1.81 -14.54
N TYR A 43 -22.62 -0.97 -14.64
CA TYR A 43 -21.78 -0.89 -15.84
C TYR A 43 -21.23 -2.23 -16.38
N PRO A 44 -20.70 -3.11 -15.51
CA PRO A 44 -20.25 -4.38 -16.09
C PRO A 44 -21.40 -5.26 -16.60
N LEU A 45 -22.61 -5.02 -16.10
CA LEU A 45 -23.77 -5.81 -16.48
C LEU A 45 -24.40 -5.29 -17.76
N LEU A 46 -24.53 -3.97 -17.87
CA LEU A 46 -25.04 -3.40 -19.10
C LEU A 46 -24.11 -3.77 -20.26
N ALA A 47 -22.81 -3.65 -20.02
CA ALA A 47 -21.81 -4.07 -21.01
C ALA A 47 -21.97 -5.53 -21.42
N GLN A 48 -22.44 -6.35 -20.49
CA GLN A 48 -22.63 -7.77 -20.75
C GLN A 48 -23.87 -7.99 -21.62
N VAL A 49 -25.01 -7.44 -21.20
CA VAL A 49 -26.25 -7.54 -21.97
C VAL A 49 -26.04 -7.03 -23.39
N ALA A 50 -25.31 -5.93 -23.51
CA ALA A 50 -24.97 -5.38 -24.81
C ALA A 50 -24.32 -6.44 -25.72
N ARG A 51 -23.57 -7.34 -25.12
CA ARG A 51 -22.81 -8.33 -25.86
C ARG A 51 -23.69 -9.56 -26.12
N ARG A 52 -24.37 -10.01 -25.07
CA ARG A 52 -25.31 -11.11 -25.15
C ARG A 52 -26.41 -10.91 -26.20
N ALA A 53 -26.92 -9.68 -26.29
CA ALA A 53 -27.94 -9.37 -27.29
C ALA A 53 -27.42 -9.66 -28.69
N GLY A 54 -26.11 -9.57 -28.86
CA GLY A 54 -25.46 -9.82 -30.12
C GLY A 54 -25.63 -8.64 -31.07
N GLY A 55 -25.47 -8.89 -32.36
CA GLY A 55 -25.61 -7.83 -33.34
C GLY A 55 -24.50 -6.83 -33.12
N VAL A 56 -24.77 -5.58 -33.50
CA VAL A 56 -23.85 -4.51 -33.18
C VAL A 56 -24.53 -3.61 -32.16
N THR A 57 -24.25 -3.90 -30.89
CA THR A 57 -24.94 -3.23 -29.81
C THR A 57 -23.94 -2.75 -28.76
N VAL A 58 -24.22 -1.56 -28.19
CA VAL A 58 -23.36 -0.97 -27.18
C VAL A 58 -24.22 -0.32 -26.10
N ARG A 59 -23.69 -0.25 -24.87
CA ARG A 59 -24.35 0.49 -23.82
C ARG A 59 -24.45 1.96 -24.25
N MET A 60 -25.63 2.53 -24.11
CA MET A 60 -25.81 3.94 -24.36
C MET A 60 -26.61 4.48 -23.19
N GLY A 61 -25.90 5.08 -22.23
CA GLY A 61 -26.51 5.59 -21.01
C GLY A 61 -26.94 4.47 -20.09
N ASP A 62 -28.22 4.52 -19.71
CA ASP A 62 -28.79 3.53 -18.80
C ASP A 62 -29.38 2.31 -19.55
N GLY A 63 -29.36 2.36 -20.88
CA GLY A 63 -29.83 1.28 -21.75
C GLY A 63 -28.93 1.00 -22.96
N LEU A 64 -29.52 0.54 -24.06
CA LEU A 64 -28.71 0.07 -25.19
C LEU A 64 -29.01 0.76 -26.52
N ALA A 65 -27.99 0.88 -27.35
CA ALA A 65 -28.20 1.36 -28.71
C ALA A 65 -27.69 0.30 -29.68
N SER A 66 -28.43 0.05 -30.75
CA SER A 66 -27.99 -0.96 -31.70
C SER A 66 -28.13 -0.58 -33.16
N TRP A 67 -27.16 -1.00 -33.96
CA TRP A 67 -27.28 -0.92 -35.40
C TRP A 67 -28.02 -2.12 -35.99
N SER A 68 -28.47 -3.04 -35.14
CA SER A 68 -29.25 -4.18 -35.58
C SER A 68 -30.68 -3.99 -35.12
N PRO A 69 -31.65 -4.22 -36.02
CA PRO A 69 -33.05 -4.15 -35.58
C PRO A 69 -33.28 -5.15 -34.46
N PRO A 70 -34.14 -4.79 -33.51
CA PRO A 70 -34.37 -5.60 -32.31
C PRO A 70 -34.82 -7.03 -32.61
N GLU A 71 -35.48 -7.25 -33.74
CA GLU A 71 -35.99 -8.59 -34.06
C GLU A 71 -34.89 -9.60 -34.38
N VAL A 72 -33.69 -9.13 -34.70
CA VAL A 72 -32.56 -10.04 -34.93
C VAL A 72 -31.57 -9.94 -33.80
N LEU A 73 -32.08 -9.66 -32.59
CA LEU A 73 -31.29 -9.61 -31.39
C LEU A 73 -31.84 -10.62 -30.40
N VAL A 74 -30.97 -11.08 -29.49
CA VAL A 74 -31.37 -11.94 -28.40
C VAL A 74 -31.96 -11.07 -27.28
N LEU A 75 -33.17 -10.55 -27.53
CA LEU A 75 -33.90 -9.71 -26.57
C LEU A 75 -34.23 -10.34 -25.20
N GLU A 76 -34.18 -11.65 -25.09
CA GLU A 76 -34.44 -12.27 -23.79
C GLU A 76 -33.39 -13.31 -23.54
N GLY A 77 -32.88 -13.37 -22.32
CA GLY A 77 -31.92 -14.39 -21.95
C GLY A 77 -31.50 -14.26 -20.50
N THR A 78 -30.47 -14.99 -20.10
CA THR A 78 -29.98 -14.88 -18.73
C THR A 78 -28.50 -14.56 -18.77
N LEU A 79 -27.93 -14.30 -17.60
CA LEU A 79 -26.65 -13.63 -17.50
C LEU A 79 -26.00 -14.06 -16.21
N ALA A 80 -24.76 -14.55 -16.30
CA ALA A 80 -24.02 -14.96 -15.10
C ALA A 80 -22.87 -14.01 -14.81
N ARG A 81 -22.85 -13.44 -13.61
CA ARG A 81 -21.72 -12.62 -13.15
C ARG A 81 -21.39 -12.85 -11.68
N MET A 82 -20.15 -13.25 -11.40
CA MET A 82 -19.70 -13.54 -10.03
C MET A 82 -20.62 -14.50 -9.27
N GLY A 83 -21.17 -15.48 -9.96
CA GLY A 83 -22.01 -16.47 -9.29
C GLY A 83 -23.50 -16.16 -9.30
N GLN A 84 -23.85 -14.89 -9.23
CA GLN A 84 -25.26 -14.51 -9.28
C GLN A 84 -25.81 -14.63 -10.70
N THR A 85 -27.09 -14.95 -10.80
CA THR A 85 -27.74 -15.12 -12.07
C THR A 85 -28.76 -14.01 -12.23
N TYR A 86 -28.67 -13.28 -13.35
CA TYR A 86 -29.65 -12.26 -13.66
C TYR A 86 -30.39 -12.62 -14.96
N ALA A 87 -31.70 -12.37 -14.98
CA ALA A 87 -32.51 -12.60 -16.16
C ALA A 87 -32.81 -11.28 -16.87
N TYR A 88 -32.38 -11.13 -18.11
CA TYR A 88 -32.61 -9.87 -18.82
C TYR A 88 -33.74 -9.93 -19.84
N ARG A 89 -34.31 -8.77 -20.11
CA ARG A 89 -35.23 -8.60 -21.23
C ARG A 89 -35.09 -7.17 -21.81
N LEU A 90 -35.01 -7.07 -23.14
CA LEU A 90 -34.79 -5.79 -23.80
C LEU A 90 -36.07 -5.29 -24.41
N TYR A 91 -36.34 -4.00 -24.25
CA TYR A 91 -37.55 -3.42 -24.77
C TYR A 91 -37.20 -2.34 -25.80
N PRO A 92 -37.63 -2.55 -27.05
CA PRO A 92 -37.27 -1.60 -28.10
C PRO A 92 -38.08 -0.31 -27.96
N LYS A 93 -37.41 0.82 -28.05
CA LYS A 93 -38.05 2.11 -27.83
C LYS A 93 -37.83 3.05 -29.03
N GLY A 94 -37.98 2.51 -30.23
CA GLY A 94 -37.83 3.31 -31.43
C GLY A 94 -36.39 3.68 -31.74
N ARG A 95 -36.20 4.62 -32.66
CA ARG A 95 -34.85 4.99 -33.08
C ARG A 95 -34.52 6.43 -32.76
N ARG A 96 -33.36 6.62 -32.13
CA ARG A 96 -32.83 7.95 -31.90
C ARG A 96 -31.77 8.23 -32.96
N PRO A 97 -31.95 9.30 -33.74
CA PRO A 97 -30.87 9.72 -34.64
C PRO A 97 -29.78 10.36 -33.79
N LEU A 98 -28.53 10.25 -34.23
CA LEU A 98 -27.44 10.86 -33.47
C LEU A 98 -26.64 11.80 -34.36
N ASP A 99 -26.39 13.01 -33.87
CA ASP A 99 -25.62 14.03 -34.56
C ASP A 99 -24.11 13.85 -34.30
N PRO A 100 -23.36 13.48 -35.36
CA PRO A 100 -21.91 13.23 -35.27
C PRO A 100 -21.13 14.46 -34.84
N LYS A 101 -21.72 15.65 -35.02
CA LYS A 101 -21.10 16.91 -34.59
C LYS A 101 -21.05 16.96 -33.07
N ASP A 102 -22.23 16.87 -32.43
CA ASP A 102 -22.31 16.70 -30.99
C ASP A 102 -21.39 15.54 -30.63
N PRO A 103 -20.41 15.80 -29.75
CA PRO A 103 -19.39 14.84 -29.33
C PRO A 103 -19.94 13.78 -28.36
N GLY A 104 -20.94 14.17 -27.56
CA GLY A 104 -21.64 13.23 -26.71
C GLY A 104 -22.26 12.12 -27.54
N GLU A 105 -23.03 12.51 -28.55
CA GLU A 105 -23.64 11.56 -29.47
C GLU A 105 -22.60 10.90 -30.38
N ARG A 106 -21.49 11.59 -30.64
CA ARG A 106 -20.46 11.00 -31.48
C ARG A 106 -19.80 9.83 -30.76
N SER A 107 -19.73 9.91 -29.43
CA SER A 107 -19.06 8.87 -28.66
C SER A 107 -19.77 7.53 -28.87
N VAL A 108 -21.09 7.51 -28.71
CA VAL A 108 -21.89 6.31 -28.85
C VAL A 108 -21.81 5.75 -30.29
N LEU A 109 -21.89 6.61 -31.28
CA LEU A 109 -21.67 6.19 -32.65
C LEU A 109 -20.33 5.47 -32.83
N SER A 110 -19.34 5.94 -32.08
CA SER A 110 -17.99 5.41 -32.22
C SER A 110 -17.85 4.04 -31.55
N ALA A 111 -18.66 3.82 -30.52
CA ALA A 111 -18.69 2.55 -29.82
C ALA A 111 -19.31 1.49 -30.75
N LEU A 112 -20.42 1.87 -31.39
CA LEU A 112 -21.04 1.09 -32.46
C LEU A 112 -20.01 0.74 -33.53
N ALA A 113 -19.34 1.76 -34.06
CA ALA A 113 -18.30 1.58 -35.07
C ALA A 113 -17.25 0.56 -34.63
N ARG A 114 -16.83 0.66 -33.37
CA ARG A 114 -15.85 -0.27 -32.83
C ARG A 114 -16.40 -1.70 -32.80
N ARG A 115 -17.66 -1.87 -32.39
CA ARG A 115 -18.23 -3.21 -32.35
C ARG A 115 -18.44 -3.78 -33.76
N LEU A 116 -18.84 -2.93 -34.70
CA LEU A 116 -18.93 -3.35 -36.10
C LEU A 116 -17.65 -3.98 -36.57
N LEU A 117 -16.54 -3.27 -36.41
CA LEU A 117 -15.27 -3.76 -36.88
C LEU A 117 -14.95 -5.10 -36.27
N GLN A 118 -15.21 -5.20 -34.97
CA GLN A 118 -14.91 -6.40 -34.19
C GLN A 118 -15.75 -7.57 -34.68
N GLU A 119 -17.02 -7.30 -34.95
CA GLU A 119 -17.94 -8.31 -35.47
C GLU A 119 -17.57 -8.77 -36.88
N ARG A 120 -17.49 -7.83 -37.82
CA ARG A 120 -17.09 -8.17 -39.18
C ARG A 120 -15.70 -8.82 -39.25
N LEU A 121 -14.90 -8.65 -38.22
CA LEU A 121 -13.58 -9.29 -38.18
C LEU A 121 -13.69 -10.79 -37.91
N ARG A 122 -14.66 -11.17 -37.06
CA ARG A 122 -14.89 -12.56 -36.70
C ARG A 122 -15.22 -13.37 -37.93
N ARG A 123 -16.05 -12.78 -38.80
CA ARG A 123 -16.63 -13.45 -39.97
C ARG A 123 -15.65 -13.47 -41.13
N LEU A 124 -14.36 -13.55 -40.80
CA LEU A 124 -13.33 -13.69 -41.81
C LEU A 124 -12.51 -14.95 -41.57
N GLU A 125 -11.76 -15.33 -42.60
CA GLU A 125 -10.94 -16.53 -42.58
C GLU A 125 -10.11 -16.42 -43.87
N GLY A 126 -8.96 -17.11 -43.94
CA GLY A 126 -8.40 -17.83 -42.81
C GLY A 126 -7.43 -16.92 -42.10
N VAL A 127 -7.97 -16.12 -41.19
CA VAL A 127 -7.18 -15.10 -40.53
C VAL A 127 -7.29 -15.23 -39.01
N TRP A 128 -6.17 -15.05 -38.33
CA TRP A 128 -6.16 -15.09 -36.88
C TRP A 128 -6.60 -13.74 -36.32
N VAL A 129 -7.74 -13.71 -35.65
CA VAL A 129 -8.21 -12.47 -35.06
C VAL A 129 -8.36 -12.55 -33.54
N GLU A 130 -7.90 -11.50 -32.86
CA GLU A 130 -8.06 -11.38 -31.42
C GLU A 130 -8.55 -9.96 -31.17
N GLY A 131 -9.83 -9.83 -30.87
CA GLY A 131 -10.43 -8.52 -30.69
C GLY A 131 -10.34 -7.76 -32.00
N LEU A 132 -9.72 -6.58 -31.95
CA LEU A 132 -9.55 -5.69 -33.10
C LEU A 132 -8.19 -5.87 -33.76
N ALA A 133 -7.54 -7.00 -33.52
CA ALA A 133 -6.29 -7.28 -34.22
C ALA A 133 -6.51 -8.44 -35.18
N VAL A 134 -5.80 -8.43 -36.30
CA VAL A 134 -5.94 -9.47 -37.31
C VAL A 134 -4.59 -9.79 -37.92
N TYR A 135 -4.24 -11.06 -37.97
CA TYR A 135 -2.94 -11.45 -38.52
C TYR A 135 -3.13 -12.23 -39.82
N ARG A 136 -2.90 -11.52 -40.93
CA ARG A 136 -3.23 -12.02 -42.26
C ARG A 136 -2.05 -12.62 -43.03
N ARG A 137 -0.91 -12.83 -42.39
CA ARG A 137 0.22 -13.49 -43.06
C ARG A 137 1.22 -14.09 -42.10
N GLU A 138 2.17 -14.83 -42.65
CA GLU A 138 3.19 -15.46 -41.83
C GLU A 138 4.53 -14.79 -42.07
N HIS A 139 5.23 -14.51 -40.98
CA HIS A 139 6.49 -13.79 -41.00
C HIS A 139 7.62 -14.79 -40.85
N ALA A 140 7.52 -15.61 -39.81
CA ALA A 140 8.60 -16.53 -39.47
C ALA A 140 8.07 -17.83 -38.88
N ARG A 141 8.79 -18.93 -39.12
CA ARG A 141 8.44 -20.22 -38.57
C ARG A 141 9.64 -20.92 -37.96
N GLY A 142 9.40 -22.09 -37.34
CA GLY A 142 10.45 -22.90 -36.74
C GLY A 142 9.90 -24.11 -36.01
N PRO A 143 10.79 -24.92 -35.43
CA PRO A 143 10.43 -26.07 -34.58
C PRO A 143 9.36 -25.74 -33.51
N GLY A 144 8.09 -25.83 -33.91
CA GLY A 144 6.98 -25.72 -32.97
C GLY A 144 6.46 -24.31 -32.71
N TRP A 145 6.86 -23.36 -33.55
CA TRP A 145 6.46 -21.95 -33.40
C TRP A 145 6.35 -21.21 -34.72
N ARG A 146 5.42 -20.27 -34.80
CA ARG A 146 5.33 -19.40 -35.97
C ARG A 146 5.00 -17.97 -35.54
N VAL A 147 5.40 -17.00 -36.37
CA VAL A 147 5.07 -15.61 -36.08
C VAL A 147 4.20 -15.04 -37.18
N LEU A 148 3.03 -14.55 -36.78
CA LEU A 148 2.10 -14.03 -37.76
C LEU A 148 2.24 -12.52 -37.85
N GLY A 149 2.01 -11.99 -39.05
CA GLY A 149 2.03 -10.56 -39.28
C GLY A 149 0.64 -10.03 -39.56
N GLY A 150 0.34 -8.83 -39.06
CA GLY A 150 -0.97 -8.23 -39.25
C GLY A 150 -1.02 -6.80 -38.72
N ALA A 151 -2.20 -6.38 -38.26
CA ALA A 151 -2.33 -5.07 -37.66
C ALA A 151 -3.35 -5.04 -36.52
N VAL A 152 -3.17 -4.12 -35.58
CA VAL A 152 -4.18 -3.83 -34.58
C VAL A 152 -5.00 -2.70 -35.16
N LEU A 153 -6.32 -2.80 -35.05
CA LEU A 153 -7.19 -1.84 -35.71
C LEU A 153 -8.11 -1.16 -34.71
N ASP A 154 -8.68 -0.05 -35.12
CA ASP A 154 -9.66 0.64 -34.31
C ASP A 154 -10.51 1.40 -35.29
N LEU A 155 -11.75 1.70 -34.90
CA LEU A 155 -12.67 2.29 -35.84
C LEU A 155 -13.67 3.14 -35.10
N TRP A 156 -13.71 4.43 -35.43
CA TRP A 156 -14.70 5.33 -34.85
C TRP A 156 -15.38 6.24 -35.88
N VAL A 157 -16.08 7.24 -35.39
CA VAL A 157 -16.81 8.14 -36.28
C VAL A 157 -16.31 9.59 -36.13
N SER A 158 -15.90 10.18 -37.24
CA SER A 158 -15.55 11.61 -37.31
C SER A 158 -16.79 12.50 -37.15
N ASP A 159 -16.57 13.78 -36.91
CA ASP A 159 -17.68 14.71 -36.75
C ASP A 159 -18.29 15.08 -38.10
N SER A 160 -17.62 14.72 -39.18
CA SER A 160 -18.18 14.92 -40.53
C SER A 160 -19.05 13.72 -40.89
N GLY A 161 -19.15 12.77 -39.96
CA GLY A 161 -20.01 11.61 -40.08
C GLY A 161 -19.45 10.47 -40.90
N ALA A 162 -18.15 10.25 -40.81
CA ALA A 162 -17.51 9.16 -41.55
C ALA A 162 -16.70 8.23 -40.67
N PHE A 163 -16.54 7.00 -41.15
CA PHE A 163 -15.71 6.05 -40.44
C PHE A 163 -14.24 6.45 -40.55
N LEU A 164 -13.59 6.53 -39.39
CA LEU A 164 -12.16 6.70 -39.34
C LEU A 164 -11.61 5.38 -38.89
N LEU A 165 -10.48 4.98 -39.46
CA LEU A 165 -9.96 3.64 -39.23
C LEU A 165 -8.49 3.74 -38.85
N GLU A 166 -8.15 3.43 -37.60
CA GLU A 166 -6.75 3.49 -37.19
C GLU A 166 -6.11 2.13 -37.42
N VAL A 167 -4.88 2.12 -37.94
CA VAL A 167 -4.20 0.88 -38.28
C VAL A 167 -2.74 0.93 -37.86
N ASP A 168 -2.25 -0.16 -37.29
CA ASP A 168 -0.84 -0.25 -36.98
C ASP A 168 -0.34 -1.70 -37.03
N PRO A 169 0.52 -2.00 -38.01
CA PRO A 169 1.13 -3.31 -38.20
C PRO A 169 1.67 -3.87 -36.89
N ALA A 170 1.39 -5.14 -36.65
CA ALA A 170 1.79 -5.79 -35.42
C ALA A 170 2.11 -7.22 -35.74
N TYR A 171 2.93 -7.86 -34.90
CA TYR A 171 3.22 -9.26 -35.07
C TYR A 171 2.74 -10.06 -33.86
N ARG A 172 2.53 -11.35 -34.05
CA ARG A 172 2.00 -12.23 -33.00
C ARG A 172 2.80 -13.54 -32.92
N ILE A 173 3.20 -13.92 -31.72
CA ILE A 173 3.94 -15.17 -31.51
C ILE A 173 3.08 -16.35 -31.05
N LEU A 174 3.05 -17.41 -31.85
CA LEU A 174 2.18 -18.55 -31.61
C LEU A 174 2.96 -19.86 -31.50
N CYS A 175 2.61 -20.66 -30.50
CA CYS A 175 3.26 -21.95 -30.24
C CYS A 175 2.37 -23.08 -30.76
N GLU A 176 2.98 -24.21 -31.12
CA GLU A 176 2.22 -25.29 -31.73
C GLU A 176 2.39 -26.65 -31.05
N MET A 177 2.88 -26.65 -29.82
CA MET A 177 3.18 -27.90 -29.12
C MET A 177 2.68 -27.86 -27.68
N SER A 178 2.57 -29.03 -27.05
CA SER A 178 2.34 -29.09 -25.61
C SER A 178 3.68 -28.75 -24.99
N LEU A 179 3.70 -28.36 -23.72
CA LEU A 179 4.97 -28.00 -23.12
C LEU A 179 5.91 -29.21 -23.01
N GLU A 180 5.33 -30.41 -23.02
CA GLU A 180 6.11 -31.64 -23.20
C GLU A 180 6.59 -31.69 -24.65
N ALA A 181 5.65 -31.60 -25.57
CA ALA A 181 5.97 -31.59 -27.00
C ALA A 181 6.90 -30.42 -27.34
N TRP A 182 6.84 -29.35 -26.55
CA TRP A 182 7.78 -28.23 -26.72
C TRP A 182 9.21 -28.67 -26.43
N LEU A 183 9.45 -29.13 -25.20
CA LEU A 183 10.77 -29.65 -24.86
C LEU A 183 11.00 -31.08 -25.37
N ALA A 184 10.24 -31.47 -26.40
CA ALA A 184 10.58 -32.64 -27.19
C ALA A 184 11.80 -32.27 -28.05
N GLN A 185 11.92 -30.97 -28.28
CA GLN A 185 13.13 -30.37 -28.85
C GLN A 185 13.70 -29.41 -27.81
N GLY A 186 15.00 -29.17 -27.86
CA GLY A 186 15.68 -28.42 -26.81
C GLY A 186 15.33 -26.94 -26.64
N HIS A 187 14.33 -26.66 -25.81
CA HIS A 187 14.09 -25.30 -25.31
C HIS A 187 13.66 -25.39 -23.84
N PRO A 188 14.29 -24.59 -22.96
CA PRO A 188 14.02 -24.67 -21.52
C PRO A 188 12.62 -24.19 -21.15
N LEU A 189 12.31 -24.27 -19.86
CA LEU A 189 10.99 -23.89 -19.33
C LEU A 189 10.68 -22.41 -19.51
N PRO A 190 9.65 -22.09 -20.31
CA PRO A 190 9.18 -20.72 -20.48
C PRO A 190 8.71 -20.16 -19.16
N LYS A 191 9.00 -18.89 -18.88
CA LYS A 191 8.59 -18.29 -17.62
C LYS A 191 7.08 -18.09 -17.52
N ARG A 192 6.35 -18.49 -18.56
CA ARG A 192 4.88 -18.48 -18.55
C ARG A 192 4.31 -19.61 -19.39
N VAL A 193 3.22 -20.21 -18.92
CA VAL A 193 2.55 -21.29 -19.65
C VAL A 193 1.03 -21.07 -19.71
N ARG A 194 0.43 -21.31 -20.87
CA ARG A 194 -1.01 -21.14 -21.05
C ARG A 194 -1.70 -22.49 -21.18
N ASN A 195 -3.00 -22.53 -20.92
CA ASN A 195 -3.80 -23.73 -21.13
C ASN A 195 -4.53 -23.72 -22.48
N ALA A 196 -4.91 -24.89 -22.98
CA ALA A 196 -5.73 -24.97 -24.18
C ALA A 196 -7.21 -25.15 -23.80
N TYR A 197 -7.45 -25.39 -22.50
CA TYR A 197 -8.80 -25.54 -21.96
C TYR A 197 -9.33 -24.24 -21.33
N ASP A 198 -8.41 -23.32 -21.02
CA ASP A 198 -8.76 -21.94 -20.69
C ASP A 198 -7.57 -21.02 -21.01
N ARG A 199 -7.80 -19.72 -21.08
CA ARG A 199 -6.73 -18.79 -21.40
C ARG A 199 -5.94 -18.44 -20.14
N ARG A 200 -6.46 -18.86 -18.99
CA ARG A 200 -5.87 -18.55 -17.69
C ARG A 200 -4.49 -19.21 -17.48
N THR A 201 -3.44 -18.43 -17.73
CA THR A 201 -2.07 -18.86 -17.54
C THR A 201 -1.66 -18.70 -16.09
N TRP A 202 -0.48 -19.21 -15.75
CA TRP A 202 0.13 -18.92 -14.46
C TRP A 202 1.65 -18.85 -14.54
N GLU A 203 2.28 -18.62 -13.39
CA GLU A 203 3.70 -18.32 -13.29
C GLU A 203 4.63 -19.51 -13.61
N LEU A 204 4.18 -20.73 -13.30
CA LEU A 204 5.00 -21.93 -13.45
C LEU A 204 6.21 -21.95 -12.51
N LEU A 224 -1.59 -37.22 -10.22
CA LEU A 224 -2.23 -37.60 -11.47
C LEU A 224 -3.73 -37.80 -11.26
N ASP A 225 -4.11 -38.01 -10.00
CA ASP A 225 -5.52 -38.26 -9.64
C ASP A 225 -6.45 -37.13 -10.08
N TYR A 226 -6.03 -35.90 -9.83
CA TYR A 226 -6.90 -34.75 -9.96
C TYR A 226 -7.46 -34.60 -11.37
N HIS A 227 -6.59 -34.34 -12.34
CA HIS A 227 -7.01 -34.05 -13.71
C HIS A 227 -7.82 -35.16 -14.39
N ALA A 228 -7.95 -36.29 -13.71
CA ALA A 228 -8.78 -37.40 -14.18
C ALA A 228 -10.24 -37.00 -14.30
N SER A 229 -10.89 -36.80 -13.14
CA SER A 229 -12.33 -36.54 -13.07
C SER A 229 -12.78 -35.28 -13.83
N LYS A 230 -11.84 -34.39 -14.13
CA LYS A 230 -12.14 -33.18 -14.87
C LYS A 230 -12.20 -33.46 -16.37
N GLY A 231 -11.54 -34.53 -16.79
CA GLY A 231 -11.48 -34.89 -18.20
C GLY A 231 -10.88 -33.76 -19.00
N ARG A 232 -9.84 -33.14 -18.45
CA ARG A 232 -9.11 -32.06 -19.10
C ARG A 232 -8.26 -32.58 -20.26
N LEU A 257 -0.76 -31.44 -15.25
CA LEU A 257 0.65 -31.27 -14.95
C LEU A 257 1.45 -30.87 -16.19
N THR A 258 1.60 -31.79 -17.14
CA THR A 258 2.69 -31.68 -18.11
C THR A 258 2.32 -31.69 -19.61
N GLY A 259 1.16 -32.22 -19.96
CA GLY A 259 0.77 -32.26 -21.36
C GLY A 259 -0.50 -31.47 -21.60
N LEU A 260 -1.00 -30.87 -20.53
CA LEU A 260 -2.27 -30.14 -20.53
C LEU A 260 -2.11 -28.67 -20.96
N LEU A 261 -0.93 -28.10 -20.75
CA LEU A 261 -0.71 -26.69 -21.02
C LEU A 261 0.09 -26.43 -22.30
N VAL A 262 0.12 -25.17 -22.71
CA VAL A 262 0.91 -24.72 -23.85
C VAL A 262 1.79 -23.53 -23.42
N PRO A 263 3.09 -23.56 -23.79
CA PRO A 263 3.98 -22.48 -23.38
C PRO A 263 3.62 -21.12 -23.97
N VAL A 264 3.61 -20.08 -23.14
CA VAL A 264 3.48 -18.72 -23.63
C VAL A 264 4.85 -18.27 -24.12
N LEU A 265 4.97 -18.14 -25.44
CA LEU A 265 6.26 -17.90 -26.07
C LEU A 265 6.67 -16.42 -26.14
N THR A 266 7.88 -16.14 -25.66
CA THR A 266 8.45 -14.80 -25.73
C THR A 266 9.72 -14.81 -26.57
N LEU A 267 10.35 -13.64 -26.67
CA LEU A 267 11.58 -13.51 -27.45
C LEU A 267 12.72 -14.22 -26.75
N GLU A 268 12.60 -14.39 -25.44
CA GLU A 268 13.64 -15.08 -24.66
C GLU A 268 13.65 -16.57 -25.00
N ASP A 269 12.49 -17.09 -25.42
CA ASP A 269 12.35 -18.51 -25.76
C ASP A 269 12.82 -18.81 -27.20
N LEU A 270 13.09 -17.77 -27.98
CA LEU A 270 13.45 -17.95 -29.38
C LEU A 270 14.77 -17.27 -29.76
N HIS A 271 15.48 -16.72 -28.77
CA HIS A 271 16.83 -16.16 -28.96
C HIS A 271 17.65 -17.15 -29.77
N GLU A 272 17.57 -18.42 -29.36
CA GLU A 272 18.17 -19.52 -30.09
C GLU A 272 17.19 -20.09 -31.12
N GLU A 273 17.54 -19.96 -32.40
CA GLU A 273 16.71 -20.50 -33.46
C GLU A 273 17.42 -20.54 -34.81
N SER A 276 18.07 -15.10 -36.22
CA SER A 276 17.61 -14.13 -35.23
C SER A 276 16.86 -12.93 -35.85
N LEU A 277 15.64 -13.17 -36.33
CA LEU A 277 14.80 -12.11 -36.93
C LEU A 277 14.22 -11.12 -35.91
N ALA A 278 14.05 -9.87 -36.34
CA ALA A 278 13.53 -8.81 -35.49
C ALA A 278 12.20 -8.27 -36.01
N LEU A 279 11.45 -7.64 -35.12
CA LEU A 279 10.06 -7.32 -35.40
C LEU A 279 9.78 -5.84 -35.28
N SER A 280 10.84 -5.04 -35.24
CA SER A 280 10.70 -3.60 -35.43
C SER A 280 10.74 -3.31 -36.92
N LEU A 281 9.73 -2.60 -37.42
CA LEU A 281 9.73 -2.20 -38.82
C LEU A 281 10.36 -0.82 -39.01
N PRO A 282 11.29 -0.72 -39.96
CA PRO A 282 11.68 0.59 -40.52
C PRO A 282 10.43 1.38 -40.93
N TRP A 283 10.41 2.68 -40.66
CA TRP A 283 9.17 3.46 -40.75
C TRP A 283 8.54 3.52 -42.13
N GLU A 284 9.34 3.33 -43.18
CA GLU A 284 8.82 3.36 -44.54
C GLU A 284 8.03 2.09 -44.83
N GLU A 285 8.60 0.95 -44.44
CA GLU A 285 7.88 -0.32 -44.53
C GLU A 285 6.59 -0.29 -43.70
N ARG A 286 6.64 0.32 -42.52
CA ARG A 286 5.45 0.33 -41.66
C ARG A 286 4.34 1.14 -42.28
N ARG A 287 4.71 2.25 -42.92
CA ARG A 287 3.76 3.11 -43.59
C ARG A 287 3.13 2.44 -44.82
N ARG A 288 3.92 1.68 -45.59
CA ARG A 288 3.39 1.02 -46.79
C ARG A 288 2.44 -0.10 -46.40
N ARG A 289 2.83 -0.88 -45.39
CA ARG A 289 2.02 -1.98 -44.87
C ARG A 289 0.79 -1.47 -44.12
N THR A 290 0.87 -0.24 -43.64
CA THR A 290 -0.29 0.40 -43.03
C THR A 290 -1.32 0.67 -44.11
N ARG A 291 -0.87 1.18 -45.25
CA ARG A 291 -1.76 1.54 -46.37
C ARG A 291 -2.34 0.29 -47.03
N GLU A 292 -1.48 -0.70 -47.24
CA GLU A 292 -1.90 -1.99 -47.76
C GLU A 292 -3.07 -2.56 -46.94
N ILE A 293 -2.81 -2.81 -45.66
CA ILE A 293 -3.83 -3.30 -44.73
C ILE A 293 -5.05 -2.37 -44.59
N ALA A 294 -4.90 -1.08 -44.83
CA ALA A 294 -6.04 -0.18 -44.61
C ALA A 294 -7.00 -0.27 -45.78
N SER A 295 -6.52 -0.81 -46.89
CA SER A 295 -7.32 -0.99 -48.10
C SER A 295 -7.96 -2.37 -48.09
N TRP A 296 -7.14 -3.37 -47.77
CA TRP A 296 -7.63 -4.73 -47.56
C TRP A 296 -8.84 -4.79 -46.63
N ILE A 297 -8.83 -3.99 -45.56
CA ILE A 297 -9.96 -3.91 -44.64
C ILE A 297 -11.08 -3.05 -45.25
N GLY A 298 -10.71 -2.12 -46.13
CA GLY A 298 -11.70 -1.27 -46.78
C GLY A 298 -12.68 -2.06 -47.65
N ARG A 299 -12.13 -2.91 -48.52
CA ARG A 299 -12.96 -3.76 -49.36
C ARG A 299 -13.61 -4.88 -48.55
N ARG A 300 -12.76 -5.73 -47.96
CA ARG A 300 -13.21 -6.97 -47.32
C ARG A 300 -14.33 -6.79 -46.28
N LEU A 301 -14.51 -5.57 -45.79
CA LEU A 301 -15.57 -5.27 -44.83
C LEU A 301 -16.58 -4.27 -45.41
N GLY A 302 -16.41 -3.94 -46.68
CA GLY A 302 -17.34 -3.07 -47.38
C GLY A 302 -17.42 -1.68 -46.77
N LEU A 303 -16.28 -1.02 -46.63
CA LEU A 303 -16.25 0.34 -46.08
C LEU A 303 -15.60 1.29 -47.09
N GLY A 304 -14.88 0.71 -48.03
CA GLY A 304 -14.58 1.40 -49.26
C GLY A 304 -13.14 1.76 -49.48
N THR A 305 -12.93 3.02 -49.84
CA THR A 305 -11.61 3.52 -50.17
C THR A 305 -11.00 4.24 -48.97
N PRO A 306 -9.85 3.75 -48.49
CA PRO A 306 -9.14 4.39 -47.38
C PRO A 306 -8.45 5.71 -47.79
N GLU A 307 -9.00 6.83 -47.33
CA GLU A 307 -8.42 8.15 -47.55
C GLU A 307 -7.46 8.55 -46.41
N ALA A 308 -6.15 8.53 -46.69
CA ALA A 308 -5.13 8.88 -45.70
C ALA A 308 -5.41 10.20 -44.98
N VAL A 309 -5.35 10.21 -43.65
CA VAL A 309 -5.65 11.44 -42.89
C VAL A 309 -4.41 12.33 -42.71
N ARG A 310 -4.57 13.64 -42.88
CA ARG A 310 -3.43 14.53 -42.90
C ARG A 310 -3.52 15.59 -41.82
N ALA A 311 -2.38 15.98 -41.30
CA ALA A 311 -2.35 16.98 -40.25
C ALA A 311 -1.19 17.91 -40.43
N GLN A 312 -1.40 19.16 -40.03
CA GLN A 312 -0.35 20.15 -40.05
C GLN A 312 0.58 19.90 -38.86
N ALA A 313 1.85 19.67 -39.14
CA ALA A 313 2.86 19.57 -38.11
C ALA A 313 3.82 20.79 -38.12
N TYR A 314 4.54 21.00 -37.03
CA TYR A 314 5.51 22.08 -36.98
C TYR A 314 6.85 21.55 -36.50
N ARG A 315 7.94 22.03 -37.08
CA ARG A 315 9.26 21.58 -36.68
CA ARG A 315 9.27 21.60 -36.69
C ARG A 315 9.75 22.45 -35.54
N LEU A 316 10.08 21.81 -34.43
CA LEU A 316 10.49 22.57 -33.25
C LEU A 316 11.97 22.93 -33.32
N SER A 317 12.32 24.04 -32.67
CA SER A 317 13.69 24.52 -32.68
C SER A 317 14.57 23.45 -32.04
N ILE A 318 15.83 23.40 -32.46
CA ILE A 318 16.75 22.44 -31.88
C ILE A 318 17.08 22.91 -30.49
N PRO A 319 17.09 21.99 -29.52
CA PRO A 319 17.57 22.31 -28.18
C PRO A 319 19.07 22.58 -28.17
N LYS A 320 19.53 23.37 -27.21
CA LYS A 320 20.94 23.67 -27.07
C LYS A 320 21.53 23.02 -25.83
N LEU A 321 22.10 21.82 -26.00
CA LEU A 321 22.76 21.12 -24.89
C LEU A 321 24.11 21.75 -24.58
N MET A 322 24.40 21.93 -23.29
CA MET A 322 25.70 22.44 -22.85
C MET A 322 26.37 21.56 -21.81
N GLY A 323 27.61 21.18 -22.09
CA GLY A 323 28.50 20.83 -21.00
C GLY A 323 29.07 22.16 -20.53
N ARG A 324 30.39 22.22 -20.34
CA ARG A 324 31.05 23.51 -20.07
C ARG A 324 30.87 24.40 -21.30
N ARG A 325 31.11 23.83 -22.47
CA ARG A 325 30.64 24.47 -23.69
C ARG A 325 29.65 23.56 -24.43
N ALA A 326 29.17 24.02 -25.58
CA ALA A 326 28.12 23.31 -26.31
C ALA A 326 28.48 21.87 -26.70
N VAL A 327 27.55 20.94 -26.51
CA VAL A 327 27.75 19.55 -26.89
C VAL A 327 26.56 19.10 -27.70
N SER A 328 26.68 17.98 -28.40
CA SER A 328 25.54 17.44 -29.10
C SER A 328 24.94 16.20 -28.39
N LYS A 329 25.65 15.70 -27.38
CA LYS A 329 25.22 14.52 -26.60
C LYS A 329 25.95 14.55 -25.26
N PRO A 330 25.28 14.07 -24.20
CA PRO A 330 25.78 14.18 -22.83
C PRO A 330 27.18 13.59 -22.67
N ALA A 331 27.49 12.54 -23.42
CA ALA A 331 28.81 11.92 -23.31
C ALA A 331 29.95 12.90 -23.63
N ASP A 332 29.71 13.91 -24.46
CA ASP A 332 30.75 14.88 -24.82
C ASP A 332 31.25 15.67 -23.61
N ALA A 333 30.44 15.76 -22.57
CA ALA A 333 30.87 16.47 -21.37
C ALA A 333 32.07 15.80 -20.70
N LEU A 334 32.34 14.55 -21.07
CA LEU A 334 33.53 13.85 -20.58
C LEU A 334 34.81 14.40 -21.20
N ARG A 335 34.72 14.90 -22.43
CA ARG A 335 35.84 15.54 -23.14
C ARG A 335 35.85 17.06 -22.92
N VAL A 336 34.70 17.67 -23.13
CA VAL A 336 34.53 19.12 -23.08
C VAL A 336 34.52 19.67 -21.65
N GLY A 337 34.00 18.88 -20.71
CA GLY A 337 33.81 19.36 -19.35
C GLY A 337 32.33 19.47 -18.97
N PHE A 338 32.05 19.47 -17.67
CA PHE A 338 30.68 19.44 -17.20
C PHE A 338 30.12 20.82 -17.08
N TYR A 339 28.81 20.90 -17.08
CA TYR A 339 28.11 22.17 -16.95
C TYR A 339 28.43 22.87 -15.62
N ARG A 340 28.21 22.17 -14.51
CA ARG A 340 28.65 22.64 -13.21
C ARG A 340 29.32 21.46 -12.51
N ALA A 341 30.49 21.68 -11.90
CA ALA A 341 31.21 20.59 -11.24
C ALA A 341 31.98 21.07 -10.03
N GLN A 342 31.73 20.48 -8.88
CA GLN A 342 32.40 20.89 -7.65
C GLN A 342 33.52 19.90 -7.34
N GLU A 343 34.18 20.07 -6.20
CA GLU A 343 35.18 19.10 -5.79
C GLU A 343 34.48 17.79 -5.40
N THR A 344 34.83 16.70 -6.08
CA THR A 344 34.20 15.42 -5.76
C THR A 344 35.18 14.29 -5.48
N ALA A 345 34.73 13.37 -4.63
CA ALA A 345 35.50 12.17 -4.32
C ALA A 345 34.67 10.93 -4.66
N LEU A 346 35.24 10.10 -5.53
CA LEU A 346 34.65 8.83 -5.91
C LEU A 346 35.43 7.69 -5.25
N ALA A 347 34.77 6.57 -4.99
CA ALA A 347 35.44 5.38 -4.46
C ALA A 347 35.13 4.15 -5.30
N LEU A 348 36.12 3.25 -5.39
CA LEU A 348 35.98 2.02 -6.18
C LEU A 348 35.78 0.80 -5.30
N LEU A 349 34.81 -0.03 -5.67
CA LEU A 349 34.59 -1.30 -4.99
C LEU A 349 34.60 -2.43 -6.01
N ARG A 350 35.63 -3.28 -5.91
CA ARG A 350 35.78 -4.43 -6.81
C ARG A 350 35.27 -5.72 -6.15
N LEU A 351 34.56 -6.53 -6.93
CA LEU A 351 34.01 -7.76 -6.39
C LEU A 351 34.56 -8.91 -7.21
N ASP A 352 35.46 -8.54 -8.12
CA ASP A 352 36.10 -9.45 -9.06
C ASP A 352 37.47 -9.90 -8.56
N GLY A 353 37.80 -9.53 -7.33
CA GLY A 353 39.07 -9.90 -6.74
C GLY A 353 40.28 -9.18 -7.32
N ALA A 354 40.03 -8.16 -8.13
CA ALA A 354 41.13 -7.42 -8.74
C ALA A 354 41.55 -6.26 -7.85
N GLN A 355 42.55 -5.50 -8.27
CA GLN A 355 43.22 -4.65 -7.30
C GLN A 355 42.91 -3.16 -7.39
N GLY A 356 43.07 -2.53 -8.54
CA GLY A 356 42.92 -1.08 -8.56
C GLY A 356 41.89 -0.47 -9.51
N TRP A 357 41.92 0.85 -9.62
CA TRP A 357 41.16 1.57 -10.66
C TRP A 357 41.70 1.21 -12.01
N PRO A 358 40.85 0.72 -12.91
CA PRO A 358 41.32 0.50 -14.27
C PRO A 358 41.89 1.79 -14.85
N GLU A 359 43.10 1.72 -15.41
CA GLU A 359 43.82 2.93 -15.79
C GLU A 359 43.02 3.84 -16.71
N PHE A 360 42.37 3.25 -17.72
CA PHE A 360 41.62 4.05 -18.67
C PHE A 360 40.43 4.80 -18.07
N LEU A 361 39.77 4.18 -17.08
CA LEU A 361 38.74 4.88 -16.34
C LEU A 361 39.34 6.05 -15.58
N ARG A 362 40.49 5.82 -14.97
CA ARG A 362 41.19 6.85 -14.20
C ARG A 362 41.52 8.08 -15.07
N ARG A 363 42.09 7.85 -16.24
CA ARG A 363 42.50 8.95 -17.10
C ARG A 363 41.28 9.72 -17.54
N ALA A 364 40.31 8.97 -18.08
CA ALA A 364 39.08 9.55 -18.61
C ALA A 364 38.48 10.48 -17.56
N LEU A 365 38.53 10.03 -16.31
CA LEU A 365 38.00 10.79 -15.18
C LEU A 365 38.75 12.09 -14.94
N LEU A 366 40.08 12.02 -14.88
CA LEU A 366 40.93 13.21 -14.76
C LEU A 366 40.75 14.17 -15.96
N ARG A 367 40.59 13.61 -17.16
CA ARG A 367 40.34 14.43 -18.33
C ARG A 367 39.06 15.22 -18.12
N ALA A 368 37.98 14.51 -17.82
CA ALA A 368 36.69 15.11 -17.48
C ALA A 368 36.80 16.21 -16.41
N PHE A 369 37.46 15.91 -15.29
CA PHE A 369 37.57 16.90 -14.23
C PHE A 369 38.58 17.99 -14.54
N GLY A 370 39.56 17.65 -15.38
CA GLY A 370 40.53 18.62 -15.85
C GLY A 370 39.87 19.71 -16.67
N ALA A 371 39.06 19.27 -17.65
CA ALA A 371 38.35 20.21 -18.50
C ALA A 371 37.37 21.04 -17.70
N SER A 372 36.96 20.55 -16.53
CA SER A 372 35.94 21.26 -15.77
C SER A 372 36.63 22.11 -14.74
N GLY A 373 37.95 21.91 -14.64
CA GLY A 373 38.76 22.60 -13.67
C GLY A 373 38.19 22.39 -12.30
N ALA A 374 37.91 21.12 -11.98
CA ALA A 374 37.46 20.73 -10.65
C ALA A 374 38.42 19.68 -10.17
N SER A 375 38.62 19.64 -8.86
CA SER A 375 39.58 18.73 -8.27
C SER A 375 38.90 17.40 -7.95
N LEU A 376 39.51 16.32 -8.39
CA LEU A 376 38.97 14.98 -8.20
C LEU A 376 39.91 14.15 -7.35
N ARG A 377 39.37 13.41 -6.38
CA ARG A 377 40.15 12.36 -5.73
C ARG A 377 39.46 11.01 -5.82
N LEU A 378 40.20 9.98 -6.23
CA LEU A 378 39.67 8.62 -6.35
C LEU A 378 40.02 7.77 -5.13
N HIS A 379 39.03 7.31 -4.37
CA HIS A 379 39.28 6.37 -3.27
C HIS A 379 39.04 4.91 -3.69
N THR A 380 39.46 3.97 -2.84
CA THR A 380 39.23 2.56 -3.08
C THR A 380 38.72 1.94 -1.78
N LEU A 381 37.57 1.27 -1.85
CA LEU A 381 37.10 0.49 -0.71
C LEU A 381 37.82 -0.85 -0.69
N HIS A 382 38.65 -1.06 0.33
CA HIS A 382 39.31 -2.33 0.53
C HIS A 382 38.45 -3.16 1.47
N ALA A 383 37.27 -3.56 1.01
CA ALA A 383 36.38 -4.36 1.84
C ALA A 383 35.38 -5.17 1.00
N HIS A 384 34.72 -6.13 1.62
CA HIS A 384 33.83 -6.98 0.85
C HIS A 384 32.55 -7.21 1.63
N PRO A 385 31.40 -7.29 0.90
CA PRO A 385 30.10 -7.52 1.56
C PRO A 385 30.08 -8.78 2.42
N SER A 386 31.00 -9.70 2.18
CA SER A 386 31.09 -10.92 2.95
C SER A 386 31.68 -10.72 4.35
N GLN A 387 32.19 -9.54 4.64
CA GLN A 387 32.73 -9.31 5.97
C GLN A 387 31.61 -8.95 6.93
N GLY A 388 30.37 -8.96 6.44
CA GLY A 388 29.22 -8.56 7.23
C GLY A 388 29.29 -7.09 7.61
N LEU A 389 28.91 -6.78 8.85
CA LEU A 389 28.89 -5.40 9.32
C LEU A 389 30.24 -4.67 9.19
N ALA A 390 31.35 -5.40 9.13
CA ALA A 390 32.64 -4.79 8.90
C ALA A 390 32.59 -3.97 7.61
N PHE A 391 31.94 -4.54 6.60
CA PHE A 391 31.69 -3.84 5.35
C PHE A 391 31.01 -2.51 5.61
N ARG A 392 29.95 -2.51 6.43
CA ARG A 392 29.15 -1.30 6.62
C ARG A 392 29.99 -0.26 7.29
N GLU A 393 30.92 -0.71 8.14
CA GLU A 393 31.80 0.20 8.79
C GLU A 393 32.68 0.86 7.74
N ALA A 394 33.27 0.06 6.87
CA ALA A 394 34.11 0.58 5.81
C ALA A 394 33.39 1.67 5.03
N LEU A 395 32.14 1.43 4.68
CA LEU A 395 31.35 2.41 3.94
C LEU A 395 31.14 3.70 4.74
N ARG A 396 30.82 3.54 6.02
CA ARG A 396 30.60 4.69 6.88
C ARG A 396 31.84 5.57 6.87
N LYS A 397 33.02 4.95 6.91
CA LYS A 397 34.27 5.70 6.95
C LYS A 397 34.58 6.39 5.62
N ALA A 398 34.31 5.71 4.52
CA ALA A 398 34.43 6.31 3.18
C ALA A 398 33.67 7.62 3.11
N LYS A 399 32.40 7.57 3.55
CA LYS A 399 31.51 8.71 3.49
C LYS A 399 31.95 9.76 4.49
N GLU A 400 32.46 9.30 5.62
CA GLU A 400 33.06 10.17 6.63
C GLU A 400 34.24 10.94 6.03
N GLU A 401 34.87 10.39 5.00
CA GLU A 401 36.04 11.03 4.38
C GLU A 401 35.72 11.72 3.06
N GLY A 402 34.44 11.99 2.82
CA GLY A 402 34.04 12.76 1.67
C GLY A 402 33.66 12.01 0.41
N VAL A 403 33.70 10.68 0.42
CA VAL A 403 33.27 9.95 -0.78
C VAL A 403 31.79 10.29 -1.07
N GLN A 404 31.47 10.51 -2.33
CA GLN A 404 30.11 10.93 -2.67
C GLN A 404 29.33 9.82 -3.36
N ALA A 405 30.02 8.98 -4.14
CA ALA A 405 29.39 7.84 -4.79
C ALA A 405 30.42 6.73 -5.00
N VAL A 406 29.94 5.52 -5.29
CA VAL A 406 30.80 4.35 -5.38
C VAL A 406 30.65 3.66 -6.73
N LEU A 407 31.76 3.44 -7.43
CA LEU A 407 31.73 2.64 -8.66
C LEU A 407 32.01 1.19 -8.31
N VAL A 408 31.20 0.28 -8.83
CA VAL A 408 31.30 -1.13 -8.45
C VAL A 408 31.63 -2.04 -9.63
N LEU A 409 32.85 -2.56 -9.67
CA LEU A 409 33.23 -3.51 -10.70
C LEU A 409 32.95 -4.92 -10.18
N THR A 410 32.12 -5.65 -10.92
CA THR A 410 31.68 -6.97 -10.54
C THR A 410 31.23 -7.72 -11.77
N PRO A 411 31.26 -9.07 -11.69
CA PRO A 411 30.58 -9.92 -12.66
C PRO A 411 29.11 -9.63 -12.55
N PRO A 412 28.32 -9.94 -13.59
CA PRO A 412 26.86 -9.76 -13.50
C PRO A 412 26.30 -10.40 -12.23
N MET A 413 25.39 -9.72 -11.55
CA MET A 413 24.89 -10.21 -10.25
C MET A 413 23.47 -10.72 -10.35
N ALA A 414 23.11 -11.64 -9.46
CA ALA A 414 21.70 -11.92 -9.22
C ALA A 414 21.03 -10.64 -8.70
N TRP A 415 19.80 -10.38 -9.15
CA TRP A 415 19.06 -9.20 -8.71
C TRP A 415 18.98 -9.07 -7.19
N GLU A 416 18.84 -10.21 -6.53
CA GLU A 416 18.76 -10.21 -5.10
C GLU A 416 20.04 -9.61 -4.50
N ASP A 417 21.19 -10.03 -5.00
CA ASP A 417 22.47 -9.51 -4.51
C ASP A 417 22.69 -8.08 -4.96
N ARG A 418 22.39 -7.82 -6.24
CA ARG A 418 22.45 -6.47 -6.77
C ARG A 418 21.64 -5.51 -5.92
N ASN A 419 20.37 -5.82 -5.75
CA ASN A 419 19.50 -5.02 -4.88
C ASN A 419 20.02 -4.85 -3.44
N ARG A 420 20.48 -5.94 -2.84
CA ARG A 420 20.95 -5.91 -1.46
C ARG A 420 22.15 -4.97 -1.33
N LEU A 421 23.06 -5.06 -2.29
CA LEU A 421 24.25 -4.22 -2.31
C LEU A 421 23.90 -2.74 -2.41
N LYS A 422 23.12 -2.39 -3.43
CA LYS A 422 22.65 -1.02 -3.61
C LYS A 422 22.01 -0.48 -2.34
N ALA A 423 21.07 -1.25 -1.79
CA ALA A 423 20.31 -0.81 -0.64
C ALA A 423 21.22 -0.61 0.57
N LEU A 424 22.25 -1.44 0.70
CA LEU A 424 23.15 -1.29 1.83
C LEU A 424 24.02 -0.04 1.67
N LEU A 425 24.51 0.22 0.46
CA LEU A 425 25.32 1.40 0.29
C LEU A 425 24.46 2.66 0.51
N LEU A 426 23.22 2.61 0.03
CA LEU A 426 22.26 3.68 0.25
C LEU A 426 22.09 4.00 1.73
N ARG A 427 22.03 2.98 2.60
CA ARG A 427 21.88 3.23 4.04
C ARG A 427 23.06 3.96 4.65
N GLU A 428 24.17 4.00 3.94
CA GLU A 428 25.31 4.78 4.38
C GLU A 428 25.46 6.04 3.54
N GLY A 429 24.41 6.38 2.79
CA GLY A 429 24.36 7.65 2.08
C GLY A 429 25.08 7.61 0.73
N LEU A 430 25.51 6.44 0.31
CA LEU A 430 26.28 6.30 -0.92
C LEU A 430 25.53 5.67 -2.09
N PRO A 431 25.19 6.49 -3.11
CA PRO A 431 24.64 5.95 -4.36
C PRO A 431 25.75 5.15 -5.02
N SER A 432 25.43 4.31 -6.00
CA SER A 432 26.45 3.44 -6.56
C SER A 432 26.16 3.11 -8.02
N GLN A 433 27.22 3.01 -8.81
CA GLN A 433 27.09 2.66 -10.21
C GLN A 433 27.83 1.33 -10.47
N ILE A 434 27.11 0.37 -11.04
CA ILE A 434 27.70 -0.93 -11.32
C ILE A 434 28.21 -1.02 -12.76
N LEU A 435 29.39 -1.57 -12.95
CA LEU A 435 29.98 -1.73 -14.28
C LEU A 435 30.49 -3.18 -14.43
N ASN A 436 29.86 -3.97 -15.29
CA ASN A 436 30.19 -5.41 -15.37
C ASN A 436 31.65 -5.71 -15.74
N VAL A 437 32.25 -6.71 -15.10
CA VAL A 437 33.71 -6.74 -14.99
C VAL A 437 34.53 -7.36 -16.07
N PRO A 438 34.00 -8.37 -16.79
CA PRO A 438 34.82 -8.53 -18.01
C PRO A 438 34.66 -7.22 -18.81
N LEU A 439 35.69 -6.36 -18.80
CA LEU A 439 35.57 -5.03 -19.41
C LEU A 439 36.80 -4.64 -20.23
N ARG A 440 36.63 -4.44 -21.54
CA ARG A 440 37.71 -3.95 -22.39
C ARG A 440 37.55 -2.45 -22.68
N GLU A 441 38.68 -1.71 -22.74
CA GLU A 441 38.66 -0.27 -23.03
C GLU A 441 37.88 0.08 -24.29
N GLU A 442 37.86 -0.87 -25.23
CA GLU A 442 37.20 -0.69 -26.51
C GLU A 442 35.69 -0.51 -26.33
N GLU A 443 35.15 -0.99 -25.22
CA GLU A 443 33.72 -0.89 -24.94
C GLU A 443 33.36 0.50 -24.38
N ARG A 444 33.67 1.52 -25.18
CA ARG A 444 33.59 2.91 -24.75
C ARG A 444 32.17 3.32 -24.35
N HIS A 445 31.18 2.93 -25.13
CA HIS A 445 29.82 3.31 -24.84
C HIS A 445 29.34 2.78 -23.47
N ARG A 446 29.81 1.59 -23.09
CA ARG A 446 29.44 0.99 -21.82
C ARG A 446 30.05 1.70 -20.62
N TRP A 447 31.34 1.98 -20.66
CA TRP A 447 31.93 2.58 -19.47
C TRP A 447 31.71 4.09 -19.34
N GLU A 448 31.53 4.77 -20.48
CA GLU A 448 31.27 6.21 -20.44
C GLU A 448 29.92 6.42 -19.81
N ASN A 449 28.97 5.57 -20.20
CA ASN A 449 27.63 5.62 -19.64
C ASN A 449 27.64 5.29 -18.16
N ALA A 450 28.53 4.39 -17.78
CA ALA A 450 28.72 4.10 -16.38
C ALA A 450 29.28 5.35 -15.72
N LEU A 451 30.27 5.94 -16.37
CA LEU A 451 30.96 7.11 -15.82
C LEU A 451 29.94 8.23 -15.65
N LEU A 452 29.19 8.50 -16.71
CA LEU A 452 28.08 9.44 -16.66
C LEU A 452 27.14 9.17 -15.47
N GLY A 453 26.67 7.94 -15.35
CA GLY A 453 25.79 7.56 -14.26
C GLY A 453 26.43 7.79 -12.90
N LEU A 454 27.70 7.45 -12.78
CA LEU A 454 28.44 7.64 -11.54
C LEU A 454 28.45 9.11 -11.12
N LEU A 455 28.56 10.01 -12.09
CA LEU A 455 28.71 11.43 -11.79
C LEU A 455 27.38 12.08 -11.44
N ALA A 456 26.33 11.71 -12.16
CA ALA A 456 24.99 12.10 -11.76
C ALA A 456 24.75 11.60 -10.34
N LYS A 457 25.16 10.36 -10.08
CA LYS A 457 25.02 9.82 -8.75
C LYS A 457 25.83 10.57 -7.68
N ALA A 458 26.89 11.26 -8.07
CA ALA A 458 27.72 11.98 -7.09
C ALA A 458 27.24 13.41 -6.98
N GLY A 459 26.33 13.80 -7.87
CA GLY A 459 25.61 15.06 -7.73
C GLY A 459 26.02 16.19 -8.65
N LEU A 460 26.77 15.88 -9.71
CA LEU A 460 27.23 16.90 -10.65
C LEU A 460 26.21 17.12 -11.72
N GLN A 461 26.00 18.36 -12.14
CA GLN A 461 25.25 18.59 -13.37
C GLN A 461 26.17 18.45 -14.59
N VAL A 462 26.01 17.38 -15.34
CA VAL A 462 26.90 17.11 -16.46
C VAL A 462 26.51 17.95 -17.69
N VAL A 463 25.22 18.16 -17.91
CA VAL A 463 24.76 19.03 -18.99
C VAL A 463 23.55 19.89 -18.58
N ALA A 464 23.30 20.95 -19.37
CA ALA A 464 22.14 21.81 -19.17
C ALA A 464 21.66 22.39 -20.50
N LEU A 465 20.50 23.04 -20.49
CA LEU A 465 19.92 23.62 -21.70
C LEU A 465 20.20 25.12 -21.70
N SER A 466 20.34 25.72 -22.89
CA SER A 466 20.71 27.13 -22.95
C SER A 466 19.63 28.03 -23.53
N GLY A 467 18.46 27.49 -23.83
CA GLY A 467 17.37 28.34 -24.31
C GLY A 467 16.81 29.25 -23.24
N ALA A 468 15.56 29.68 -23.41
CA ALA A 468 14.84 30.38 -22.35
C ALA A 468 13.34 30.01 -22.42
N TYR A 469 12.79 29.61 -21.27
CA TYR A 469 11.52 28.87 -21.27
C TYR A 469 10.45 29.51 -20.40
N PRO A 470 9.17 29.19 -20.66
CA PRO A 470 8.08 29.72 -19.85
C PRO A 470 8.11 29.30 -18.37
N ALA A 471 8.71 28.15 -18.06
CA ALA A 471 8.77 27.73 -16.66
C ALA A 471 10.21 27.50 -16.22
N GLU A 472 10.57 27.87 -14.99
CA GLU A 472 11.96 27.67 -14.59
C GLU A 472 12.07 26.58 -13.53
N LEU A 473 10.96 25.87 -13.32
CA LEU A 473 10.94 24.67 -12.51
C LEU A 473 10.01 23.71 -13.23
N ALA A 474 10.53 22.55 -13.59
CA ALA A 474 9.71 21.56 -14.27
C ALA A 474 9.74 20.27 -13.47
N VAL A 475 8.58 19.84 -12.98
CA VAL A 475 8.52 18.64 -12.14
C VAL A 475 7.61 17.54 -12.70
N GLY A 476 8.10 16.30 -12.64
CA GLY A 476 7.38 15.17 -13.16
C GLY A 476 6.89 14.23 -12.07
N PHE A 477 5.70 13.67 -12.28
CA PHE A 477 5.09 12.77 -11.30
C PHE A 477 4.76 11.42 -11.96
N ASP A 478 5.25 10.33 -11.37
CA ASP A 478 4.82 9.01 -11.76
C ASP A 478 4.38 8.19 -10.53
N ALA A 479 3.78 7.03 -10.80
CA ALA A 479 3.54 6.01 -9.78
C ALA A 479 4.11 4.73 -10.34
N GLY A 480 4.62 3.86 -9.48
CA GLY A 480 5.22 2.63 -9.94
C GLY A 480 5.59 1.74 -8.78
N GLY A 481 6.04 0.53 -9.09
CA GLY A 481 6.24 -0.47 -8.05
C GLY A 481 5.48 -1.73 -8.40
N ARG A 482 6.15 -2.88 -8.23
CA ARG A 482 5.64 -4.17 -8.69
C ARG A 482 5.00 -4.95 -7.54
N GLU A 483 3.96 -4.35 -6.94
CA GLU A 483 3.21 -5.00 -5.87
C GLU A 483 1.77 -4.51 -5.87
N SER A 484 1.06 -4.81 -4.78
CA SER A 484 -0.34 -4.50 -4.60
C SER A 484 -0.53 -3.06 -4.14
N PHE A 485 0.58 -2.45 -3.71
CA PHE A 485 0.63 -1.01 -3.47
C PHE A 485 1.70 -0.41 -4.37
N ARG A 486 1.70 0.91 -4.48
CA ARG A 486 2.63 1.62 -5.36
C ARG A 486 3.27 2.79 -4.61
N PHE A 487 4.33 3.34 -5.20
CA PHE A 487 4.91 4.57 -4.71
C PHE A 487 4.64 5.71 -5.68
N GLY A 488 4.00 6.76 -5.16
CA GLY A 488 3.84 8.01 -5.90
C GLY A 488 5.05 8.87 -5.63
N GLY A 489 5.61 9.47 -6.67
CA GLY A 489 6.86 10.18 -6.54
C GLY A 489 7.12 11.24 -7.59
N ALA A 490 8.19 11.99 -7.41
CA ALA A 490 8.40 13.15 -8.26
C ALA A 490 9.88 13.54 -8.34
N ALA A 491 10.31 14.00 -9.53
CA ALA A 491 11.66 14.53 -9.71
C ALA A 491 11.54 15.87 -10.42
N CYS A 492 12.58 16.69 -10.35
CA CYS A 492 12.46 18.02 -10.98
C CYS A 492 13.75 18.56 -11.62
N ALA A 493 13.57 19.39 -12.65
CA ALA A 493 14.65 20.23 -13.14
C ALA A 493 14.45 21.67 -12.65
N VAL A 494 15.43 22.19 -11.93
CA VAL A 494 15.29 23.54 -11.39
C VAL A 494 16.18 24.51 -12.15
N GLY A 495 15.63 25.71 -12.35
CA GLY A 495 16.29 26.73 -13.15
C GLY A 495 15.88 26.51 -14.59
N GLY A 496 15.79 27.60 -15.36
CA GLY A 496 15.35 27.54 -16.73
C GLY A 496 16.30 26.73 -17.58
N ASP A 497 17.59 26.74 -17.21
CA ASP A 497 18.61 25.98 -17.93
C ASP A 497 18.55 24.47 -17.61
N GLY A 498 17.78 24.13 -16.58
CA GLY A 498 17.72 22.77 -16.08
C GLY A 498 18.95 22.43 -15.26
N GLY A 499 19.56 23.48 -14.68
CA GLY A 499 20.84 23.35 -14.00
C GLY A 499 20.90 22.53 -12.72
N HIS A 500 19.75 22.00 -12.29
CA HIS A 500 19.74 21.09 -11.12
C HIS A 500 18.66 20.02 -11.29
N LEU A 501 19.01 18.79 -10.94
CA LEU A 501 18.08 17.67 -10.95
C LEU A 501 18.07 17.02 -9.58
N LEU A 502 16.89 17.03 -8.93
CA LEU A 502 16.68 16.52 -7.58
C LEU A 502 15.53 15.52 -7.62
N TRP A 503 15.54 14.56 -6.70
CA TRP A 503 14.38 13.68 -6.49
C TRP A 503 13.76 14.06 -5.15
N THR A 504 12.56 13.56 -4.88
CA THR A 504 11.97 13.69 -3.53
C THR A 504 11.61 12.29 -3.03
N LEU A 505 11.74 12.06 -1.72
CA LEU A 505 11.21 10.86 -1.07
C LEU A 505 9.77 10.57 -1.53
N PRO A 506 9.53 9.39 -2.14
CA PRO A 506 8.19 8.97 -2.58
C PRO A 506 7.25 8.65 -1.42
N GLU A 507 5.98 8.42 -1.72
CA GLU A 507 4.99 8.04 -0.70
C GLU A 507 4.23 6.77 -1.13
N ALA A 508 3.88 5.92 -0.16
CA ALA A 508 3.21 4.68 -0.51
C ALA A 508 1.72 4.93 -0.79
N GLN A 509 1.18 4.24 -1.78
CA GLN A 509 -0.18 4.47 -2.18
C GLN A 509 -0.80 3.20 -2.75
N ALA A 510 -2.12 3.15 -2.70
CA ALA A 510 -2.89 1.96 -3.06
C ALA A 510 -2.86 1.69 -4.55
N GLY A 511 -3.09 2.72 -5.35
CA GLY A 511 -3.22 2.57 -6.80
C GLY A 511 -2.32 3.48 -7.61
N GLU A 512 -2.80 3.87 -8.79
CA GLU A 512 -2.06 4.80 -9.63
C GLU A 512 -2.32 6.25 -9.20
N ARG A 513 -3.51 6.53 -8.71
CA ARG A 513 -3.81 7.86 -8.22
C ARG A 513 -2.91 8.26 -7.04
N ILE A 514 -2.36 9.46 -7.13
CA ILE A 514 -1.57 10.01 -6.05
C ILE A 514 -2.53 10.87 -5.25
N PRO A 515 -2.54 10.69 -3.92
CA PRO A 515 -3.43 11.50 -3.09
C PRO A 515 -3.11 12.99 -3.20
N GLN A 516 -4.16 13.81 -3.17
CA GLN A 516 -4.02 15.22 -3.42
C GLN A 516 -3.00 15.89 -2.52
N GLU A 517 -2.98 15.54 -1.25
CA GLU A 517 -2.01 16.17 -0.36
C GLU A 517 -0.62 15.66 -0.70
N VAL A 518 -0.51 14.40 -1.11
CA VAL A 518 0.78 13.90 -1.53
C VAL A 518 1.29 14.71 -2.73
N VAL A 519 0.42 14.95 -3.72
CA VAL A 519 0.85 15.68 -4.92
C VAL A 519 1.40 17.02 -4.49
N TRP A 520 0.65 17.73 -3.66
CA TRP A 520 1.11 19.03 -3.20
C TRP A 520 2.42 18.94 -2.40
N ASP A 521 2.55 17.91 -1.57
CA ASP A 521 3.71 17.87 -0.68
C ASP A 521 4.97 17.66 -1.48
N LEU A 522 4.91 16.77 -2.45
CA LEU A 522 6.05 16.47 -3.27
C LEU A 522 6.39 17.71 -4.04
N LEU A 523 5.35 18.38 -4.55
CA LEU A 523 5.53 19.63 -5.29
C LEU A 523 6.14 20.71 -4.41
N GLU A 524 5.75 20.75 -3.13
CA GLU A 524 6.30 21.75 -2.22
C GLU A 524 7.78 21.51 -2.02
N GLU A 525 8.17 20.25 -2.02
CA GLU A 525 9.57 19.93 -1.87
C GLU A 525 10.36 20.39 -3.08
N THR A 526 9.76 20.34 -4.27
CA THR A 526 10.49 20.84 -5.44
C THR A 526 10.58 22.38 -5.45
N LEU A 527 9.53 23.06 -5.01
CA LEU A 527 9.61 24.52 -4.87
C LEU A 527 10.69 24.87 -3.87
N TRP A 528 10.79 24.07 -2.81
CA TRP A 528 11.74 24.39 -1.77
C TRP A 528 13.14 24.19 -2.31
N ALA A 529 13.30 23.20 -3.18
CA ALA A 529 14.60 22.96 -3.81
C ALA A 529 14.99 24.18 -4.64
N PHE A 530 14.03 24.69 -5.40
CA PHE A 530 14.25 25.91 -6.17
C PHE A 530 14.64 27.07 -5.22
N ARG A 531 13.85 27.25 -4.17
CA ARG A 531 14.13 28.28 -3.17
C ARG A 531 15.54 28.12 -2.62
N ARG A 532 15.95 26.90 -2.32
CA ARG A 532 17.31 26.65 -1.80
C ARG A 532 18.43 26.90 -2.81
N LYS A 533 18.12 26.95 -4.11
CA LYS A 533 19.20 27.15 -5.09
C LYS A 533 19.18 28.53 -5.70
N ALA A 534 17.98 29.07 -5.92
CA ALA A 534 17.81 30.37 -6.56
C ALA A 534 17.60 31.49 -5.57
N GLY A 535 17.37 31.15 -4.31
CA GLY A 535 17.09 32.17 -3.32
C GLY A 535 15.82 32.95 -3.60
N ARG A 536 14.84 32.28 -4.21
CA ARG A 536 13.58 32.91 -4.57
C ARG A 536 12.62 31.82 -5.03
N LEU A 537 11.37 32.20 -5.27
CA LEU A 537 10.39 31.27 -5.83
C LEU A 537 10.38 31.40 -7.34
N PRO A 538 10.00 30.34 -8.05
CA PRO A 538 9.88 30.41 -9.52
C PRO A 538 8.63 31.20 -9.93
N SER A 539 8.69 31.92 -11.05
CA SER A 539 7.48 32.59 -11.51
C SER A 539 6.47 31.60 -12.10
N ARG A 540 6.97 30.53 -12.68
CA ARG A 540 6.08 29.57 -13.32
C ARG A 540 6.61 28.13 -13.18
N VAL A 541 5.68 27.20 -12.94
CA VAL A 541 6.05 25.79 -12.83
C VAL A 541 5.41 25.00 -13.94
N LEU A 542 6.19 24.11 -14.54
CA LEU A 542 5.67 23.19 -15.53
C LEU A 542 5.49 21.79 -14.92
N LEU A 543 4.24 21.39 -14.71
CA LEU A 543 3.93 20.13 -14.04
C LEU A 543 3.65 19.04 -15.05
N LEU A 544 4.47 17.99 -15.05
CA LEU A 544 4.26 16.89 -15.98
C LEU A 544 3.81 15.62 -15.25
N ARG A 545 2.63 15.10 -15.59
CA ARG A 545 2.14 13.84 -15.03
C ARG A 545 2.25 12.71 -16.05
N ASP A 546 2.91 11.62 -15.68
CA ASP A 546 2.98 10.41 -16.52
C ASP A 546 1.58 9.82 -16.66
N GLY A 547 1.13 9.64 -17.90
CA GLY A 547 -0.19 9.12 -18.18
C GLY A 547 -1.30 10.14 -17.98
N ARG A 548 -2.51 9.64 -17.81
CA ARG A 548 -3.67 10.47 -17.52
C ARG A 548 -3.56 11.10 -16.11
N VAL A 549 -4.10 12.31 -15.96
CA VAL A 549 -4.20 12.95 -14.64
C VAL A 549 -5.55 12.55 -14.06
N PRO A 550 -5.58 11.55 -13.16
CA PRO A 550 -6.86 11.10 -12.57
C PRO A 550 -7.65 12.29 -12.03
N GLN A 551 -8.97 12.21 -12.12
CA GLN A 551 -9.84 13.35 -11.84
C GLN A 551 -9.54 14.05 -10.50
N ASP A 552 -9.15 15.33 -10.56
CA ASP A 552 -8.89 16.19 -9.37
C ASP A 552 -7.59 15.95 -8.59
N GLU A 553 -6.83 14.95 -9.03
CA GLU A 553 -5.53 14.61 -8.45
C GLU A 553 -4.65 15.81 -8.10
N PHE A 554 -4.71 16.88 -8.89
CA PHE A 554 -3.87 18.06 -8.68
C PHE A 554 -4.66 19.25 -8.15
N ALA A 555 -5.91 19.03 -7.74
CA ALA A 555 -6.77 20.14 -7.31
C ALA A 555 -6.12 20.94 -6.20
N LEU A 556 -5.77 20.26 -5.12
CA LEU A 556 -5.12 20.89 -3.98
C LEU A 556 -3.84 21.62 -4.38
N ALA A 557 -2.98 20.93 -5.13
CA ALA A 557 -1.70 21.50 -5.52
C ALA A 557 -1.86 22.80 -6.31
N LEU A 558 -2.80 22.78 -7.27
CA LEU A 558 -3.09 23.94 -8.10
C LEU A 558 -3.59 25.10 -7.26
N GLU A 559 -4.46 24.79 -6.29
CA GLU A 559 -4.95 25.80 -5.37
C GLU A 559 -3.81 26.36 -4.53
N ALA A 560 -2.87 25.51 -4.16
CA ALA A 560 -1.75 25.96 -3.35
C ALA A 560 -0.83 26.85 -4.16
N LEU A 561 -0.68 26.57 -5.45
CA LEU A 561 0.16 27.40 -6.31
C LEU A 561 -0.42 28.81 -6.47
N ALA A 562 -1.74 28.88 -6.66
CA ALA A 562 -2.44 30.16 -6.78
C ALA A 562 -2.19 31.04 -5.56
N ARG A 563 -2.36 30.44 -4.38
CA ARG A 563 -2.19 31.15 -3.14
C ARG A 563 -0.79 31.73 -2.97
N GLU A 564 0.22 31.04 -3.49
CA GLU A 564 1.59 31.54 -3.38
C GLU A 564 1.91 32.41 -4.59
N GLY A 565 0.93 32.53 -5.49
CA GLY A 565 1.10 33.33 -6.68
C GLY A 565 2.17 32.79 -7.61
N ILE A 566 2.14 31.49 -7.82
CA ILE A 566 3.03 30.84 -8.75
C ILE A 566 2.19 30.40 -9.95
N ALA A 567 2.58 30.77 -11.16
CA ALA A 567 1.74 30.32 -12.27
C ALA A 567 2.12 28.90 -12.50
N TYR A 568 1.29 28.18 -13.24
CA TYR A 568 1.56 26.79 -13.54
C TYR A 568 1.01 26.36 -14.90
N ASP A 569 1.49 25.22 -15.39
CA ASP A 569 0.83 24.48 -16.45
C ASP A 569 0.87 23.00 -16.12
N LEU A 570 -0.28 22.35 -16.13
CA LEU A 570 -0.36 20.91 -15.94
C LEU A 570 -0.51 20.27 -17.30
N VAL A 571 0.34 19.31 -17.61
CA VAL A 571 0.23 18.58 -18.86
C VAL A 571 0.25 17.07 -18.61
N SER A 572 -0.70 16.37 -19.20
CA SER A 572 -0.70 14.93 -19.12
C SER A 572 0.17 14.42 -20.27
N VAL A 573 1.02 13.45 -20.00
CA VAL A 573 1.92 12.98 -21.05
C VAL A 573 1.66 11.51 -21.27
N ARG A 574 1.10 11.18 -22.41
CA ARG A 574 0.68 9.80 -22.65
C ARG A 574 1.64 9.07 -23.54
N LYS A 575 2.18 7.97 -23.03
CA LYS A 575 3.15 7.15 -23.73
C LYS A 575 2.55 6.25 -24.83
N SER A 576 1.23 6.17 -24.89
CA SER A 576 0.56 5.42 -25.94
C SER A 576 -0.74 6.14 -26.23
N GLY A 577 -1.38 5.84 -27.37
CA GLY A 577 -2.62 6.49 -27.72
C GLY A 577 -2.44 7.62 -28.72
N GLY A 578 -1.19 7.88 -29.08
CA GLY A 578 -0.87 8.94 -30.01
C GLY A 578 -0.87 8.45 -31.43
N GLY A 579 -0.65 7.16 -31.61
CA GLY A 579 -0.68 6.57 -32.93
C GLY A 579 0.65 6.76 -33.62
N ARG A 580 0.62 6.84 -34.95
CA ARG A 580 1.85 7.03 -35.69
C ARG A 580 1.75 8.34 -36.47
N VAL A 581 2.90 8.85 -36.86
CA VAL A 581 2.98 10.05 -37.68
C VAL A 581 3.96 9.78 -38.81
N TYR A 582 3.54 10.04 -40.04
CA TYR A 582 4.44 9.86 -41.16
C TYR A 582 4.49 11.14 -41.98
N PRO A 583 5.68 11.46 -42.50
CA PRO A 583 5.85 12.64 -43.34
C PRO A 583 5.13 12.49 -44.69
N VAL A 584 4.36 13.49 -45.09
CA VAL A 584 3.75 13.50 -46.43
C VAL A 584 4.84 13.32 -47.48
N GLN A 585 5.85 14.18 -47.39
CA GLN A 585 7.01 14.08 -48.27
C GLN A 585 8.31 14.20 -47.51
N GLY A 586 9.30 13.40 -47.90
CA GLY A 586 10.65 13.60 -47.40
C GLY A 586 11.04 12.68 -46.26
N ARG A 587 11.68 13.24 -45.25
CA ARG A 587 12.11 12.42 -44.11
C ARG A 587 11.38 12.73 -42.81
N LEU A 588 11.44 11.74 -41.92
CA LEU A 588 10.88 11.82 -40.58
C LEU A 588 11.99 12.24 -39.62
N ALA A 589 11.74 13.33 -38.88
CA ALA A 589 12.71 13.84 -37.91
C ALA A 589 12.01 14.17 -36.60
N ASP A 590 12.77 14.37 -35.53
CA ASP A 590 12.24 14.79 -34.23
C ASP A 590 11.69 16.18 -34.24
N GLY A 591 11.30 16.62 -33.05
CA GLY A 591 10.89 17.98 -32.83
C GLY A 591 9.62 18.27 -33.57
N LEU A 592 8.86 17.21 -33.87
CA LEU A 592 7.58 17.35 -34.55
C LEU A 592 6.46 17.58 -33.53
N TYR A 593 5.61 18.55 -33.85
CA TYR A 593 4.55 18.99 -32.97
C TYR A 593 3.25 19.06 -33.78
N VAL A 594 2.24 18.30 -33.37
CA VAL A 594 1.02 18.18 -34.17
C VAL A 594 -0.23 18.51 -33.37
N PRO A 595 -0.72 19.74 -33.51
CA PRO A 595 -1.82 20.33 -32.73
C PRO A 595 -3.15 19.59 -32.56
N LEU A 596 -3.55 18.66 -33.43
CA LEU A 596 -4.78 17.86 -33.20
C LEU A 596 -5.99 18.63 -32.63
N GLU A 597 -6.68 18.01 -31.67
CA GLU A 597 -7.81 18.65 -30.99
C GLU A 597 -7.37 19.93 -30.28
N ASP A 598 -8.28 20.60 -29.59
CA ASP A 598 -7.81 21.73 -28.84
C ASP A 598 -7.33 21.27 -27.46
N LYS A 599 -6.24 21.89 -27.01
CA LYS A 599 -5.54 21.46 -25.78
C LYS A 599 -5.08 20.01 -25.83
N THR A 600 -4.88 19.48 -27.04
CA THR A 600 -4.36 18.12 -27.22
C THR A 600 -3.44 18.06 -28.42
N PHE A 601 -2.21 17.61 -28.23
CA PHE A 601 -1.29 17.52 -29.35
C PHE A 601 -0.38 16.29 -29.30
N LEU A 602 0.12 15.89 -30.47
CA LEU A 602 1.18 14.88 -30.52
C LEU A 602 2.53 15.61 -30.44
N LEU A 603 3.53 14.86 -30.03
CA LEU A 603 4.89 15.38 -29.93
C LEU A 603 5.82 14.22 -30.23
N LEU A 604 6.58 14.33 -31.31
CA LEU A 604 7.54 13.30 -31.65
C LEU A 604 8.87 13.81 -31.12
N THR A 605 9.41 13.13 -30.12
CA THR A 605 10.54 13.68 -29.35
C THR A 605 11.85 13.00 -29.71
N VAL A 606 11.78 11.76 -30.16
CA VAL A 606 13.00 11.04 -30.46
C VAL A 606 12.79 10.15 -31.66
N HIS A 607 13.83 10.00 -32.46
CA HIS A 607 13.79 9.13 -33.62
C HIS A 607 15.18 8.88 -34.14
N ARG A 608 15.42 7.62 -34.42
CA ARG A 608 16.66 7.17 -35.00
C ARG A 608 16.23 6.28 -36.12
N ASP A 609 16.76 6.55 -37.31
CA ASP A 609 16.46 5.75 -38.46
C ASP A 609 17.22 4.42 -38.41
N PHE A 610 17.04 3.67 -37.33
CA PHE A 610 17.63 2.33 -37.18
C PHE A 610 16.86 1.58 -36.12
N ARG A 611 16.41 2.29 -35.10
CA ARG A 611 15.32 1.79 -34.28
C ARG A 611 14.15 1.99 -35.21
N GLY A 612 13.05 1.30 -34.96
CA GLY A 612 11.98 1.24 -35.93
C GLY A 612 11.18 2.52 -35.99
N THR A 613 9.94 2.40 -36.42
CA THR A 613 9.04 3.52 -36.45
C THR A 613 8.91 4.07 -35.03
N PRO A 614 9.12 5.39 -34.88
CA PRO A 614 8.93 6.05 -33.60
C PRO A 614 7.46 6.12 -33.21
N ARG A 615 7.17 6.27 -31.91
CA ARG A 615 5.80 6.43 -31.42
C ARG A 615 5.67 7.76 -30.66
N PRO A 616 5.04 8.74 -31.32
CA PRO A 616 4.88 10.08 -30.73
C PRO A 616 4.14 10.04 -29.39
N LEU A 617 4.48 10.95 -28.49
CA LEU A 617 3.78 11.08 -27.23
C LEU A 617 2.47 11.75 -27.51
N LYS A 618 1.49 11.61 -26.61
CA LYS A 618 0.23 12.32 -26.77
C LYS A 618 0.09 13.17 -25.54
N LEU A 619 -0.24 14.43 -25.71
CA LEU A 619 -0.18 15.35 -24.58
C LEU A 619 -1.44 16.16 -24.46
N VAL A 620 -1.91 16.35 -23.24
CA VAL A 620 -3.10 17.14 -23.04
C VAL A 620 -2.76 18.25 -22.05
N HIS A 621 -3.17 19.47 -22.36
CA HIS A 621 -2.92 20.59 -21.49
C HIS A 621 -4.12 20.67 -20.56
N GLU A 622 -3.92 20.25 -19.31
CA GLU A 622 -5.06 20.08 -18.40
C GLU A 622 -5.43 21.35 -17.65
N ALA A 623 -4.42 22.15 -17.32
CA ALA A 623 -4.61 23.42 -16.65
C ALA A 623 -3.53 24.40 -17.11
N GLY A 624 -3.71 25.69 -16.84
CA GLY A 624 -2.77 26.69 -17.32
C GLY A 624 -3.12 27.36 -18.66
N ASP A 625 -2.46 28.47 -18.94
CA ASP A 625 -2.74 29.26 -20.14
C ASP A 625 -1.50 29.55 -20.99
N THR A 626 -0.48 28.69 -20.93
CA THR A 626 0.66 28.79 -21.84
C THR A 626 0.22 28.24 -23.19
N PRO A 627 0.58 28.91 -24.28
CA PRO A 627 0.28 28.41 -25.64
C PRO A 627 0.83 27.01 -25.85
N LEU A 628 0.05 26.10 -26.43
CA LEU A 628 0.53 24.73 -26.71
C LEU A 628 1.93 24.64 -27.32
N GLU A 629 2.23 25.52 -28.27
CA GLU A 629 3.51 25.46 -28.96
C GLU A 629 4.62 25.64 -27.92
N ALA A 630 4.41 26.57 -26.98
CA ALA A 630 5.41 26.77 -25.93
C ALA A 630 5.59 25.56 -24.98
N LEU A 631 4.50 24.87 -24.61
CA LEU A 631 4.64 23.67 -23.81
C LEU A 631 5.41 22.66 -24.62
N ALA A 632 5.07 22.55 -25.90
CA ALA A 632 5.67 21.55 -26.81
C ALA A 632 7.17 21.77 -26.96
N HIS A 633 7.55 23.03 -27.10
CA HIS A 633 8.95 23.44 -27.09
C HIS A 633 9.71 23.04 -25.79
N GLN A 634 9.16 23.39 -24.62
CA GLN A 634 9.87 23.13 -23.39
C GLN A 634 9.98 21.64 -23.11
N ILE A 635 8.87 20.92 -23.30
CA ILE A 635 8.90 19.48 -23.10
C ILE A 635 9.90 18.78 -24.03
N PHE A 636 9.83 19.09 -25.33
CA PHE A 636 10.78 18.52 -26.30
C PHE A 636 12.24 18.81 -25.92
N HIS A 637 12.51 20.01 -25.40
CA HIS A 637 13.86 20.32 -24.96
C HIS A 637 14.27 19.54 -23.71
N LEU A 638 13.36 19.46 -22.74
CA LEU A 638 13.62 18.74 -21.49
C LEU A 638 14.06 17.28 -21.77
N THR A 639 13.56 16.74 -22.87
CA THR A 639 13.95 15.44 -23.36
C THR A 639 15.48 15.28 -23.51
N ARG A 640 16.21 16.38 -23.66
CA ARG A 640 17.67 16.30 -23.88
C ARG A 640 18.50 16.49 -22.63
N LEU A 641 17.84 16.83 -21.53
CA LEU A 641 18.49 17.10 -20.25
C LEU A 641 19.03 15.87 -19.48
N TYR A 642 18.58 14.69 -19.84
CA TYR A 642 18.96 13.48 -19.11
C TYR A 642 20.47 13.23 -19.20
N PRO A 643 21.15 13.23 -18.05
CA PRO A 643 22.61 13.03 -17.95
C PRO A 643 23.12 11.59 -18.08
N ALA A 644 22.29 10.57 -17.87
CA ALA A 644 22.84 9.23 -17.70
C ALA A 644 22.77 8.40 -18.99
N SER A 645 22.28 8.99 -20.06
CA SER A 645 22.37 8.38 -21.37
C SER A 645 23.20 9.25 -22.30
N GLY A 646 24.44 8.83 -22.54
CA GLY A 646 25.41 9.59 -23.33
C GLY A 646 25.17 9.71 -24.83
N PHE A 647 24.41 8.79 -25.42
CA PHE A 647 24.30 8.69 -26.89
C PHE A 647 22.88 8.50 -27.39
N ALA A 648 21.91 8.52 -26.48
CA ALA A 648 20.52 8.45 -26.90
C ALA A 648 19.60 9.22 -25.92
N PHE A 649 18.85 10.18 -26.43
CA PHE A 649 17.93 10.90 -25.58
C PHE A 649 16.70 10.04 -25.31
N PRO A 650 16.15 10.15 -24.10
CA PRO A 650 14.91 9.45 -23.74
C PRO A 650 13.69 10.06 -24.42
N ARG A 651 12.69 9.22 -24.74
CA ARG A 651 11.45 9.73 -25.30
C ARG A 651 10.75 10.73 -24.36
N LEU A 652 10.85 10.51 -23.06
CA LEU A 652 10.18 11.36 -22.09
C LEU A 652 11.11 12.48 -21.65
N PRO A 653 10.54 13.66 -21.29
CA PRO A 653 11.33 14.78 -20.77
C PRO A 653 11.98 14.39 -19.48
N ALA A 654 13.13 15.00 -19.17
CA ALA A 654 13.96 14.55 -18.06
C ALA A 654 13.22 14.36 -16.70
N PRO A 655 12.41 15.35 -16.28
CA PRO A 655 11.69 15.19 -15.02
C PRO A 655 10.82 13.93 -14.94
N LEU A 656 10.19 13.57 -16.06
CA LEU A 656 9.31 12.41 -16.07
C LEU A 656 10.11 11.10 -16.08
N HIS A 657 11.19 11.08 -16.86
CA HIS A 657 12.06 9.92 -16.98
C HIS A 657 12.72 9.62 -15.63
N LEU A 658 13.17 10.68 -14.96
CA LEU A 658 13.79 10.52 -13.65
C LEU A 658 12.75 9.99 -12.64
N ALA A 659 11.62 10.69 -12.52
CA ALA A 659 10.48 10.27 -11.70
C ALA A 659 10.19 8.78 -11.86
N ASP A 660 10.04 8.36 -13.11
CA ASP A 660 9.83 6.96 -13.42
C ASP A 660 10.95 6.04 -12.96
N ARG A 661 12.21 6.40 -13.16
CA ARG A 661 13.29 5.58 -12.60
C ARG A 661 13.26 5.57 -11.05
N LEU A 662 13.06 6.74 -10.46
CA LEU A 662 12.96 6.86 -9.00
C LEU A 662 11.97 5.86 -8.37
N VAL A 663 10.69 5.95 -8.77
CA VAL A 663 9.68 5.08 -8.19
C VAL A 663 9.94 3.61 -8.58
N LYS A 664 10.56 3.38 -9.72
CA LYS A 664 10.87 2.02 -10.10
C LYS A 664 11.91 1.43 -9.15
N GLU A 665 12.89 2.24 -8.75
CA GLU A 665 13.93 1.76 -7.84
C GLU A 665 13.49 1.64 -6.38
N VAL A 666 12.72 2.62 -5.90
CA VAL A 666 12.17 2.55 -4.56
C VAL A 666 11.31 1.30 -4.47
N GLY A 667 10.47 1.09 -5.46
CA GLY A 667 9.62 -0.09 -5.49
C GLY A 667 10.37 -1.41 -5.50
N ARG A 668 11.64 -1.33 -5.88
CA ARG A 668 12.48 -2.50 -6.00
C ARG A 668 13.34 -2.71 -4.74
N LEU A 669 13.85 -1.64 -4.13
CA LEU A 669 14.75 -1.77 -3.00
C LEU A 669 14.03 -1.49 -1.70
N GLY A 670 12.93 -0.75 -1.79
CA GLY A 670 12.28 -0.26 -0.59
C GLY A 670 12.68 1.17 -0.28
N ILE A 671 11.84 1.87 0.47
CA ILE A 671 12.02 3.29 0.73
C ILE A 671 12.88 3.51 1.96
N ARG A 672 13.03 2.45 2.76
CA ARG A 672 13.61 2.55 4.10
C ARG A 672 15.11 2.88 4.07
N HIS A 673 15.69 2.82 2.89
CA HIS A 673 17.14 2.97 2.72
C HIS A 673 17.56 4.41 2.46
N LEU A 674 16.58 5.29 2.23
CA LEU A 674 16.87 6.56 1.59
C LEU A 674 17.07 7.76 2.52
N LYS A 675 17.09 7.55 3.83
CA LYS A 675 17.12 8.69 4.75
C LYS A 675 18.34 9.59 4.55
N GLU A 676 19.51 8.98 4.50
CA GLU A 676 20.76 9.73 4.43
C GLU A 676 21.32 9.94 3.02
N VAL A 677 20.46 9.97 1.99
CA VAL A 677 20.94 10.12 0.63
C VAL A 677 20.57 11.51 0.10
N ASP A 678 21.55 12.33 -0.26
CA ASP A 678 21.27 13.68 -0.77
C ASP A 678 20.36 13.68 -1.99
N ARG A 679 19.34 14.54 -1.96
CA ARG A 679 18.44 14.71 -3.08
C ARG A 679 19.08 15.12 -4.41
N GLU A 680 20.23 15.77 -4.38
CA GLU A 680 20.91 16.14 -5.65
C GLU A 680 21.53 14.92 -6.32
N LYS A 681 21.73 13.86 -5.54
CA LYS A 681 22.37 12.65 -6.04
C LYS A 681 21.33 11.70 -6.62
N LEU A 682 21.39 11.52 -7.93
CA LEU A 682 20.39 10.76 -8.67
C LEU A 682 20.73 9.27 -8.56
N PHE A 683 20.43 8.70 -7.40
CA PHE A 683 20.87 7.34 -7.06
C PHE A 683 20.32 6.25 -7.97
N PHE A 684 19.16 6.53 -8.55
CA PHE A 684 18.36 5.56 -9.27
C PHE A 684 18.58 5.54 -10.78
N VAL A 685 19.59 6.23 -11.31
CA VAL A 685 19.79 6.20 -12.76
C VAL A 685 20.66 5.01 -13.16
N HIS D 3 15.68 -14.69 42.86
CA HIS D 3 14.53 -15.48 42.45
C HIS D 3 13.34 -15.25 43.39
N LEU D 4 12.40 -14.38 43.02
CA LEU D 4 11.32 -14.03 43.96
C LEU D 4 10.24 -15.11 44.10
N GLY D 5 9.50 -15.00 45.20
CA GLY D 5 8.63 -16.07 45.67
C GLY D 5 7.30 -16.30 44.98
N LYS D 6 6.86 -17.55 45.01
CA LYS D 6 5.70 -17.95 44.27
C LYS D 6 4.40 -17.71 45.03
N THR D 7 3.31 -17.90 44.33
CA THR D 7 1.98 -17.67 44.85
C THR D 7 1.12 -18.35 43.84
N GLU D 8 -0.15 -18.54 44.17
CA GLU D 8 -1.05 -19.28 43.30
C GLU D 8 -2.10 -18.30 42.79
N VAL D 9 -2.47 -18.46 41.51
CA VAL D 9 -3.54 -17.65 40.91
C VAL D 9 -4.66 -18.52 40.35
N PHE D 10 -5.85 -17.95 40.27
CA PHE D 10 -6.93 -18.55 39.52
C PHE D 10 -6.94 -17.98 38.11
N LEU D 11 -6.86 -18.85 37.10
CA LEU D 11 -7.18 -18.45 35.72
C LEU D 11 -8.70 -18.42 35.56
N ASN D 12 -9.19 -17.82 34.48
CA ASN D 12 -10.63 -17.84 34.22
C ASN D 12 -11.06 -19.06 33.39
N ARG D 13 -10.30 -20.15 33.51
CA ARG D 13 -10.70 -21.43 32.92
C ARG D 13 -11.33 -22.26 34.01
N PHE D 14 -12.02 -23.33 33.63
CA PHE D 14 -12.63 -24.26 34.60
C PHE D 14 -12.50 -25.69 34.11
N ALA D 15 -12.29 -26.61 35.04
CA ALA D 15 -12.19 -28.01 34.68
C ALA D 15 -13.58 -28.60 34.80
N LEU D 16 -14.04 -29.27 33.75
CA LEU D 16 -15.33 -29.93 33.75
C LEU D 16 -15.15 -31.42 33.67
N ARG D 17 -16.22 -32.15 33.35
CA ARG D 17 -16.16 -33.60 33.37
C ARG D 17 -15.22 -34.13 32.29
N PRO D 18 -14.69 -35.34 32.52
CA PRO D 18 -13.97 -36.07 31.48
C PRO D 18 -14.91 -36.40 30.34
N LEU D 19 -14.38 -36.46 29.13
CA LEU D 19 -15.16 -36.91 27.99
C LEU D 19 -15.47 -38.38 28.24
N ASN D 20 -16.66 -38.81 27.83
CA ASN D 20 -17.08 -40.20 27.99
C ASN D 20 -16.55 -41.11 26.86
N PRO D 21 -16.63 -42.44 27.04
CA PRO D 21 -16.12 -43.36 26.01
C PRO D 21 -16.61 -43.04 24.61
N GLU D 22 -17.89 -42.70 24.50
CA GLU D 22 -18.53 -42.40 23.21
C GLU D 22 -17.90 -41.19 22.53
N GLU D 23 -17.75 -40.09 23.27
CA GLU D 23 -17.14 -38.86 22.74
C GLU D 23 -15.73 -39.06 22.22
N LEU D 24 -14.95 -39.92 22.90
CA LEU D 24 -13.59 -40.19 22.49
C LEU D 24 -13.56 -40.92 21.15
N ARG D 25 -14.70 -41.47 20.73
CA ARG D 25 -14.81 -42.19 19.46
C ARG D 25 -15.89 -41.60 18.54
N PRO D 26 -15.68 -40.38 18.03
CA PRO D 26 -16.72 -39.75 17.20
C PRO D 26 -17.05 -40.57 15.96
N TRP D 27 -18.15 -40.23 15.30
CA TRP D 27 -18.51 -40.89 14.05
C TRP D 27 -17.87 -40.14 12.88
N ARG D 28 -17.35 -40.88 11.89
CA ARG D 28 -16.81 -40.22 10.71
C ARG D 28 -17.75 -40.35 9.52
N LEU D 29 -17.91 -39.25 8.79
CA LEU D 29 -18.73 -39.28 7.61
C LEU D 29 -17.97 -38.65 6.45
N GLU D 30 -18.06 -39.25 5.28
CA GLU D 30 -17.53 -38.60 4.10
C GLU D 30 -18.63 -37.76 3.45
N VAL D 31 -18.20 -36.77 2.66
CA VAL D 31 -19.10 -35.82 2.04
C VAL D 31 -19.05 -35.95 0.52
N VAL D 32 -20.23 -36.05 -0.10
CA VAL D 32 -20.33 -35.89 -1.54
C VAL D 32 -21.13 -34.62 -1.83
N LEU D 33 -20.61 -33.81 -2.75
CA LEU D 33 -21.30 -32.60 -3.17
C LEU D 33 -21.53 -32.64 -4.67
N ASP D 34 -22.65 -32.06 -5.10
CA ASP D 34 -22.93 -31.86 -6.52
C ASP D 34 -23.52 -30.47 -6.64
N PRO D 35 -22.82 -29.53 -7.32
CA PRO D 35 -21.57 -29.69 -8.09
C PRO D 35 -20.31 -29.98 -7.22
N PRO D 36 -19.19 -30.40 -7.85
CA PRO D 36 -17.98 -30.57 -7.04
C PRO D 36 -17.44 -29.21 -6.62
N PRO D 37 -16.78 -29.14 -5.46
CA PRO D 37 -16.30 -27.86 -4.93
C PRO D 37 -15.00 -27.37 -5.61
N GLY D 38 -14.89 -26.07 -5.85
CA GLY D 38 -13.78 -25.52 -6.61
C GLY D 38 -12.44 -25.42 -5.90
N ARG D 39 -12.09 -26.43 -5.10
CA ARG D 39 -10.78 -26.53 -4.43
C ARG D 39 -10.36 -25.34 -3.52
N GLU D 40 -10.71 -24.12 -3.91
CA GLU D 40 -10.47 -22.96 -3.06
C GLU D 40 -11.67 -22.77 -2.14
N GLU D 41 -12.85 -23.10 -2.65
CA GLU D 41 -14.08 -23.00 -1.89
C GLU D 41 -14.57 -24.38 -1.49
N VAL D 42 -13.91 -24.97 -0.50
CA VAL D 42 -14.23 -26.34 -0.09
C VAL D 42 -14.20 -26.51 1.44
N TYR D 43 -13.23 -25.87 2.09
CA TYR D 43 -13.17 -25.85 3.55
C TYR D 43 -14.30 -25.03 4.18
N PRO D 44 -14.63 -23.86 3.60
CA PRO D 44 -15.86 -23.20 4.03
C PRO D 44 -17.13 -24.02 3.75
N LEU D 45 -17.08 -24.82 2.69
CA LEU D 45 -18.21 -25.64 2.28
C LEU D 45 -18.46 -26.77 3.31
N LEU D 46 -17.42 -27.53 3.62
CA LEU D 46 -17.49 -28.56 4.66
C LEU D 46 -17.98 -27.97 5.97
N ALA D 47 -17.66 -26.70 6.20
CA ALA D 47 -18.16 -26.02 7.38
C ALA D 47 -19.68 -25.91 7.31
N GLN D 48 -20.20 -25.64 6.12
CA GLN D 48 -21.63 -25.45 5.89
C GLN D 48 -22.41 -26.78 6.00
N VAL D 49 -21.86 -27.83 5.40
CA VAL D 49 -22.47 -29.15 5.50
C VAL D 49 -22.50 -29.62 6.95
N ALA D 50 -21.41 -29.34 7.69
CA ALA D 50 -21.34 -29.70 9.09
C ALA D 50 -22.44 -29.00 9.92
N ARG D 51 -22.83 -27.80 9.51
CA ARG D 51 -23.89 -27.09 10.23
C ARG D 51 -25.25 -27.60 9.80
N ARG D 52 -25.43 -27.80 8.50
CA ARG D 52 -26.71 -28.25 7.97
C ARG D 52 -27.00 -29.72 8.30
N ALA D 53 -25.95 -30.48 8.59
CA ALA D 53 -26.13 -31.87 9.02
C ALA D 53 -26.96 -31.95 10.30
N GLY D 54 -26.80 -30.95 11.16
CA GLY D 54 -27.42 -30.98 12.47
C GLY D 54 -26.43 -31.53 13.47
N GLY D 55 -26.92 -31.77 14.69
CA GLY D 55 -26.14 -32.34 15.77
C GLY D 55 -24.85 -31.60 16.11
N VAL D 56 -24.03 -32.21 16.96
CA VAL D 56 -22.69 -31.71 17.19
C VAL D 56 -21.76 -32.32 16.14
N THR D 57 -21.54 -31.58 15.06
CA THR D 57 -20.80 -32.11 13.92
C THR D 57 -19.85 -31.05 13.36
N VAL D 58 -18.59 -31.42 13.19
CA VAL D 58 -17.57 -30.48 12.71
C VAL D 58 -16.77 -31.03 11.54
N ARG D 59 -15.99 -30.17 10.89
CA ARG D 59 -15.04 -30.60 9.86
C ARG D 59 -13.86 -31.39 10.47
N MET D 60 -13.50 -32.50 9.84
CA MET D 60 -12.34 -33.27 10.24
C MET D 60 -11.57 -33.67 8.98
N GLY D 61 -10.62 -32.82 8.62
CA GLY D 61 -9.81 -33.01 7.42
C GLY D 61 -10.65 -33.05 6.17
N ASP D 62 -10.75 -34.22 5.58
CA ASP D 62 -11.50 -34.40 4.33
C ASP D 62 -13.02 -34.44 4.56
N GLY D 63 -13.46 -34.97 5.70
CA GLY D 63 -14.88 -35.10 5.97
C GLY D 63 -15.35 -34.50 7.29
N LEU D 64 -16.30 -35.17 7.93
CA LEU D 64 -16.85 -34.67 9.18
C LEU D 64 -16.75 -35.67 10.33
N ALA D 65 -16.71 -35.16 11.55
CA ALA D 65 -16.78 -35.98 12.76
C ALA D 65 -18.01 -35.56 13.56
N SER D 66 -18.78 -36.53 14.02
CA SER D 66 -20.02 -36.22 14.73
C SER D 66 -20.11 -36.91 16.09
N TRP D 67 -20.78 -36.23 17.01
CA TRP D 67 -21.11 -36.78 18.32
C TRP D 67 -22.58 -37.25 18.34
N SER D 68 -23.27 -37.04 17.21
CA SER D 68 -24.58 -37.64 16.97
C SER D 68 -24.38 -38.81 16.03
N PRO D 69 -25.20 -39.86 16.18
CA PRO D 69 -25.13 -40.94 15.19
C PRO D 69 -25.66 -40.44 13.86
N PRO D 70 -25.18 -41.01 12.74
CA PRO D 70 -25.55 -40.55 11.40
C PRO D 70 -27.05 -40.59 11.19
N GLU D 71 -27.70 -41.60 11.79
CA GLU D 71 -29.12 -41.82 11.54
C GLU D 71 -30.02 -40.69 12.06
N VAL D 72 -29.53 -39.92 13.02
CA VAL D 72 -30.24 -38.71 13.44
C VAL D 72 -29.58 -37.41 12.94
N LEU D 73 -28.87 -37.49 11.81
CA LEU D 73 -28.36 -36.27 11.17
C LEU D 73 -29.16 -36.03 9.89
N VAL D 74 -29.20 -34.78 9.44
CA VAL D 74 -29.78 -34.48 8.13
C VAL D 74 -28.75 -34.88 7.07
N LEU D 75 -28.67 -36.19 6.80
CA LEU D 75 -27.64 -36.74 5.93
C LEU D 75 -27.68 -36.31 4.47
N GLU D 76 -28.87 -35.95 3.98
CA GLU D 76 -29.02 -35.46 2.60
C GLU D 76 -29.76 -34.11 2.57
N GLY D 77 -29.23 -33.14 1.83
CA GLY D 77 -29.89 -31.86 1.72
C GLY D 77 -29.34 -30.89 0.68
N THR D 78 -29.83 -29.65 0.73
CA THR D 78 -29.39 -28.58 -0.16
C THR D 78 -28.67 -27.51 0.66
N LEU D 79 -27.64 -26.90 0.08
CA LEU D 79 -26.81 -25.95 0.79
C LEU D 79 -27.43 -24.56 0.91
N THR D 85 -21.78 -24.50 -4.38
CA THR D 85 -22.21 -25.89 -4.42
C THR D 85 -23.42 -26.17 -3.51
N TYR D 86 -24.38 -26.95 -4.02
CA TYR D 86 -25.74 -26.95 -3.50
C TYR D 86 -26.21 -28.26 -2.83
N ALA D 87 -26.07 -29.39 -3.51
CA ALA D 87 -26.59 -30.67 -3.00
C ALA D 87 -25.54 -31.44 -2.20
N TYR D 88 -25.90 -31.89 -0.99
CA TYR D 88 -24.98 -32.70 -0.19
C TYR D 88 -25.59 -34.05 0.23
N ARG D 89 -24.77 -35.10 0.24
CA ARG D 89 -25.15 -36.36 0.85
C ARG D 89 -23.98 -36.92 1.69
N LEU D 90 -24.29 -37.46 2.87
CA LEU D 90 -23.24 -37.85 3.80
C LEU D 90 -23.22 -39.36 4.07
N TYR D 91 -22.04 -39.97 4.07
CA TYR D 91 -21.94 -41.41 4.21
C TYR D 91 -21.16 -41.83 5.45
N PRO D 92 -21.83 -42.48 6.41
CA PRO D 92 -21.19 -43.06 7.59
C PRO D 92 -20.01 -43.93 7.18
N LYS D 93 -18.87 -43.77 7.86
CA LYS D 93 -17.68 -44.56 7.58
C LYS D 93 -17.11 -45.07 8.91
N GLY D 94 -17.99 -45.36 9.87
CA GLY D 94 -17.57 -45.89 11.16
C GLY D 94 -17.17 -44.84 12.20
N ARG D 95 -16.52 -45.29 13.26
CA ARG D 95 -16.10 -44.39 14.33
C ARG D 95 -14.59 -44.40 14.55
N ARG D 96 -14.00 -43.21 14.69
CA ARG D 96 -12.56 -43.06 14.88
C ARG D 96 -12.21 -42.62 16.30
N PRO D 97 -11.52 -43.50 17.05
CA PRO D 97 -11.02 -43.14 18.38
C PRO D 97 -10.07 -41.95 18.26
N LEU D 98 -10.09 -41.06 19.25
CA LEU D 98 -9.16 -39.91 19.27
C LEU D 98 -8.39 -39.85 20.60
N ASP D 99 -7.09 -39.61 20.49
CA ASP D 99 -6.21 -39.55 21.64
C ASP D 99 -5.91 -38.08 21.91
N PRO D 100 -6.40 -37.55 23.04
CA PRO D 100 -6.27 -36.13 23.38
C PRO D 100 -4.81 -35.70 23.55
N LYS D 101 -3.93 -36.66 23.82
CA LYS D 101 -2.49 -36.44 23.86
C LYS D 101 -1.93 -36.05 22.48
N ASP D 102 -2.65 -36.42 21.42
CA ASP D 102 -2.28 -36.04 20.07
C ASP D 102 -2.91 -34.70 19.70
N PRO D 103 -2.07 -33.67 19.50
CA PRO D 103 -2.53 -32.29 19.28
C PRO D 103 -3.45 -32.13 18.07
N GLY D 104 -3.28 -32.99 17.08
CA GLY D 104 -4.14 -32.95 15.92
C GLY D 104 -5.50 -33.49 16.29
N GLU D 105 -5.51 -34.70 16.85
CA GLU D 105 -6.75 -35.33 17.29
C GLU D 105 -7.46 -34.51 18.38
N ARG D 106 -6.68 -33.96 19.32
CA ARG D 106 -7.23 -33.05 20.33
C ARG D 106 -7.92 -31.88 19.65
N SER D 107 -7.35 -31.39 18.56
CA SER D 107 -7.87 -30.23 17.85
C SER D 107 -9.31 -30.45 17.41
N VAL D 108 -9.62 -31.69 17.06
CA VAL D 108 -10.94 -32.07 16.54
C VAL D 108 -11.93 -32.32 17.68
N LEU D 109 -11.48 -32.96 18.76
CA LEU D 109 -12.28 -33.04 19.97
C LEU D 109 -12.73 -31.63 20.39
N SER D 110 -11.82 -30.67 20.28
CA SER D 110 -12.11 -29.33 20.76
C SER D 110 -13.12 -28.64 19.87
N ALA D 111 -13.04 -28.92 18.57
CA ALA D 111 -13.96 -28.33 17.61
C ALA D 111 -15.36 -28.81 17.94
N LEU D 112 -15.46 -30.09 18.30
CA LEU D 112 -16.70 -30.72 18.73
C LEU D 112 -17.29 -30.06 19.99
N ALA D 113 -16.47 -29.94 21.03
CA ALA D 113 -16.82 -29.23 22.27
C ALA D 113 -17.40 -27.83 22.06
N ARG D 114 -16.79 -27.06 21.16
CA ARG D 114 -17.30 -25.73 20.85
C ARG D 114 -18.69 -25.85 20.25
N ARG D 115 -18.86 -26.82 19.37
CA ARG D 115 -20.15 -26.98 18.73
C ARG D 115 -21.18 -27.43 19.76
N LEU D 116 -20.78 -28.38 20.62
CA LEU D 116 -21.62 -28.83 21.72
C LEU D 116 -22.07 -27.66 22.58
N LEU D 117 -21.14 -26.75 22.85
CA LEU D 117 -21.43 -25.61 23.70
C LEU D 117 -22.45 -24.70 23.02
N GLN D 118 -22.20 -24.36 21.76
CA GLN D 118 -23.11 -23.51 21.02
C GLN D 118 -24.50 -24.16 20.91
N GLU D 119 -24.54 -25.40 20.45
CA GLU D 119 -25.77 -26.17 20.42
C GLU D 119 -26.53 -26.19 21.76
N ARG D 120 -25.90 -26.64 22.82
CA ARG D 120 -26.59 -26.70 24.11
C ARG D 120 -26.94 -25.32 24.69
N LEU D 121 -26.27 -24.27 24.21
CA LEU D 121 -26.64 -22.90 24.54
C LEU D 121 -27.88 -22.46 23.77
N ARG D 122 -27.99 -22.88 22.52
CA ARG D 122 -29.16 -22.59 21.69
C ARG D 122 -30.45 -23.06 22.38
N ARG D 123 -30.46 -24.31 22.85
CA ARG D 123 -31.66 -24.91 23.43
C ARG D 123 -32.13 -24.30 24.78
N LEU D 124 -31.47 -23.25 25.24
CA LEU D 124 -31.91 -22.58 26.47
C LEU D 124 -32.93 -21.46 26.23
N GLU D 125 -33.43 -20.94 27.34
CA GLU D 125 -34.46 -19.91 27.36
C GLU D 125 -34.49 -19.34 28.78
N GLY D 126 -34.74 -18.04 28.92
CA GLY D 126 -34.87 -17.12 27.81
C GLY D 126 -33.65 -16.22 27.81
N VAL D 127 -32.65 -16.61 27.02
CA VAL D 127 -31.35 -15.97 27.07
C VAL D 127 -30.84 -15.56 25.69
N TRP D 128 -30.46 -14.30 25.54
CA TRP D 128 -29.91 -13.81 24.27
C TRP D 128 -28.52 -14.41 23.98
N VAL D 129 -28.40 -15.09 22.85
CA VAL D 129 -27.19 -15.85 22.52
C VAL D 129 -26.58 -15.48 21.17
N GLU D 130 -25.31 -15.07 21.18
CA GLU D 130 -24.57 -14.79 19.94
C GLU D 130 -23.27 -15.57 19.87
N GLY D 131 -23.21 -16.55 18.98
CA GLY D 131 -22.05 -17.43 18.87
C GLY D 131 -21.74 -18.06 20.21
N LEU D 132 -20.47 -18.02 20.59
CA LEU D 132 -20.07 -18.50 21.91
C LEU D 132 -20.18 -17.42 22.98
N ALA D 133 -21.28 -16.67 22.96
CA ALA D 133 -21.53 -15.73 24.04
C ALA D 133 -22.93 -15.96 24.56
N VAL D 134 -23.18 -15.60 25.81
CA VAL D 134 -24.52 -15.71 26.36
C VAL D 134 -24.81 -14.55 27.29
N TYR D 135 -25.94 -13.90 27.05
CA TYR D 135 -26.34 -12.76 27.85
C TYR D 135 -27.63 -13.15 28.56
N ARG D 136 -27.72 -12.84 29.86
CA ARG D 136 -28.70 -13.49 30.72
C ARG D 136 -29.47 -12.52 31.59
N ARG D 137 -29.09 -11.26 31.56
CA ARG D 137 -29.76 -10.25 32.38
C ARG D 137 -29.77 -8.90 31.67
N GLU D 138 -30.32 -7.90 32.34
CA GLU D 138 -30.41 -6.59 31.72
C GLU D 138 -29.75 -5.56 32.61
N HIS D 139 -28.58 -5.07 32.16
CA HIS D 139 -27.79 -4.11 32.92
C HIS D 139 -28.47 -2.75 32.89
N ALA D 140 -28.64 -2.23 31.69
CA ALA D 140 -29.28 -0.94 31.48
C ALA D 140 -30.20 -1.00 30.28
N ARG D 141 -31.19 -0.10 30.24
CA ARG D 141 -32.03 0.07 29.05
C ARG D 141 -32.27 1.54 28.80
N GLY D 142 -32.85 1.83 27.63
CA GLY D 142 -33.30 3.16 27.31
C GLY D 142 -34.38 3.01 26.25
N PRO D 143 -35.23 4.03 26.09
CA PRO D 143 -36.25 3.95 25.05
C PRO D 143 -35.64 3.70 23.65
N GLY D 144 -35.59 2.44 23.25
CA GLY D 144 -35.04 2.06 21.96
C GLY D 144 -33.89 1.09 22.03
N TRP D 145 -33.11 1.19 23.11
CA TRP D 145 -31.87 0.41 23.25
C TRP D 145 -31.79 -0.33 24.59
N ARG D 146 -31.01 -1.40 24.60
CA ARG D 146 -30.74 -2.09 25.86
C ARG D 146 -29.34 -2.71 25.87
N VAL D 147 -28.68 -2.64 27.02
CA VAL D 147 -27.39 -3.27 27.21
C VAL D 147 -27.60 -4.53 28.05
N LEU D 148 -27.20 -5.68 27.50
CA LEU D 148 -27.37 -6.94 28.20
C LEU D 148 -26.05 -7.34 28.84
N GLY D 149 -26.13 -8.07 29.95
CA GLY D 149 -24.95 -8.51 30.66
C GLY D 149 -24.89 -10.02 30.71
N GLY D 150 -23.82 -10.58 30.15
CA GLY D 150 -23.64 -12.01 30.16
C GLY D 150 -22.17 -12.36 30.28
N ALA D 151 -21.70 -13.23 29.38
CA ALA D 151 -20.29 -13.59 29.34
C ALA D 151 -19.93 -14.29 28.04
N VAL D 152 -18.66 -14.19 27.67
CA VAL D 152 -18.16 -14.86 26.49
C VAL D 152 -17.55 -16.16 26.94
N LEU D 153 -17.82 -17.24 26.22
CA LEU D 153 -17.36 -18.56 26.61
C LEU D 153 -16.53 -19.20 25.53
N ASP D 154 -15.74 -20.18 25.93
CA ASP D 154 -15.19 -21.11 24.96
C ASP D 154 -15.13 -22.44 25.70
N LEU D 155 -15.02 -23.54 24.96
CA LEU D 155 -15.00 -24.84 25.58
C LEU D 155 -14.13 -25.72 24.71
N TRP D 156 -13.17 -26.41 25.30
CA TRP D 156 -12.30 -27.26 24.50
C TRP D 156 -11.88 -28.47 25.31
N VAL D 157 -11.02 -29.31 24.74
CA VAL D 157 -10.61 -30.51 25.42
C VAL D 157 -9.13 -30.45 25.82
N SER D 158 -8.86 -30.64 27.11
CA SER D 158 -7.52 -30.83 27.66
C SER D 158 -6.91 -32.12 27.13
N ASP D 159 -5.69 -32.43 27.56
CA ASP D 159 -5.07 -33.66 27.08
C ASP D 159 -5.22 -34.79 28.08
N SER D 160 -5.86 -34.50 29.20
CA SER D 160 -6.29 -35.56 30.12
C SER D 160 -7.60 -36.16 29.59
N GLY D 161 -8.19 -35.47 28.62
CA GLY D 161 -9.42 -35.92 28.00
C GLY D 161 -10.65 -35.43 28.76
N ALA D 162 -10.60 -34.19 29.22
CA ALA D 162 -11.72 -33.60 29.92
C ALA D 162 -12.02 -32.21 29.38
N PHE D 163 -13.23 -31.73 29.60
CA PHE D 163 -13.62 -30.42 29.09
C PHE D 163 -12.97 -29.31 29.90
N LEU D 164 -12.76 -28.18 29.23
CA LEU D 164 -12.29 -26.95 29.86
C LEU D 164 -13.17 -25.82 29.37
N LEU D 165 -13.78 -25.13 30.32
CA LEU D 165 -14.67 -24.03 30.04
C LEU D 165 -13.96 -22.72 30.33
N GLU D 166 -14.05 -21.77 29.41
CA GLU D 166 -13.48 -20.46 29.65
C GLU D 166 -14.60 -19.43 29.69
N VAL D 167 -14.58 -18.58 30.71
CA VAL D 167 -15.69 -17.67 30.95
C VAL D 167 -15.11 -16.28 31.15
N ASP D 168 -15.70 -15.26 30.51
CA ASP D 168 -15.34 -13.86 30.81
C ASP D 168 -16.54 -12.95 30.58
N PRO D 169 -17.11 -12.42 31.68
CA PRO D 169 -18.23 -11.46 31.63
C PRO D 169 -18.13 -10.44 30.50
N ALA D 170 -19.27 -10.07 29.94
CA ALA D 170 -19.32 -9.17 28.79
C ALA D 170 -20.67 -8.47 28.71
N TYR D 171 -20.67 -7.21 28.27
CA TYR D 171 -21.93 -6.55 27.98
C TYR D 171 -22.18 -6.50 26.49
N ARG D 172 -23.45 -6.36 26.12
CA ARG D 172 -23.83 -6.28 24.72
C ARG D 172 -24.82 -5.14 24.49
N ILE D 173 -24.49 -4.25 23.54
CA ILE D 173 -25.34 -3.11 23.22
C ILE D 173 -26.22 -3.35 21.99
N LEU D 174 -27.54 -3.30 22.19
CA LEU D 174 -28.50 -3.64 21.14
C LEU D 174 -29.49 -2.53 20.79
N CYS D 175 -29.70 -2.30 19.50
CA CYS D 175 -30.76 -1.40 19.04
C CYS D 175 -31.96 -2.24 18.61
N GLU D 176 -33.15 -1.92 19.13
CA GLU D 176 -34.35 -2.69 18.80
C GLU D 176 -35.29 -1.92 17.88
N MET D 177 -34.83 -0.76 17.40
CA MET D 177 -35.64 0.13 16.58
C MET D 177 -35.01 0.45 15.23
N SER D 178 -35.86 0.77 14.25
CA SER D 178 -35.40 1.24 12.95
C SER D 178 -34.77 2.62 13.12
N LEU D 179 -34.06 3.08 12.09
CA LEU D 179 -33.44 4.39 12.17
C LEU D 179 -34.49 5.49 12.25
N GLU D 180 -35.62 5.29 11.57
CA GLU D 180 -36.75 6.22 11.68
C GLU D 180 -37.31 6.24 13.10
N ALA D 181 -37.62 5.06 13.64
CA ALA D 181 -38.14 4.96 15.01
C ALA D 181 -37.11 5.48 16.02
N TRP D 182 -35.83 5.25 15.72
CA TRP D 182 -34.75 5.76 16.56
C TRP D 182 -34.73 7.27 16.59
N LEU D 183 -34.75 7.90 15.42
CA LEU D 183 -34.74 9.36 15.38
C LEU D 183 -36.09 9.92 15.84
N ALA D 184 -37.11 9.06 15.84
CA ALA D 184 -38.41 9.40 16.40
C ALA D 184 -38.41 9.26 17.92
N GLN D 185 -37.34 9.76 18.55
CA GLN D 185 -37.14 9.69 19.99
C GLN D 185 -36.37 10.91 20.43
N GLY D 186 -35.66 11.50 19.47
CA GLY D 186 -34.86 12.67 19.75
C GLY D 186 -33.38 12.35 19.69
N HIS D 187 -33.06 11.05 19.82
CA HIS D 187 -31.68 10.57 19.76
C HIS D 187 -31.03 11.11 18.51
N PRO D 188 -29.75 11.55 18.61
CA PRO D 188 -29.06 12.16 17.46
C PRO D 188 -28.72 11.14 16.38
N LEU D 189 -27.86 11.55 15.45
CA LEU D 189 -27.43 10.70 14.35
C LEU D 189 -26.40 9.69 14.81
N PRO D 190 -26.76 8.38 14.80
CA PRO D 190 -25.78 7.33 15.07
C PRO D 190 -24.73 7.39 13.99
N LYS D 191 -23.45 7.31 14.33
CA LYS D 191 -22.40 7.49 13.33
C LYS D 191 -22.29 6.28 12.41
N ARG D 192 -22.96 5.19 12.80
CA ARG D 192 -22.96 3.96 12.01
C ARG D 192 -24.34 3.29 12.00
N VAL D 193 -24.64 2.66 10.86
CA VAL D 193 -25.95 2.11 10.58
C VAL D 193 -25.78 0.81 9.79
N ARG D 194 -26.79 -0.05 9.81
CA ARG D 194 -26.74 -1.35 9.13
C ARG D 194 -28.04 -1.61 8.36
N ASN D 195 -27.94 -2.22 7.18
CA ASN D 195 -29.13 -2.64 6.43
C ASN D 195 -29.98 -3.59 7.28
N ALA D 196 -31.30 -3.49 7.19
CA ALA D 196 -32.17 -4.38 7.97
C ALA D 196 -32.37 -5.74 7.31
N TYR D 197 -31.71 -5.92 6.16
CA TYR D 197 -31.89 -7.11 5.33
C TYR D 197 -30.62 -7.97 5.20
N ASP D 198 -29.46 -7.35 5.39
CA ASP D 198 -28.22 -8.10 5.56
C ASP D 198 -27.34 -7.49 6.64
N ARG D 199 -26.19 -8.10 6.90
CA ARG D 199 -25.34 -7.67 8.01
C ARG D 199 -24.41 -6.55 7.63
N ARG D 200 -24.56 -6.03 6.41
CA ARG D 200 -23.69 -4.95 5.94
C ARG D 200 -24.00 -3.62 6.65
N THR D 201 -22.94 -2.93 7.07
CA THR D 201 -23.10 -1.65 7.76
C THR D 201 -22.57 -0.48 6.92
N TRP D 202 -23.15 0.69 7.16
CA TRP D 202 -22.71 1.91 6.46
C TRP D 202 -22.35 3.00 7.46
N GLU D 203 -21.44 3.88 7.07
CA GLU D 203 -21.20 5.10 7.82
C GLU D 203 -22.24 6.12 7.41
N LEU D 204 -23.02 6.60 8.37
CA LEU D 204 -24.04 7.62 8.07
C LEU D 204 -23.42 9.01 7.89
N LEU D 205 -23.79 9.70 6.81
CA LEU D 205 -23.26 11.02 6.49
C LEU D 205 -24.21 12.14 6.87
N ARG D 206 -25.48 11.97 6.51
CA ARG D 206 -26.52 12.97 6.76
C ARG D 206 -27.89 12.43 6.37
N LEU D 207 -28.90 13.30 6.43
CA LEU D 207 -30.14 13.03 5.74
C LEU D 207 -30.18 13.91 4.48
N GLY D 208 -31.10 13.60 3.57
CA GLY D 208 -31.25 14.40 2.38
C GLY D 208 -32.69 14.85 2.20
N GLU D 209 -32.87 16.01 1.61
CA GLU D 209 -34.21 16.53 1.35
C GLU D 209 -34.92 15.74 0.26
N GLU D 210 -34.13 15.04 -0.56
CA GLU D 210 -34.60 14.38 -1.78
C GLU D 210 -35.84 13.49 -1.63
N ASP D 211 -36.46 13.16 -2.76
CA ASP D 211 -37.63 12.30 -2.79
C ASP D 211 -37.22 10.88 -3.18
N PRO D 212 -37.56 9.89 -2.32
CA PRO D 212 -37.31 8.48 -2.62
C PRO D 212 -37.89 8.06 -3.97
N LYS D 213 -39.12 8.48 -4.24
CA LYS D 213 -39.82 8.18 -5.50
C LYS D 213 -38.99 8.57 -6.72
N GLU D 214 -38.42 9.78 -6.70
CA GLU D 214 -37.60 10.24 -7.82
C GLU D 214 -36.17 10.55 -7.43
N LEU D 215 -35.28 9.58 -7.66
CA LEU D 215 -33.87 9.74 -7.40
C LEU D 215 -33.08 8.81 -8.31
N PRO D 216 -32.49 9.36 -9.38
CA PRO D 216 -31.78 8.52 -10.35
C PRO D 216 -30.65 7.69 -9.73
N LEU D 217 -30.94 6.41 -9.42
CA LEU D 217 -29.90 5.46 -9.08
C LEU D 217 -29.22 5.08 -10.37
N PRO D 218 -27.90 4.89 -10.32
CA PRO D 218 -27.14 4.44 -11.50
C PRO D 218 -27.81 3.24 -12.15
N GLY D 219 -28.12 3.36 -13.44
CA GLY D 219 -28.82 2.29 -14.14
C GLY D 219 -30.22 2.65 -14.62
N GLY D 220 -30.92 3.50 -13.89
CA GLY D 220 -32.21 3.95 -14.34
C GLY D 220 -33.25 3.96 -13.24
N LEU D 221 -33.20 2.95 -12.38
CA LEU D 221 -34.13 2.83 -11.26
C LEU D 221 -34.01 4.04 -10.32
N SER D 222 -35.04 4.23 -9.50
CA SER D 222 -34.97 5.21 -8.43
C SER D 222 -34.62 4.50 -7.13
N LEU D 223 -34.62 5.23 -6.02
CA LEU D 223 -34.32 4.65 -4.72
C LEU D 223 -35.40 3.65 -4.31
N LEU D 224 -36.66 4.09 -4.36
CA LEU D 224 -37.74 3.30 -3.78
C LEU D 224 -38.07 2.02 -4.53
N ASP D 225 -38.15 2.11 -5.85
CA ASP D 225 -38.50 0.94 -6.66
C ASP D 225 -37.37 -0.08 -6.61
N TYR D 226 -36.13 0.40 -6.53
CA TYR D 226 -34.97 -0.48 -6.46
C TYR D 226 -35.03 -1.41 -5.25
N HIS D 227 -35.24 -0.83 -4.07
CA HIS D 227 -35.40 -1.63 -2.87
C HIS D 227 -36.71 -2.43 -2.93
N ALA D 228 -37.77 -1.82 -3.44
CA ALA D 228 -39.06 -2.48 -3.52
C ALA D 228 -39.02 -3.70 -4.44
N SER D 229 -38.26 -3.59 -5.54
CA SER D 229 -38.12 -4.69 -6.50
C SER D 229 -37.37 -5.89 -5.89
N LYS D 230 -36.88 -5.72 -4.66
CA LYS D 230 -36.16 -6.77 -3.98
C LYS D 230 -36.93 -7.26 -2.76
N GLY D 231 -38.14 -6.73 -2.57
CA GLY D 231 -39.00 -7.14 -1.46
C GLY D 231 -38.55 -6.59 -0.13
N ARG D 232 -37.68 -5.58 -0.18
CA ARG D 232 -37.12 -4.97 1.02
C ARG D 232 -38.17 -4.14 1.75
N LEU D 233 -39.13 -3.61 1.00
CA LEU D 233 -40.21 -2.82 1.57
C LEU D 233 -41.45 -3.66 1.80
N GLN D 234 -41.36 -4.93 1.42
CA GLN D 234 -42.40 -5.90 1.72
C GLN D 234 -42.40 -6.15 3.24
N GLY D 235 -43.25 -5.41 3.96
CA GLY D 235 -43.34 -5.53 5.41
C GLY D 235 -42.77 -4.35 6.17
N ARG D 236 -42.31 -3.32 5.44
CA ARG D 236 -41.68 -2.17 6.05
C ARG D 236 -42.24 -0.85 5.49
N GLU D 237 -41.58 0.25 5.82
CA GLU D 237 -41.91 1.55 5.27
C GLU D 237 -40.61 2.22 4.85
N GLY D 238 -40.60 2.78 3.65
CA GLY D 238 -39.38 3.35 3.09
C GLY D 238 -38.77 4.45 3.94
N GLY D 239 -39.60 5.18 4.67
CA GLY D 239 -39.13 6.32 5.45
C GLY D 239 -38.53 7.43 4.58
N ARG D 240 -37.42 7.98 5.01
CA ARG D 240 -36.86 9.17 4.39
C ARG D 240 -35.51 8.86 3.76
N VAL D 241 -34.97 9.79 2.97
CA VAL D 241 -33.72 9.53 2.26
C VAL D 241 -32.54 9.67 3.18
N ALA D 242 -31.69 8.65 3.20
CA ALA D 242 -30.48 8.69 4.02
C ALA D 242 -29.24 8.71 3.13
N TRP D 243 -28.25 9.54 3.47
CA TRP D 243 -27.01 9.51 2.71
C TRP D 243 -25.88 8.84 3.50
N VAL D 244 -25.33 7.77 2.94
CA VAL D 244 -24.34 6.96 3.64
C VAL D 244 -23.01 6.94 2.91
N ALA D 245 -22.01 6.31 3.51
CA ALA D 245 -20.65 6.44 2.99
C ALA D 245 -20.03 5.16 2.46
N ASP D 246 -19.15 5.36 1.48
CA ASP D 246 -18.38 4.31 0.85
C ASP D 246 -17.80 3.31 1.85
N PRO D 247 -18.09 2.01 1.64
CA PRO D 247 -17.33 1.02 2.41
C PRO D 247 -15.94 0.84 1.80
N LYS D 248 -15.86 0.87 0.46
CA LYS D 248 -14.59 0.68 -0.26
C LYS D 248 -14.24 1.79 -1.27
N ASP D 249 -14.39 3.04 -0.85
CA ASP D 249 -13.97 4.21 -1.63
C ASP D 249 -13.95 5.48 -0.78
N PRO D 250 -13.71 6.64 -1.41
CA PRO D 250 -13.67 7.90 -0.67
C PRO D 250 -14.02 9.12 -1.53
N ARG D 251 -15.00 8.96 -2.41
CA ARG D 251 -15.50 10.07 -3.23
C ARG D 251 -16.91 9.78 -3.75
N LYS D 252 -17.76 9.24 -2.86
CA LYS D 252 -19.11 8.84 -3.26
C LYS D 252 -20.04 8.55 -2.08
N PRO D 253 -20.73 9.58 -1.57
CA PRO D 253 -21.91 9.30 -0.74
C PRO D 253 -22.98 8.50 -1.53
N ILE D 254 -23.82 7.75 -0.82
CA ILE D 254 -24.75 6.82 -1.44
C ILE D 254 -26.15 6.97 -0.83
N PRO D 255 -27.19 7.08 -1.66
CA PRO D 255 -28.53 7.20 -1.10
C PRO D 255 -29.01 5.91 -0.43
N HIS D 256 -29.84 6.05 0.59
CA HIS D 256 -30.46 4.93 1.26
C HIS D 256 -31.78 5.35 1.90
N LEU D 257 -32.46 4.39 2.52
CA LEU D 257 -33.76 4.64 3.13
C LEU D 257 -33.74 4.41 4.63
N THR D 258 -33.98 5.49 5.37
CA THR D 258 -34.11 5.44 6.82
C THR D 258 -34.92 4.24 7.32
N GLY D 259 -36.01 3.91 6.63
CA GLY D 259 -36.87 2.83 7.10
C GLY D 259 -36.29 1.45 6.85
N LEU D 260 -35.20 1.41 6.10
CA LEU D 260 -34.53 0.16 5.79
C LEU D 260 -33.26 0.00 6.63
N LEU D 261 -32.99 1.00 7.47
CA LEU D 261 -31.75 1.02 8.22
C LEU D 261 -31.93 0.87 9.74
N VAL D 262 -30.92 0.29 10.38
CA VAL D 262 -30.89 0.15 11.83
C VAL D 262 -29.57 0.76 12.33
N PRO D 263 -29.62 1.54 13.42
CA PRO D 263 -28.38 2.13 13.95
C PRO D 263 -27.51 1.04 14.59
N VAL D 264 -26.19 1.15 14.45
CA VAL D 264 -25.28 0.29 15.19
C VAL D 264 -24.75 1.12 16.34
N LEU D 265 -25.23 0.80 17.54
CA LEU D 265 -25.02 1.66 18.70
C LEU D 265 -23.65 1.51 19.37
N THR D 266 -23.01 2.64 19.66
CA THR D 266 -21.73 2.68 20.34
C THR D 266 -21.87 3.56 21.57
N LEU D 267 -20.84 3.63 22.42
CA LEU D 267 -20.92 4.46 23.64
C LEU D 267 -21.19 5.93 23.32
N GLU D 268 -20.66 6.39 22.19
CA GLU D 268 -20.80 7.76 21.71
C GLU D 268 -22.25 8.09 21.35
N ASP D 269 -23.10 7.07 21.29
CA ASP D 269 -24.50 7.25 20.93
C ASP D 269 -25.45 7.22 22.13
N LEU D 270 -24.92 7.46 23.33
CA LEU D 270 -25.76 7.41 24.54
C LEU D 270 -25.29 8.41 25.58
N SER D 276 -22.17 7.80 32.36
CA SER D 276 -23.39 7.40 33.04
C SER D 276 -23.51 5.88 33.17
N LEU D 277 -22.74 5.15 32.36
CA LEU D 277 -22.72 3.68 32.40
C LEU D 277 -21.33 3.12 32.06
N ALA D 278 -20.56 2.78 33.09
CA ALA D 278 -19.26 2.15 32.89
C ALA D 278 -19.42 0.64 32.77
N LEU D 279 -18.76 0.07 31.77
CA LEU D 279 -18.93 -1.33 31.48
C LEU D 279 -17.68 -2.14 31.87
N SER D 280 -16.72 -1.47 32.50
CA SER D 280 -15.57 -2.18 33.05
C SER D 280 -15.91 -2.64 34.48
N LEU D 281 -15.47 -3.83 34.84
CA LEU D 281 -15.70 -4.34 36.19
C LEU D 281 -14.44 -4.31 37.05
N PRO D 282 -14.58 -3.86 38.31
CA PRO D 282 -13.51 -4.05 39.31
C PRO D 282 -13.14 -5.54 39.39
N TRP D 283 -11.86 -5.86 39.53
CA TRP D 283 -11.43 -7.25 39.41
C TRP D 283 -12.16 -8.25 40.32
N GLU D 284 -12.53 -7.83 41.54
CA GLU D 284 -13.19 -8.74 42.47
C GLU D 284 -14.60 -9.09 42.00
N GLU D 285 -15.26 -8.08 41.45
CA GLU D 285 -16.58 -8.22 40.83
C GLU D 285 -16.57 -9.18 39.62
N ARG D 286 -15.68 -8.93 38.67
CA ARG D 286 -15.53 -9.83 37.52
C ARG D 286 -15.22 -11.26 37.97
N ARG D 287 -14.38 -11.39 39.00
CA ARG D 287 -13.96 -12.68 39.52
C ARG D 287 -15.14 -13.52 39.97
N ARG D 288 -15.97 -12.95 40.85
CA ARG D 288 -17.13 -13.68 41.35
C ARG D 288 -18.08 -13.99 40.20
N ARG D 289 -18.35 -12.95 39.41
CA ARG D 289 -19.30 -13.02 38.32
C ARG D 289 -18.88 -14.14 37.37
N THR D 290 -17.58 -14.25 37.11
CA THR D 290 -17.06 -15.36 36.32
C THR D 290 -17.41 -16.70 36.93
N ARG D 291 -17.32 -16.78 38.25
CA ARG D 291 -17.49 -18.04 38.95
C ARG D 291 -18.96 -18.44 39.00
N GLU D 292 -19.85 -17.46 39.20
CA GLU D 292 -21.29 -17.69 39.12
C GLU D 292 -21.65 -18.36 37.79
N ILE D 293 -21.40 -17.63 36.71
CA ILE D 293 -21.71 -18.07 35.35
C ILE D 293 -21.12 -19.44 35.02
N ALA D 294 -19.90 -19.72 35.49
CA ALA D 294 -19.28 -21.04 35.27
C ALA D 294 -20.05 -22.17 35.99
N SER D 295 -20.48 -21.90 37.22
CA SER D 295 -21.25 -22.88 37.95
C SER D 295 -22.63 -23.05 37.28
N TRP D 296 -23.14 -21.95 36.74
CA TRP D 296 -24.42 -22.01 36.05
C TRP D 296 -24.35 -22.82 34.75
N ILE D 297 -23.42 -22.46 33.88
CA ILE D 297 -23.19 -23.18 32.64
C ILE D 297 -23.02 -24.69 32.87
N GLY D 298 -22.10 -25.05 33.77
CA GLY D 298 -21.72 -26.44 33.98
C GLY D 298 -22.88 -27.28 34.46
N ARG D 299 -23.77 -26.65 35.22
CA ARG D 299 -25.03 -27.25 35.63
C ARG D 299 -25.98 -27.49 34.46
N ARG D 300 -26.28 -26.44 33.69
CA ARG D 300 -27.22 -26.54 32.55
C ARG D 300 -26.79 -27.48 31.43
N LEU D 301 -25.50 -27.64 31.21
CA LEU D 301 -25.07 -28.46 30.08
C LEU D 301 -24.75 -29.90 30.49
N GLY D 302 -24.90 -30.20 31.79
CA GLY D 302 -24.60 -31.52 32.29
C GLY D 302 -23.15 -31.85 32.02
N LEU D 303 -22.28 -30.90 32.38
CA LEU D 303 -20.85 -31.08 32.22
C LEU D 303 -20.17 -31.14 33.60
N GLY D 304 -20.96 -31.15 34.66
CA GLY D 304 -20.43 -31.36 36.00
C GLY D 304 -20.20 -30.05 36.71
N THR D 305 -19.59 -30.12 37.89
CA THR D 305 -19.25 -28.95 38.68
C THR D 305 -17.83 -28.47 38.32
N PRO D 306 -17.70 -27.20 37.94
CA PRO D 306 -16.41 -26.61 37.52
C PRO D 306 -15.40 -26.36 38.66
N GLU D 307 -14.23 -27.00 38.58
CA GLU D 307 -13.11 -26.69 39.46
C GLU D 307 -12.24 -25.64 38.77
N ALA D 308 -12.30 -24.39 39.25
CA ALA D 308 -11.47 -23.33 38.66
C ALA D 308 -10.01 -23.77 38.63
N VAL D 309 -9.34 -23.59 37.49
CA VAL D 309 -7.97 -24.07 37.40
C VAL D 309 -7.03 -23.10 38.07
N ARG D 310 -6.02 -23.66 38.73
CA ARG D 310 -5.05 -22.89 39.49
C ARG D 310 -3.69 -22.95 38.80
N ALA D 311 -2.93 -21.87 38.92
CA ALA D 311 -1.60 -21.86 38.33
C ALA D 311 -0.58 -21.23 39.27
N GLN D 312 0.64 -21.77 39.24
CA GLN D 312 1.76 -21.19 39.96
C GLN D 312 2.13 -19.85 39.33
N ALA D 313 2.08 -18.78 40.10
CA ALA D 313 2.54 -17.47 39.64
C ALA D 313 3.77 -17.03 40.43
N TYR D 314 4.65 -16.28 39.79
CA TYR D 314 5.82 -15.75 40.47
C TYR D 314 5.87 -14.21 40.38
N ARG D 315 6.05 -13.55 41.53
CA ARG D 315 6.11 -12.11 41.53
C ARG D 315 7.49 -11.59 41.12
N LEU D 316 7.54 -10.64 40.18
CA LEU D 316 8.82 -10.08 39.78
C LEU D 316 9.27 -8.89 40.66
N SER D 317 10.55 -8.56 40.57
CA SER D 317 11.09 -7.46 41.36
C SER D 317 10.57 -6.11 40.86
N ILE D 318 10.28 -5.21 41.79
CA ILE D 318 9.85 -3.86 41.46
C ILE D 318 10.94 -3.20 40.62
N PRO D 319 10.59 -2.75 39.41
CA PRO D 319 11.58 -2.12 38.52
C PRO D 319 12.03 -0.78 39.09
N LYS D 320 13.31 -0.43 38.99
CA LYS D 320 13.83 0.82 39.50
C LYS D 320 14.00 1.91 38.42
N LEU D 321 12.99 2.77 38.26
CA LEU D 321 13.04 3.90 37.33
C LEU D 321 14.04 4.99 37.77
N MET D 322 14.91 5.40 36.86
CA MET D 322 15.93 6.40 37.17
C MET D 322 15.72 7.68 36.35
N GLY D 323 15.47 8.78 37.06
CA GLY D 323 15.61 10.10 36.46
C GLY D 323 17.07 10.47 36.63
N ARG D 324 17.34 11.69 37.07
CA ARG D 324 18.69 12.03 37.51
C ARG D 324 18.93 11.41 38.89
N ARG D 325 17.87 11.36 39.67
CA ARG D 325 17.80 10.57 40.90
C ARG D 325 16.70 9.56 40.64
N ALA D 326 16.44 8.68 41.62
CA ALA D 326 15.42 7.66 41.40
C ALA D 326 14.05 8.31 41.45
N VAL D 327 13.13 7.79 40.65
CA VAL D 327 11.77 8.28 40.59
C VAL D 327 10.81 7.10 40.57
N SER D 328 9.55 7.39 40.87
CA SER D 328 8.52 6.37 40.86
C SER D 328 7.61 6.48 39.63
N LYS D 329 7.78 7.55 38.87
CA LYS D 329 7.02 7.79 37.63
C LYS D 329 7.82 8.80 36.80
N PRO D 330 7.69 8.74 35.46
CA PRO D 330 8.45 9.65 34.61
C PRO D 330 8.21 11.14 34.90
N ALA D 331 7.00 11.54 35.27
CA ALA D 331 6.75 12.96 35.52
C ALA D 331 7.65 13.56 36.63
N ASP D 332 7.98 12.77 37.64
CA ASP D 332 8.88 13.22 38.71
C ASP D 332 10.24 13.72 38.19
N ALA D 333 10.63 13.29 36.99
CA ALA D 333 11.89 13.74 36.38
C ALA D 333 11.86 15.23 36.12
N LEU D 334 10.65 15.79 36.04
CA LEU D 334 10.47 17.22 35.85
C LEU D 334 10.87 18.01 37.09
N ARG D 335 10.80 17.36 38.26
CA ARG D 335 11.16 17.99 39.53
C ARG D 335 12.58 17.66 39.94
N VAL D 336 13.06 16.51 39.49
CA VAL D 336 14.26 15.92 40.02
C VAL D 336 15.39 15.98 39.01
N GLY D 337 15.01 16.13 37.74
CA GLY D 337 16.00 16.10 36.68
C GLY D 337 15.93 14.85 35.82
N PHE D 338 16.43 14.97 34.60
CA PHE D 338 16.39 13.88 33.64
C PHE D 338 17.58 12.96 33.73
N TYR D 339 17.43 11.79 33.14
CA TYR D 339 18.51 10.82 33.12
C TYR D 339 19.72 11.37 32.39
N ARG D 340 19.48 11.94 31.22
CA ARG D 340 20.56 12.54 30.45
C ARG D 340 20.07 13.74 29.63
N ALA D 341 20.30 14.93 30.18
CA ALA D 341 19.98 16.17 29.49
C ALA D 341 21.17 16.66 28.67
N GLN D 342 20.91 17.25 27.51
CA GLN D 342 21.95 17.97 26.80
C GLN D 342 21.54 19.43 26.76
N GLU D 343 22.39 20.27 26.21
CA GLU D 343 21.98 21.64 25.93
C GLU D 343 20.84 21.57 24.89
N THR D 344 19.67 22.10 25.24
CA THR D 344 18.53 22.01 24.33
C THR D 344 17.80 23.32 24.11
N ALA D 345 17.21 23.45 22.92
CA ALA D 345 16.45 24.62 22.50
C ALA D 345 15.03 24.22 22.05
N LEU D 346 14.01 24.85 22.62
CA LEU D 346 12.61 24.61 22.24
C LEU D 346 11.96 25.88 21.73
N ALA D 347 11.08 25.77 20.73
CA ALA D 347 10.35 26.96 20.25
C ALA D 347 8.85 26.86 20.53
N LEU D 348 8.19 28.00 20.59
CA LEU D 348 6.76 28.01 20.90
C LEU D 348 6.00 28.54 19.70
N LEU D 349 4.91 27.88 19.37
CA LEU D 349 4.06 28.33 18.28
C LEU D 349 2.65 28.46 18.83
N ARG D 350 2.11 29.67 18.79
CA ARG D 350 0.77 29.87 19.28
C ARG D 350 -0.22 30.09 18.14
N LEU D 351 -1.24 29.24 18.11
CA LEU D 351 -2.28 29.37 17.11
C LEU D 351 -3.51 30.04 17.73
N ASP D 352 -3.37 30.46 18.99
CA ASP D 352 -4.48 31.12 19.67
C ASP D 352 -4.44 32.64 19.54
N GLY D 353 -3.44 33.16 18.83
CA GLY D 353 -3.29 34.60 18.67
C GLY D 353 -2.62 35.29 19.84
N ALA D 354 -2.47 34.57 20.97
CA ALA D 354 -1.79 35.10 22.17
C ALA D 354 -0.27 35.13 21.98
N GLN D 355 0.46 35.70 22.92
CA GLN D 355 1.93 35.76 22.80
C GLN D 355 2.67 35.28 24.04
N GLY D 356 3.86 34.74 23.81
CA GLY D 356 4.74 34.35 24.89
C GLY D 356 4.38 33.04 25.55
N TRP D 357 5.37 32.49 26.26
CA TRP D 357 5.21 31.27 27.02
C TRP D 357 4.43 31.54 28.30
N PRO D 358 3.35 30.78 28.56
CA PRO D 358 2.71 30.86 29.88
C PRO D 358 3.77 30.66 30.96
N GLU D 359 3.78 31.53 31.96
CA GLU D 359 4.88 31.57 32.91
C GLU D 359 5.09 30.24 33.60
N PHE D 360 3.99 29.52 33.88
CA PHE D 360 4.09 28.25 34.59
C PHE D 360 4.74 27.14 33.75
N LEU D 361 4.64 27.21 32.43
CA LEU D 361 5.39 26.28 31.58
C LEU D 361 6.86 26.69 31.52
N ARG D 362 7.12 27.99 31.48
CA ARG D 362 8.49 28.49 31.52
C ARG D 362 9.24 28.02 32.81
N ARG D 363 8.55 28.14 33.95
CA ARG D 363 9.13 27.76 35.24
C ARG D 363 9.43 26.27 35.27
N ALA D 364 8.40 25.47 34.99
CA ALA D 364 8.55 24.01 35.07
C ALA D 364 9.77 23.55 34.30
N LEU D 365 9.91 24.04 33.07
CA LEU D 365 11.05 23.67 32.25
C LEU D 365 12.36 24.12 32.87
N LEU D 366 12.36 25.32 33.43
CA LEU D 366 13.56 25.86 34.06
C LEU D 366 13.97 25.05 35.29
N ARG D 367 12.99 24.75 36.13
CA ARG D 367 13.17 23.80 37.25
C ARG D 367 13.76 22.45 36.77
N ALA D 368 13.15 21.86 35.75
CA ALA D 368 13.62 20.57 35.24
C ALA D 368 15.07 20.60 34.75
N PHE D 369 15.42 21.61 33.94
CA PHE D 369 16.77 21.72 33.38
C PHE D 369 17.85 22.16 34.37
N GLY D 370 17.42 22.84 35.43
CA GLY D 370 18.31 23.27 36.48
C GLY D 370 18.72 22.07 37.30
N ALA D 371 17.75 21.26 37.65
CA ALA D 371 18.02 20.02 38.35
C ALA D 371 18.93 19.10 37.53
N SER D 372 19.00 19.32 36.22
CA SER D 372 19.77 18.43 35.34
C SER D 372 21.10 19.03 34.95
N GLY D 373 21.40 20.21 35.48
CA GLY D 373 22.59 20.95 35.08
C GLY D 373 22.80 21.01 33.56
N ALA D 374 21.79 21.47 32.83
CA ALA D 374 21.90 21.63 31.39
C ALA D 374 21.13 22.87 30.94
N SER D 375 21.68 23.59 29.97
CA SER D 375 21.12 24.90 29.58
C SER D 375 19.97 24.76 28.61
N LEU D 376 19.02 25.68 28.73
CA LEU D 376 17.81 25.68 27.94
C LEU D 376 17.60 27.07 27.31
N ARG D 377 17.29 27.11 26.02
CA ARG D 377 16.90 28.36 25.36
C ARG D 377 15.47 28.22 24.86
N LEU D 378 14.63 29.20 25.16
CA LEU D 378 13.26 29.17 24.68
C LEU D 378 13.08 30.15 23.52
N HIS D 379 12.55 29.69 22.41
CA HIS D 379 12.27 30.58 21.29
C HIS D 379 10.78 30.76 21.15
N THR D 380 10.38 31.78 20.41
CA THR D 380 8.99 31.90 20.01
C THR D 380 9.01 32.07 18.52
N LEU D 381 8.18 31.29 17.84
CA LEU D 381 8.02 31.41 16.40
C LEU D 381 7.05 32.52 16.13
N HIS D 382 7.58 33.63 15.63
CA HIS D 382 6.74 34.73 15.20
C HIS D 382 6.37 34.47 13.76
N ALA D 383 5.60 33.41 13.55
CA ALA D 383 5.12 33.05 12.23
C ALA D 383 3.84 32.28 12.45
N HIS D 384 3.08 32.11 11.39
CA HIS D 384 1.80 31.40 11.48
C HIS D 384 1.64 30.64 10.18
N PRO D 385 1.04 29.44 10.23
CA PRO D 385 0.85 28.60 9.03
C PRO D 385 0.17 29.31 7.86
N SER D 386 -0.79 30.19 8.14
CA SER D 386 -1.52 30.78 7.02
C SER D 386 -0.67 31.77 6.20
N GLN D 387 0.59 31.96 6.59
CA GLN D 387 1.52 32.68 5.73
C GLN D 387 1.93 31.83 4.53
N GLY D 388 1.59 30.54 4.55
CA GLY D 388 2.06 29.65 3.50
C GLY D 388 3.57 29.52 3.60
N LEU D 389 4.26 29.44 2.47
CA LEU D 389 5.68 29.10 2.45
C LEU D 389 6.58 29.96 3.34
N ALA D 390 6.19 31.21 3.63
CA ALA D 390 6.99 32.03 4.54
C ALA D 390 7.06 31.36 5.92
N PHE D 391 6.02 30.59 6.24
CA PHE D 391 5.99 29.86 7.50
C PHE D 391 7.03 28.73 7.52
N ARG D 392 7.19 28.02 6.40
CA ARG D 392 8.23 27.00 6.28
C ARG D 392 9.58 27.63 6.45
N GLU D 393 9.74 28.81 5.85
CA GLU D 393 11.02 29.50 5.90
C GLU D 393 11.35 29.85 7.34
N ALA D 394 10.34 30.31 8.10
CA ALA D 394 10.52 30.60 9.51
C ALA D 394 10.98 29.36 10.26
N LEU D 395 10.34 28.22 9.96
CA LEU D 395 10.74 26.95 10.53
C LEU D 395 12.18 26.62 10.17
N ARG D 396 12.55 26.75 8.88
CA ARG D 396 13.91 26.42 8.46
C ARG D 396 14.95 27.20 9.27
N LYS D 397 14.70 28.49 9.47
CA LYS D 397 15.56 29.32 10.30
C LYS D 397 15.64 28.82 11.74
N ALA D 398 14.51 28.39 12.29
CA ALA D 398 14.46 27.97 13.68
C ALA D 398 15.31 26.71 13.89
N LYS D 399 15.21 25.77 12.96
CA LYS D 399 16.07 24.60 12.96
C LYS D 399 17.50 25.08 12.86
N GLU D 400 17.72 26.06 11.99
CA GLU D 400 19.06 26.56 11.75
C GLU D 400 19.67 27.16 13.04
N GLU D 401 18.85 27.81 13.85
CA GLU D 401 19.29 28.39 15.11
C GLU D 401 19.32 27.39 16.26
N GLY D 402 19.03 26.13 15.97
CA GLY D 402 19.16 25.07 16.98
C GLY D 402 17.90 24.59 17.69
N VAL D 403 16.74 25.16 17.37
CA VAL D 403 15.51 24.64 17.95
C VAL D 403 15.39 23.16 17.61
N GLN D 404 15.01 22.35 18.59
CA GLN D 404 15.00 20.91 18.39
C GLN D 404 13.60 20.32 18.32
N ALA D 405 12.64 20.95 19.00
CA ALA D 405 11.23 20.51 19.01
C ALA D 405 10.34 21.72 19.28
N VAL D 406 9.10 21.72 18.81
CA VAL D 406 8.25 22.88 19.05
C VAL D 406 6.95 22.58 19.75
N LEU D 407 6.66 23.36 20.79
CA LEU D 407 5.40 23.29 21.49
C LEU D 407 4.35 24.10 20.74
N VAL D 408 3.17 23.51 20.54
CA VAL D 408 2.09 24.17 19.80
C VAL D 408 0.88 24.35 20.69
N LEU D 409 0.53 25.60 20.96
CA LEU D 409 -0.64 25.91 21.77
C LEU D 409 -1.78 26.26 20.82
N THR D 410 -2.90 25.56 20.94
CA THR D 410 -3.96 25.74 19.98
C THR D 410 -5.28 25.19 20.48
N PRO D 411 -6.39 25.76 19.99
CA PRO D 411 -7.67 25.09 20.16
C PRO D 411 -7.59 23.70 19.54
N PRO D 412 -8.39 22.78 20.06
CA PRO D 412 -8.51 21.43 19.52
C PRO D 412 -8.66 21.49 18.02
N MET D 413 -7.77 20.86 17.28
CA MET D 413 -7.78 20.96 15.82
C MET D 413 -8.54 19.81 15.20
N ALA D 414 -8.92 19.99 13.95
CA ALA D 414 -9.41 18.88 13.16
C ALA D 414 -8.23 18.00 12.76
N TRP D 415 -8.47 16.70 12.67
CA TRP D 415 -7.42 15.79 12.25
C TRP D 415 -6.68 16.19 10.97
N GLU D 416 -7.40 16.70 9.97
CA GLU D 416 -6.75 17.14 8.75
C GLU D 416 -5.71 18.23 9.03
N ASP D 417 -6.07 19.23 9.82
CA ASP D 417 -5.16 20.35 10.07
C ASP D 417 -4.04 19.94 11.00
N ARG D 418 -4.38 19.22 12.06
CA ARG D 418 -3.39 18.61 12.93
C ARG D 418 -2.33 17.92 12.08
N ASN D 419 -2.78 16.91 11.34
CA ASN D 419 -1.91 16.14 10.47
C ASN D 419 -1.01 16.96 9.53
N ARG D 420 -1.61 17.90 8.81
CA ARG D 420 -0.83 18.75 7.91
C ARG D 420 0.25 19.56 8.65
N LEU D 421 -0.12 20.21 9.76
CA LEU D 421 0.84 20.95 10.56
C LEU D 421 2.02 20.07 11.06
N LYS D 422 1.69 18.93 11.67
CA LYS D 422 2.75 18.04 12.17
C LYS D 422 3.67 17.55 11.07
N ALA D 423 3.11 17.39 9.87
CA ALA D 423 3.87 16.91 8.72
C ALA D 423 4.81 18.00 8.20
N LEU D 424 4.30 19.22 8.13
CA LEU D 424 5.07 20.36 7.68
C LEU D 424 6.28 20.58 8.59
N LEU D 425 6.03 20.67 9.90
CA LEU D 425 7.12 20.86 10.85
C LEU D 425 8.10 19.72 10.76
N LEU D 426 7.57 18.52 10.55
CA LEU D 426 8.41 17.36 10.31
C LEU D 426 9.33 17.60 9.09
N ARG D 427 8.82 18.24 8.04
CA ARG D 427 9.60 18.42 6.81
C ARG D 427 10.77 19.37 7.01
N GLU D 428 10.77 20.09 8.12
CA GLU D 428 11.89 20.95 8.46
C GLU D 428 12.63 20.34 9.65
N GLY D 429 12.40 19.05 9.88
CA GLY D 429 13.12 18.31 10.91
C GLY D 429 12.70 18.63 12.32
N LEU D 430 11.50 19.17 12.48
CA LEU D 430 11.04 19.61 13.78
C LEU D 430 9.85 18.81 14.27
N PRO D 431 10.05 17.96 15.28
CA PRO D 431 8.97 17.28 16.01
C PRO D 431 8.15 18.31 16.77
N SER D 432 6.86 18.07 16.97
CA SER D 432 6.04 19.03 17.67
C SER D 432 5.19 18.36 18.76
N GLN D 433 4.77 19.13 19.74
CA GLN D 433 3.90 18.60 20.78
C GLN D 433 2.72 19.55 20.88
N ILE D 434 1.52 19.05 20.68
CA ILE D 434 0.36 19.91 20.75
C ILE D 434 -0.19 19.94 22.16
N LEU D 435 -0.51 21.14 22.65
CA LEU D 435 -1.18 21.28 23.97
C LEU D 435 -2.41 22.20 23.81
N ASN D 436 -3.61 21.63 23.98
CA ASN D 436 -4.84 22.39 23.72
C ASN D 436 -5.00 23.55 24.68
N VAL D 437 -5.56 24.65 24.19
CA VAL D 437 -5.25 25.92 24.82
C VAL D 437 -6.24 26.56 25.75
N PRO D 438 -7.51 26.15 25.75
CA PRO D 438 -8.02 26.63 27.06
C PRO D 438 -7.29 25.78 28.13
N LEU D 439 -6.30 26.40 28.79
CA LEU D 439 -5.36 25.71 29.66
C LEU D 439 -5.13 26.43 30.98
N ARG D 440 -5.66 25.88 32.07
CA ARG D 440 -5.41 26.40 33.42
C ARG D 440 -4.17 25.74 34.02
N GLU D 441 -3.36 26.52 34.74
CA GLU D 441 -2.21 25.97 35.48
C GLU D 441 -2.53 24.78 36.43
N GLU D 442 -3.76 24.70 36.92
CA GLU D 442 -4.05 23.62 37.87
C GLU D 442 -4.32 22.29 37.15
N GLU D 443 -4.25 22.31 35.83
CA GLU D 443 -4.39 21.08 35.03
C GLU D 443 -3.02 20.43 34.86
N ARG D 444 -2.43 20.03 35.99
CA ARG D 444 -1.02 19.64 36.06
C ARG D 444 -0.70 18.41 35.20
N HIS D 445 -1.62 17.46 35.16
CA HIS D 445 -1.38 16.18 34.50
C HIS D 445 -1.26 16.34 33.01
N ARG D 446 -2.15 17.15 32.43
CA ARG D 446 -2.14 17.38 31.00
C ARG D 446 -0.88 18.12 30.54
N TRP D 447 -0.54 19.22 31.18
CA TRP D 447 0.59 19.96 30.63
C TRP D 447 1.94 19.33 30.99
N GLU D 448 1.97 18.54 32.07
CA GLU D 448 3.20 17.81 32.41
C GLU D 448 3.47 16.70 31.42
N ASN D 449 2.41 16.00 31.03
CA ASN D 449 2.55 15.03 29.97
C ASN D 449 3.02 15.72 28.70
N ALA D 450 2.43 16.86 28.39
CA ALA D 450 2.78 17.58 27.16
C ALA D 450 4.25 17.92 27.20
N LEU D 451 4.68 18.45 28.34
CA LEU D 451 6.08 18.74 28.58
C LEU D 451 6.96 17.47 28.42
N LEU D 452 6.53 16.34 29.00
CA LEU D 452 7.28 15.09 28.87
C LEU D 452 7.39 14.67 27.43
N GLY D 453 6.31 14.89 26.67
CA GLY D 453 6.31 14.57 25.25
C GLY D 453 7.24 15.48 24.48
N LEU D 454 7.18 16.77 24.79
CA LEU D 454 8.05 17.74 24.14
C LEU D 454 9.51 17.34 24.29
N LEU D 455 9.90 17.01 25.52
CA LEU D 455 11.30 16.73 25.78
C LEU D 455 11.78 15.46 25.06
N ALA D 456 10.94 14.43 25.06
CA ALA D 456 11.24 13.20 24.31
C ALA D 456 11.42 13.54 22.85
N LYS D 457 10.49 14.36 22.34
CA LYS D 457 10.53 14.78 20.94
C LYS D 457 11.77 15.62 20.63
N ALA D 458 12.43 16.15 21.65
CA ALA D 458 13.64 16.94 21.44
C ALA D 458 14.86 16.04 21.51
N GLY D 459 14.66 14.83 22.05
CA GLY D 459 15.70 13.83 22.02
C GLY D 459 16.35 13.56 23.36
N LEU D 460 15.83 14.16 24.43
CA LEU D 460 16.34 13.89 25.78
C LEU D 460 15.94 12.52 26.29
N GLN D 461 16.80 11.89 27.09
CA GLN D 461 16.40 10.68 27.83
C GLN D 461 15.86 11.07 29.19
N VAL D 462 14.54 11.07 29.33
CA VAL D 462 13.96 11.56 30.58
C VAL D 462 14.11 10.56 31.73
N VAL D 463 13.94 9.27 31.46
CA VAL D 463 14.22 8.24 32.45
C VAL D 463 14.88 7.03 31.83
N ALA D 464 15.33 6.12 32.69
CA ALA D 464 16.05 4.91 32.28
C ALA D 464 15.98 3.91 33.43
N LEU D 465 16.30 2.65 33.16
CA LEU D 465 16.19 1.62 34.18
C LEU D 465 17.53 1.39 34.86
N SER D 466 17.52 1.05 36.14
CA SER D 466 18.73 0.51 36.74
C SER D 466 18.42 -0.92 37.10
N GLY D 467 19.25 -1.84 36.61
CA GLY D 467 18.99 -3.25 36.80
C GLY D 467 19.86 -4.04 35.86
N ALA D 468 19.80 -5.36 35.96
CA ALA D 468 20.65 -6.18 35.12
C ALA D 468 19.78 -7.06 34.21
N TYR D 469 20.06 -7.04 32.91
CA TYR D 469 19.20 -7.75 31.97
C TYR D 469 20.04 -8.58 31.03
N PRO D 470 19.48 -9.68 30.53
CA PRO D 470 20.21 -10.48 29.54
C PRO D 470 20.58 -9.69 28.28
N ALA D 471 19.65 -8.90 27.76
CA ALA D 471 19.91 -8.20 26.50
C ALA D 471 20.13 -6.71 26.76
N GLU D 472 21.19 -6.16 26.16
CA GLU D 472 21.51 -4.75 26.32
C GLU D 472 21.09 -4.01 25.05
N LEU D 473 20.25 -4.66 24.25
CA LEU D 473 19.58 -4.03 23.11
C LEU D 473 18.23 -4.71 22.95
N ALA D 474 17.15 -3.92 22.94
CA ALA D 474 15.82 -4.50 22.85
C ALA D 474 15.05 -3.80 21.74
N VAL D 475 14.60 -4.57 20.75
CA VAL D 475 13.88 -3.93 19.66
C VAL D 475 12.49 -4.48 19.49
N GLY D 476 11.53 -3.59 19.20
CA GLY D 476 10.14 -3.98 19.03
C GLY D 476 9.73 -3.87 17.58
N PHE D 477 8.89 -4.79 17.11
CA PHE D 477 8.37 -4.73 15.74
C PHE D 477 6.83 -4.73 15.74
N ASP D 478 6.23 -3.92 14.89
CA ASP D 478 4.77 -3.92 14.75
C ASP D 478 4.43 -3.52 13.33
N ALA D 479 3.17 -3.74 12.95
CA ALA D 479 2.66 -3.29 11.68
C ALA D 479 1.33 -2.58 11.94
N GLY D 480 1.14 -1.44 11.29
CA GLY D 480 -0.06 -0.65 11.44
C GLY D 480 -0.21 0.28 10.26
N GLY D 481 -1.19 1.19 10.34
CA GLY D 481 -1.60 1.97 9.18
C GLY D 481 -2.98 1.52 8.75
N ARG D 482 -3.78 2.44 8.23
CA ARG D 482 -5.19 2.17 7.98
C ARG D 482 -5.53 2.13 6.48
N GLU D 483 -4.92 1.19 5.73
CA GLU D 483 -5.21 1.09 4.29
C GLU D 483 -5.17 -0.36 3.76
N SER D 484 -4.95 -0.46 2.45
CA SER D 484 -4.78 -1.71 1.73
C SER D 484 -3.33 -2.12 1.77
N PHE D 485 -2.52 -1.28 2.39
CA PHE D 485 -1.12 -1.56 2.68
C PHE D 485 -0.81 -0.94 4.05
N ARG D 486 0.19 -1.49 4.71
CA ARG D 486 0.57 -1.09 6.05
C ARG D 486 2.05 -0.69 6.12
N PHE D 487 2.45 -0.14 7.26
CA PHE D 487 3.86 0.05 7.51
C PHE D 487 4.44 -0.95 8.52
N GLY D 488 5.50 -1.65 8.13
CA GLY D 488 6.26 -2.45 9.07
C GLY D 488 7.36 -1.58 9.64
N GLY D 489 7.37 -1.47 10.98
CA GLY D 489 8.32 -0.59 11.65
C GLY D 489 8.95 -1.16 12.91
N ALA D 490 10.04 -0.53 13.35
CA ALA D 490 10.79 -0.97 14.50
C ALA D 490 11.32 0.22 15.31
N ALA D 491 11.29 0.05 16.64
CA ALA D 491 11.79 1.03 17.59
C ALA D 491 12.61 0.24 18.60
N CYS D 492 13.47 0.92 19.35
CA CYS D 492 14.39 0.18 20.22
C CYS D 492 14.91 0.97 21.39
N ALA D 493 15.28 0.22 22.44
CA ALA D 493 15.98 0.77 23.59
C ALA D 493 17.44 0.30 23.55
N VAL D 494 18.40 1.22 23.50
CA VAL D 494 19.78 0.76 23.50
C VAL D 494 20.44 0.88 24.87
N GLY D 495 21.31 -0.09 25.17
CA GLY D 495 22.01 -0.19 26.43
C GLY D 495 21.21 -0.96 27.46
N GLY D 496 21.90 -1.55 28.43
CA GLY D 496 21.24 -2.27 29.50
C GLY D 496 20.16 -1.46 30.21
N ASP D 497 20.44 -0.18 30.45
CA ASP D 497 19.54 0.69 31.19
C ASP D 497 18.43 1.23 30.28
N GLY D 498 18.51 0.88 28.98
CA GLY D 498 17.61 1.40 27.96
C GLY D 498 17.63 2.93 27.93
N GLY D 499 18.80 3.50 28.14
CA GLY D 499 18.91 4.95 28.20
C GLY D 499 19.09 5.61 26.84
N HIS D 500 18.50 5.03 25.80
CA HIS D 500 18.59 5.58 24.47
C HIS D 500 17.43 4.99 23.70
N LEU D 501 16.44 5.82 23.36
CA LEU D 501 15.32 5.34 22.59
C LEU D 501 15.42 5.85 21.14
N LEU D 502 15.15 4.96 20.18
CA LEU D 502 15.26 5.33 18.78
C LEU D 502 14.18 4.71 17.91
N TRP D 503 13.82 5.42 16.84
CA TRP D 503 12.94 4.82 15.86
C TRP D 503 13.76 4.57 14.61
N THR D 504 13.19 3.83 13.65
CA THR D 504 13.81 3.63 12.33
C THR D 504 12.75 3.93 11.26
N LEU D 505 13.18 4.28 10.05
CA LEU D 505 12.25 4.52 8.97
C LEU D 505 11.48 3.24 8.68
N PRO D 506 10.14 3.27 8.79
CA PRO D 506 9.31 2.11 8.48
C PRO D 506 9.33 1.82 6.99
N GLU D 507 8.74 0.69 6.59
CA GLU D 507 8.66 0.33 5.18
C GLU D 507 7.23 -0.10 4.83
N ALA D 508 6.76 0.23 3.63
CA ALA D 508 5.42 -0.19 3.24
C ALA D 508 5.41 -1.68 2.93
N GLN D 509 4.30 -2.33 3.29
CA GLN D 509 4.10 -3.74 2.99
C GLN D 509 2.62 -4.01 2.79
N ALA D 510 2.31 -5.17 2.19
CA ALA D 510 0.94 -5.45 1.80
C ALA D 510 0.03 -5.73 3.00
N GLY D 511 0.48 -6.58 3.94
CA GLY D 511 -0.34 -6.94 5.08
C GLY D 511 0.39 -6.95 6.41
N GLU D 512 0.05 -7.88 7.29
CA GLU D 512 0.63 -7.95 8.64
C GLU D 512 2.09 -8.47 8.65
N ARG D 513 2.42 -9.32 7.67
CA ARG D 513 3.77 -9.90 7.59
C ARG D 513 4.83 -8.88 7.16
N ILE D 514 5.81 -8.63 8.03
CA ILE D 514 6.98 -7.88 7.62
C ILE D 514 7.88 -8.84 6.83
N PRO D 515 8.21 -8.49 5.55
CA PRO D 515 9.19 -9.21 4.71
C PRO D 515 10.50 -9.51 5.45
N GLN D 516 11.14 -10.63 5.15
CA GLN D 516 12.34 -11.04 5.89
C GLN D 516 13.51 -10.07 5.76
N GLU D 517 13.70 -9.49 4.56
CA GLU D 517 14.78 -8.52 4.35
C GLU D 517 14.47 -7.24 5.09
N VAL D 518 13.19 -6.90 5.21
CA VAL D 518 12.85 -5.70 5.95
C VAL D 518 13.19 -5.89 7.43
N VAL D 519 12.74 -7.00 8.00
CA VAL D 519 13.03 -7.32 9.40
C VAL D 519 14.52 -7.19 9.68
N TRP D 520 15.34 -7.80 8.83
CA TRP D 520 16.79 -7.71 9.03
C TRP D 520 17.29 -6.29 8.95
N ASP D 521 16.93 -5.59 7.85
CA ASP D 521 17.35 -4.19 7.65
C ASP D 521 16.96 -3.29 8.85
N LEU D 522 15.71 -3.36 9.31
CA LEU D 522 15.32 -2.59 10.50
C LEU D 522 16.19 -2.99 11.67
N LEU D 523 16.37 -4.29 11.84
CA LEU D 523 17.16 -4.80 12.96
C LEU D 523 18.59 -4.31 12.85
N GLU D 524 19.11 -4.24 11.62
CA GLU D 524 20.48 -3.79 11.40
C GLU D 524 20.67 -2.33 11.80
N GLU D 525 19.66 -1.52 11.55
CA GLU D 525 19.76 -0.12 11.92
C GLU D 525 19.92 0.01 13.43
N THR D 526 19.10 -0.75 14.18
CA THR D 526 19.24 -0.71 15.63
C THR D 526 20.60 -1.26 16.13
N LEU D 527 21.16 -2.26 15.45
CA LEU D 527 22.53 -2.68 15.78
C LEU D 527 23.45 -1.51 15.52
N TRP D 528 23.23 -0.82 14.40
CA TRP D 528 24.09 0.30 14.02
C TRP D 528 24.06 1.43 15.04
N ALA D 529 22.87 1.74 15.57
CA ALA D 529 22.74 2.76 16.60
C ALA D 529 23.47 2.34 17.83
N PHE D 530 23.44 1.04 18.11
CA PHE D 530 24.14 0.51 19.27
C PHE D 530 25.64 0.71 19.07
N ARG D 531 26.14 0.34 17.90
CA ARG D 531 27.53 0.59 17.57
C ARG D 531 27.92 2.09 17.69
N ARG D 532 27.07 2.98 17.17
CA ARG D 532 27.34 4.41 17.27
C ARG D 532 27.40 4.86 18.72
N LYS D 533 26.51 4.32 19.55
CA LYS D 533 26.43 4.74 20.95
C LYS D 533 27.45 4.07 21.85
N ALA D 534 27.79 2.82 21.57
CA ALA D 534 28.59 2.05 22.51
C ALA D 534 29.97 1.59 22.00
N GLY D 535 30.25 1.81 20.71
CA GLY D 535 31.57 1.53 20.18
C GLY D 535 31.86 0.05 19.99
N ARG D 536 30.80 -0.75 19.99
CA ARG D 536 30.93 -2.18 19.87
C ARG D 536 29.60 -2.75 19.43
N LEU D 537 29.58 -4.06 19.15
CA LEU D 537 28.35 -4.77 18.83
C LEU D 537 27.75 -5.22 20.12
N PRO D 538 26.42 -5.37 20.18
CA PRO D 538 25.79 -5.82 21.43
C PRO D 538 25.99 -7.33 21.63
N SER D 539 26.01 -7.74 22.88
CA SER D 539 26.29 -9.11 23.25
C SER D 539 25.06 -10.00 23.01
N ARG D 540 23.88 -9.47 23.32
CA ARG D 540 22.61 -10.17 23.09
C ARG D 540 21.48 -9.17 22.83
N VAL D 541 20.60 -9.47 21.86
CA VAL D 541 19.47 -8.59 21.60
C VAL D 541 18.12 -9.26 21.86
N LEU D 542 17.19 -8.50 22.44
CA LEU D 542 15.87 -9.04 22.74
C LEU D 542 14.89 -8.58 21.67
N LEU D 543 14.42 -9.50 20.85
CA LEU D 543 13.54 -9.18 19.72
C LEU D 543 12.09 -9.40 20.10
N LEU D 544 11.35 -8.31 20.17
CA LEU D 544 9.94 -8.37 20.55
C LEU D 544 8.99 -8.13 19.33
N ARG D 545 8.11 -9.10 19.05
CA ARG D 545 7.12 -8.99 17.98
C ARG D 545 5.72 -8.74 18.51
N ASP D 546 5.04 -7.75 17.95
CA ASP D 546 3.66 -7.49 18.32
C ASP D 546 2.80 -8.56 17.64
N GLY D 547 1.98 -9.24 18.46
CA GLY D 547 1.16 -10.34 17.99
C GLY D 547 2.00 -11.55 17.65
N ARG D 548 1.47 -12.43 16.81
CA ARG D 548 2.15 -13.67 16.51
C ARG D 548 3.29 -13.41 15.55
N VAL D 549 4.34 -14.22 15.62
CA VAL D 549 5.41 -14.13 14.66
C VAL D 549 5.07 -14.99 13.44
N PRO D 550 4.66 -14.34 12.33
CA PRO D 550 4.30 -15.10 11.12
C PRO D 550 5.42 -16.07 10.75
N GLN D 551 5.07 -17.28 10.32
CA GLN D 551 6.05 -18.34 10.04
C GLN D 551 7.26 -17.85 9.23
N ASP D 552 8.45 -18.02 9.80
CA ASP D 552 9.73 -17.67 9.17
C ASP D 552 10.04 -16.16 9.00
N GLU D 553 9.22 -15.30 9.57
CA GLU D 553 9.43 -13.86 9.41
C GLU D 553 10.81 -13.35 9.83
N PHE D 554 11.42 -14.01 10.84
CA PHE D 554 12.73 -13.61 11.36
C PHE D 554 13.87 -14.54 10.95
N ALA D 555 13.58 -15.49 10.06
CA ALA D 555 14.56 -16.49 9.62
C ALA D 555 15.88 -15.85 9.18
N LEU D 556 15.78 -14.94 8.23
CA LEU D 556 16.94 -14.21 7.74
C LEU D 556 17.61 -13.38 8.84
N ALA D 557 16.82 -12.73 9.70
CA ALA D 557 17.41 -11.87 10.71
C ALA D 557 18.19 -12.72 11.71
N LEU D 558 17.60 -13.83 12.14
CA LEU D 558 18.24 -14.67 13.14
C LEU D 558 19.53 -15.24 12.57
N GLU D 559 19.50 -15.63 11.29
CA GLU D 559 20.69 -16.15 10.64
C GLU D 559 21.82 -15.13 10.67
N ALA D 560 21.48 -13.89 10.30
CA ALA D 560 22.41 -12.77 10.32
C ALA D 560 23.01 -12.52 11.70
N LEU D 561 22.18 -12.52 12.75
CA LEU D 561 22.69 -12.30 14.11
C LEU D 561 23.72 -13.37 14.44
N ALA D 562 23.39 -14.60 14.09
CA ALA D 562 24.28 -15.72 14.38
C ALA D 562 25.64 -15.52 13.72
N ARG D 563 25.65 -15.23 12.41
CA ARG D 563 26.90 -14.99 11.70
C ARG D 563 27.74 -13.89 12.33
N GLU D 564 27.10 -12.94 12.99
CA GLU D 564 27.84 -11.81 13.54
C GLU D 564 28.20 -12.06 14.98
N GLY D 565 27.83 -13.23 15.48
CA GLY D 565 28.09 -13.60 16.87
C GLY D 565 27.31 -12.81 17.92
N ILE D 566 26.06 -12.49 17.61
CA ILE D 566 25.21 -11.79 18.54
C ILE D 566 24.09 -12.74 19.00
N ALA D 567 24.02 -13.03 20.30
CA ALA D 567 22.98 -13.93 20.81
C ALA D 567 21.62 -13.25 20.74
N TYR D 568 20.55 -14.02 20.79
CA TYR D 568 19.22 -13.43 20.66
C TYR D 568 18.09 -14.18 21.35
N ASP D 569 16.98 -13.46 21.55
CA ASP D 569 15.74 -14.08 21.95
C ASP D 569 14.62 -13.42 21.15
N LEU D 570 13.73 -14.25 20.58
CA LEU D 570 12.56 -13.79 19.86
C LEU D 570 11.37 -14.04 20.79
N VAL D 571 10.59 -13.02 21.09
CA VAL D 571 9.37 -13.27 21.85
C VAL D 571 8.14 -12.72 21.16
N SER D 572 7.14 -13.57 20.97
CA SER D 572 5.85 -13.13 20.46
C SER D 572 5.03 -12.54 21.61
N VAL D 573 4.66 -11.28 21.50
CA VAL D 573 3.93 -10.62 22.59
C VAL D 573 2.48 -10.37 22.21
N ARG D 574 1.56 -11.15 22.79
CA ARG D 574 0.16 -11.11 22.35
C ARG D 574 -0.79 -10.35 23.27
N LYS D 575 -1.44 -9.34 22.72
CA LYS D 575 -2.25 -8.46 23.53
C LYS D 575 -3.58 -9.11 23.89
N SER D 576 -3.94 -10.19 23.19
CA SER D 576 -5.16 -10.89 23.53
C SER D 576 -4.90 -12.38 23.60
N GLY D 577 -5.82 -13.13 24.22
CA GLY D 577 -5.71 -14.58 24.24
C GLY D 577 -5.12 -15.14 25.51
N GLY D 578 -4.82 -14.26 26.46
CA GLY D 578 -4.16 -14.68 27.67
C GLY D 578 -5.13 -14.77 28.82
N GLY D 579 -6.40 -14.51 28.53
CA GLY D 579 -7.45 -14.65 29.51
C GLY D 579 -7.32 -13.70 30.66
N ARG D 580 -7.76 -14.18 31.81
CA ARG D 580 -7.79 -13.37 33.01
C ARG D 580 -6.98 -14.06 34.10
N VAL D 581 -6.48 -13.27 35.05
CA VAL D 581 -5.73 -13.85 36.16
C VAL D 581 -6.24 -13.26 37.50
N TYR D 582 -6.51 -14.12 38.48
CA TYR D 582 -6.99 -13.61 39.76
C TYR D 582 -6.21 -14.18 40.92
N PRO D 583 -6.07 -13.38 41.98
CA PRO D 583 -5.37 -13.91 43.16
C PRO D 583 -6.21 -14.97 43.87
N VAL D 584 -5.57 -16.05 44.28
CA VAL D 584 -6.21 -17.02 45.16
C VAL D 584 -6.61 -16.32 46.46
N GLN D 585 -5.72 -15.52 47.02
CA GLN D 585 -6.05 -14.68 48.15
C GLN D 585 -5.24 -13.39 48.12
N GLY D 586 -5.79 -12.34 48.72
CA GLY D 586 -5.08 -11.09 48.71
C GLY D 586 -5.57 -10.16 47.63
N ARG D 587 -5.02 -8.95 47.60
CA ARG D 587 -5.26 -8.00 46.53
C ARG D 587 -4.48 -8.46 45.31
N LEU D 588 -4.89 -7.97 44.13
CA LEU D 588 -4.24 -8.31 42.87
C LEU D 588 -3.24 -7.23 42.52
N ALA D 589 -2.00 -7.61 42.21
CA ALA D 589 -0.96 -6.63 41.89
C ALA D 589 -0.17 -7.05 40.65
N ASP D 590 0.38 -6.09 39.91
CA ASP D 590 1.11 -6.43 38.67
C ASP D 590 2.53 -6.92 38.93
N GLY D 591 3.23 -7.31 37.87
CA GLY D 591 4.53 -7.93 38.04
C GLY D 591 4.36 -9.43 38.27
N LEU D 592 3.38 -10.04 37.59
CA LEU D 592 3.05 -11.45 37.78
C LEU D 592 3.48 -12.27 36.60
N TYR D 593 4.20 -13.33 36.85
CA TYR D 593 4.70 -14.16 35.77
C TYR D 593 4.15 -15.57 35.95
N VAL D 594 3.40 -16.04 34.97
CA VAL D 594 2.67 -17.28 35.12
C VAL D 594 2.98 -18.23 33.97
N PRO D 595 3.97 -19.11 34.14
CA PRO D 595 4.35 -20.02 33.05
C PRO D 595 3.32 -21.10 32.79
N LEU D 596 3.03 -21.40 31.52
CA LEU D 596 1.97 -22.36 31.17
C LEU D 596 2.52 -23.62 30.54
N GLU D 597 3.21 -23.47 29.42
CA GLU D 597 3.88 -24.57 28.77
C GLU D 597 5.36 -24.22 28.84
N ASP D 598 6.23 -25.07 28.32
CA ASP D 598 7.59 -24.62 28.07
C ASP D 598 7.45 -23.59 26.96
N LYS D 599 8.24 -22.53 27.04
CA LYS D 599 8.25 -21.48 26.02
C LYS D 599 7.00 -20.58 25.93
N THR D 600 5.95 -20.87 26.68
CA THR D 600 4.84 -19.90 26.73
C THR D 600 4.37 -19.54 28.15
N PHE D 601 4.10 -18.26 28.38
CA PHE D 601 3.75 -17.78 29.72
C PHE D 601 2.87 -16.55 29.72
N LEU D 602 2.16 -16.32 30.83
CA LEU D 602 1.39 -15.09 31.01
C LEU D 602 2.23 -14.04 31.72
N LEU D 603 1.89 -12.76 31.53
CA LEU D 603 2.60 -11.65 32.18
C LEU D 603 1.65 -10.51 32.49
N LEU D 604 1.41 -10.24 33.76
CA LEU D 604 0.57 -9.09 34.11
C LEU D 604 1.50 -7.91 34.30
N THR D 605 1.53 -7.01 33.33
CA THR D 605 2.47 -5.89 33.35
C THR D 605 1.93 -4.67 34.08
N VAL D 606 0.63 -4.44 34.02
CA VAL D 606 0.07 -3.21 34.59
C VAL D 606 -1.30 -3.49 35.20
N HIS D 607 -1.64 -2.75 36.25
CA HIS D 607 -2.96 -2.84 36.85
C HIS D 607 -3.21 -1.67 37.78
N ARG D 608 -4.41 -1.12 37.72
CA ARG D 608 -4.83 -0.09 38.66
C ARG D 608 -6.26 -0.43 39.04
N ASP D 609 -6.56 -0.46 40.34
CA ASP D 609 -7.87 -0.87 40.83
C ASP D 609 -9.02 -0.15 40.13
N PHE D 610 -8.88 1.16 40.00
CA PHE D 610 -9.89 2.01 39.37
C PHE D 610 -10.00 1.82 37.88
N ARG D 611 -9.15 0.98 37.31
CA ARG D 611 -9.10 0.80 35.87
C ARG D 611 -9.57 -0.60 35.50
N GLY D 612 -10.55 -1.11 36.24
CA GLY D 612 -11.16 -2.39 35.90
C GLY D 612 -10.23 -3.58 36.00
N THR D 613 -10.59 -4.65 35.31
CA THR D 613 -9.87 -5.91 35.44
C THR D 613 -8.81 -6.01 34.37
N PRO D 614 -7.56 -6.32 34.80
CA PRO D 614 -6.44 -6.30 33.85
C PRO D 614 -6.52 -7.48 32.90
N ARG D 615 -5.99 -7.31 31.69
CA ARG D 615 -5.86 -8.40 30.75
C ARG D 615 -4.37 -8.69 30.56
N PRO D 616 -3.87 -9.76 31.20
CA PRO D 616 -2.44 -10.08 31.07
C PRO D 616 -2.06 -10.40 29.62
N LEU D 617 -0.79 -10.19 29.29
CA LEU D 617 -0.25 -10.46 27.99
C LEU D 617 0.13 -11.94 27.91
N LYS D 618 0.02 -12.52 26.73
CA LYS D 618 0.45 -13.89 26.53
C LYS D 618 1.73 -13.90 25.72
N LEU D 619 2.78 -14.50 26.25
CA LEU D 619 4.06 -14.46 25.56
C LEU D 619 4.53 -15.83 25.10
N VAL D 620 5.20 -15.87 23.95
CA VAL D 620 5.77 -17.12 23.49
C VAL D 620 7.24 -16.95 23.11
N HIS D 621 8.13 -17.64 23.82
CA HIS D 621 9.56 -17.59 23.51
C HIS D 621 9.84 -18.42 22.24
N GLU D 622 9.90 -17.77 21.08
CA GLU D 622 10.04 -18.47 19.78
C GLU D 622 11.46 -18.90 19.40
N ALA D 623 12.47 -18.27 19.98
CA ALA D 623 13.85 -18.66 19.72
C ALA D 623 14.76 -17.99 20.75
N GLY D 624 15.90 -18.63 21.02
CA GLY D 624 16.82 -18.19 22.06
C GLY D 624 16.93 -19.18 23.20
N ASP D 625 18.03 -19.13 23.94
CA ASP D 625 18.21 -20.04 25.08
C ASP D 625 17.96 -19.40 26.46
N THR D 626 17.58 -18.12 26.49
CA THR D 626 17.37 -17.40 27.76
C THR D 626 16.18 -17.99 28.54
N PRO D 627 16.38 -18.22 29.83
CA PRO D 627 15.30 -18.74 30.68
C PRO D 627 14.08 -17.81 30.70
N LEU D 628 12.89 -18.39 30.65
CA LEU D 628 11.64 -17.65 30.69
C LEU D 628 11.57 -16.57 31.78
N GLU D 629 12.01 -16.90 33.00
CA GLU D 629 11.97 -15.97 34.14
C GLU D 629 12.72 -14.69 33.76
N ALA D 630 13.87 -14.86 33.11
CA ALA D 630 14.74 -13.75 32.74
C ALA D 630 14.09 -12.85 31.69
N LEU D 631 13.59 -13.45 30.61
CA LEU D 631 12.85 -12.71 29.60
C LEU D 631 11.71 -11.95 30.25
N ALA D 632 10.98 -12.65 31.13
CA ALA D 632 9.80 -12.05 31.73
C ALA D 632 10.23 -10.84 32.52
N HIS D 633 11.31 -11.00 33.28
CA HIS D 633 11.89 -9.91 34.07
C HIS D 633 12.17 -8.67 33.22
N GLN D 634 12.86 -8.85 32.09
CA GLN D 634 13.25 -7.69 31.29
C GLN D 634 12.05 -7.05 30.62
N ILE D 635 11.12 -7.89 30.17
CA ILE D 635 9.97 -7.39 29.45
C ILE D 635 9.10 -6.59 30.41
N PHE D 636 8.85 -7.15 31.59
CA PHE D 636 8.13 -6.42 32.62
C PHE D 636 8.81 -5.08 32.95
N HIS D 637 10.14 -5.09 33.05
CA HIS D 637 10.82 -3.86 33.40
C HIS D 637 10.80 -2.86 32.23
N LEU D 638 10.84 -3.39 31.00
CA LEU D 638 10.83 -2.53 29.83
C LEU D 638 9.54 -1.76 29.71
N THR D 639 8.51 -2.25 30.38
CA THR D 639 7.21 -1.60 30.37
C THR D 639 7.22 -0.23 31.06
N ARG D 640 8.31 0.05 31.76
CA ARG D 640 8.34 1.21 32.63
C ARG D 640 9.19 2.35 32.09
N LEU D 641 9.91 2.07 31.01
CA LEU D 641 10.81 3.02 30.35
C LEU D 641 10.10 4.15 29.59
N TYR D 642 8.84 3.95 29.19
CA TYR D 642 8.17 4.90 28.29
C TYR D 642 8.11 6.34 28.88
N PRO D 643 8.74 7.29 28.19
CA PRO D 643 8.90 8.65 28.72
C PRO D 643 7.69 9.57 28.56
N ALA D 644 6.81 9.30 27.61
CA ALA D 644 5.73 10.27 27.31
C ALA D 644 4.47 10.09 28.12
N SER D 645 4.46 9.12 29.03
CA SER D 645 3.33 8.96 29.93
C SER D 645 3.77 9.09 31.37
N GLY D 646 3.56 10.26 31.94
CA GLY D 646 4.12 10.60 33.23
C GLY D 646 3.46 9.99 34.45
N PHE D 647 2.30 9.35 34.30
CA PHE D 647 1.53 8.90 35.48
C PHE D 647 1.00 7.47 35.43
N ALA D 648 1.15 6.81 34.29
CA ALA D 648 0.70 5.43 34.14
C ALA D 648 1.53 4.73 33.07
N PHE D 649 2.04 3.54 33.39
CA PHE D 649 2.91 2.80 32.49
C PHE D 649 2.12 2.05 31.42
N PRO D 650 2.63 2.06 30.19
CA PRO D 650 1.95 1.32 29.12
C PRO D 650 2.00 -0.18 29.40
N ARG D 651 0.94 -0.91 29.05
CA ARG D 651 0.92 -2.37 29.11
C ARG D 651 2.06 -3.05 28.35
N LEU D 652 2.44 -2.49 27.19
CA LEU D 652 3.48 -3.09 26.37
C LEU D 652 4.84 -2.65 26.87
N PRO D 653 5.88 -3.46 26.64
CA PRO D 653 7.25 -3.02 26.93
C PRO D 653 7.60 -1.83 26.00
N ALA D 654 8.36 -0.85 26.51
CA ALA D 654 8.57 0.39 25.76
C ALA D 654 8.93 0.26 24.26
N PRO D 655 9.84 -0.66 23.88
CA PRO D 655 10.13 -0.82 22.44
C PRO D 655 8.91 -1.11 21.54
N LEU D 656 7.94 -1.89 22.03
CA LEU D 656 6.75 -2.19 21.23
C LEU D 656 5.74 -1.07 21.26
N HIS D 657 5.60 -0.43 22.41
CA HIS D 657 4.70 0.69 22.55
C HIS D 657 5.19 1.80 21.60
N LEU D 658 6.50 2.01 21.57
CA LEU D 658 7.10 2.95 20.64
C LEU D 658 6.83 2.51 19.21
N ALA D 659 7.14 1.26 18.87
CA ALA D 659 6.90 0.75 17.51
C ALA D 659 5.45 0.92 17.07
N ASP D 660 4.51 0.64 17.97
CA ASP D 660 3.10 0.82 17.65
C ASP D 660 2.76 2.28 17.37
N ARG D 661 3.15 3.18 18.29
CA ARG D 661 2.97 4.62 18.03
C ARG D 661 3.68 5.12 16.76
N LEU D 662 4.86 4.59 16.47
CA LEU D 662 5.58 4.95 15.26
C LEU D 662 4.73 4.70 14.01
N VAL D 663 4.34 3.45 13.80
CA VAL D 663 3.61 3.07 12.59
C VAL D 663 2.19 3.65 12.52
N LYS D 664 1.61 3.99 13.66
CA LYS D 664 0.36 4.73 13.65
C LYS D 664 0.59 6.07 12.94
N GLU D 665 1.56 6.85 13.41
CA GLU D 665 1.80 8.20 12.88
C GLU D 665 2.26 8.17 11.43
N VAL D 666 3.12 7.22 11.08
CA VAL D 666 3.57 7.13 9.70
C VAL D 666 2.37 6.83 8.79
N GLY D 667 1.45 5.97 9.26
CA GLY D 667 0.23 5.69 8.52
C GLY D 667 -0.61 6.95 8.39
N ARG D 668 -0.65 7.72 9.47
CA ARG D 668 -1.44 8.92 9.55
C ARG D 668 -0.87 10.10 8.72
N LEU D 669 0.44 10.29 8.75
CA LEU D 669 1.05 11.44 8.11
C LEU D 669 1.71 11.12 6.77
N GLY D 670 2.05 9.84 6.56
CA GLY D 670 2.81 9.46 5.38
C GLY D 670 4.30 9.47 5.69
N ILE D 671 5.06 8.57 5.08
CA ILE D 671 6.49 8.47 5.37
C ILE D 671 7.33 9.60 4.73
N ARG D 672 6.73 10.31 3.78
CA ARG D 672 7.47 11.31 3.00
C ARG D 672 8.03 12.48 3.81
N HIS D 673 7.62 12.60 5.07
CA HIS D 673 8.02 13.75 5.86
C HIS D 673 9.27 13.51 6.69
N LEU D 674 9.66 12.25 6.83
CA LEU D 674 10.62 11.84 7.87
C LEU D 674 12.11 11.99 7.55
N LYS D 675 12.45 12.45 6.35
CA LYS D 675 13.85 12.41 5.94
C LYS D 675 14.77 13.22 6.85
N GLU D 676 14.39 14.42 7.21
CA GLU D 676 15.30 15.23 8.01
C GLU D 676 15.09 15.15 9.53
N VAL D 677 14.40 14.12 10.01
CA VAL D 677 14.13 13.99 11.45
C VAL D 677 15.06 13.00 12.12
N ASP D 678 15.74 13.44 13.17
CA ASP D 678 16.68 12.58 13.91
C ASP D 678 15.97 11.39 14.58
N ARG D 679 16.56 10.21 14.43
CA ARG D 679 15.97 9.00 15.00
C ARG D 679 15.95 8.96 16.54
N GLU D 680 16.64 9.89 17.20
CA GLU D 680 16.64 9.91 18.68
C GLU D 680 15.41 10.66 19.17
N LYS D 681 14.79 11.40 18.27
CA LYS D 681 13.68 12.28 18.63
C LYS D 681 12.38 11.54 18.41
N LEU D 682 11.62 11.39 19.48
CA LEU D 682 10.47 10.50 19.43
C LEU D 682 9.23 11.24 18.94
N PHE D 683 9.21 11.55 17.64
CA PHE D 683 8.23 12.51 17.11
C PHE D 683 6.78 12.05 17.21
N PHE D 684 6.59 10.73 17.27
CA PHE D 684 5.27 10.12 17.20
C PHE D 684 4.60 9.89 18.58
N VAL D 685 5.22 10.32 19.68
CA VAL D 685 4.63 10.04 20.99
C VAL D 685 3.57 11.07 21.37
MG MG G . 2.88 5.60 -14.68
MG MG H . 6.47 4.37 -13.99
MG MG I . 22.22 3.14 -14.00
MG MG J . 2.05 12.78 22.40
MG MG K . 0.21 -5.47 15.26
MG MG L . -0.86 -1.68 16.88
#